data_7M6J
#
_entry.id   7M6J
#
_cell.length_a   1.00
_cell.length_b   1.00
_cell.length_c   1.00
_cell.angle_alpha   90.00
_cell.angle_beta   90.00
_cell.angle_gamma   90.00
#
_symmetry.space_group_name_H-M   'P 1'
#
loop_
_entity.id
_entity.type
_entity.pdbx_description
1 polymer Septin-2
2 polymer Septin-6
3 polymer Septin-7
4 non-polymer "GUANOSINE-5'-DIPHOSPHATE"
5 non-polymer "GUANOSINE-5'-TRIPHOSPHATE"
6 non-polymer 'MAGNESIUM ION'
#
loop_
_entity_poly.entity_id
_entity_poly.type
_entity_poly.pdbx_seq_one_letter_code
_entity_poly.pdbx_strand_id
1 'polypeptide(L)'
;MGFEFTLMVVGESGLGKSTLINSLFLTDLYPERVIPGAAEKIERTVQIEASTVEIEERGVKLRLTVVDTPGYGDAINCRD
CFKTIISYIDEQFERYLHDESGLNRRHIIDNRVHCCFYFISPFGHGLKPLDVAFMKAIHNKVNIVPVIAKADTLTLKERE
RLKKRILDEIEEHNIKIYHLPDAESDEDEDFKEQTRLLKASIPFSVVGSNQLIEAKGKKVRGRLYPWGVVEVENPEHNDF
LKLRTMLITHMQDLQEVTQDLHYENFRSERLKRGG
;
A,F
2 'polypeptide(L)'
;MAATDIARQVGEGCRTVPLAGHVGFDSLPDQLVNKSVSQGFCFNILCVGETGLGKSTLMDTLFNTKFEGEPATHTQPGVQ
LQSNTYDLQESNVRLKLTIVSTVGFGDQINKEDSYKPIVEFIDAQFEAYLQEELKIRRVLHTYHDSRIHVCLYFIAPTGH
SLKSLDLVTMKKLDSKVNIIPIIAKADAISKSELTKFKIKITSELVSNGVQIYQFPTDDESVAEINGTMNAHLPFAVIGS
TEELKIGNKMMRARQYPWGTVQVENEAHCDFVKLREMLIRVNMEDLREQTHTRHYELYRRCKLEEMGFKDTDPDSKPFSL
QETYEAKRNEFLGELQKKEEEMRQMFVQRVKEKEAELKEAEKELHEKFDRLKKLHQDEKKKLEDKKKSLDDEVNAFKQRK
TAAELLQSQGSQAGGSQTLKRDKEKKN
;
B,E
3 'polypeptide(L)'
;MGSSHHHHHHSQDPMVAQQKNLEGYVGFANLPNQVYRKSVKRGFEFTLMVVGESGLGKSTLINSLFLTDLYSPEYPGPSH
RIKKTVQVEQSKVLIKEGGVQLLLTIVDTPGFGDAVDNSNCWQPVIDYIDSKFEDYLNAESRVNRRQMPDNRVQCCLYFI
APSGHGLKPLDIEFMKRLHEKVNIIPLIAKADTLTPEECQQFKKQIMKEIQEHKIKIYEFPETDDEEENKLVKKIKDRLP
LAVVGSNTIIEVNGKRVRGRQYPWGVAEVENGEHCDFTILRNMLIRTHMQDLKDVTNNVHYENYRSRKLAAVTYNGVDNN
KNKGQLTKSPLAQMEEERREHVAKMKKMEMEMEQVFEMKVKEKVQKLKDSEAELQRRHEQMKKNLEAQHKELEEKRRQFE
DEKANWEAQQRILEQQNSSRTLEKNKKKGKIF
;
C,D
#
loop_
_chem_comp.id
_chem_comp.type
_chem_comp.name
_chem_comp.formula
GDP RNA linking GUANOSINE-5'-DIPHOSPHATE 'C10 H15 N5 O11 P2'
GTP non-polymer GUANOSINE-5'-TRIPHOSPHATE 'C10 H16 N5 O14 P3'
MG non-polymer 'MAGNESIUM ION' 'Mg 2'
#
# COMPACT_ATOMS: atom_id res chain seq x y z
N PHE A 5 19.29 96.05 -65.41
CA PHE A 5 20.21 95.43 -64.47
C PHE A 5 19.46 94.87 -63.26
N THR A 6 18.87 93.70 -63.43
CA THR A 6 18.19 93.00 -62.34
C THR A 6 18.57 91.53 -62.38
N LEU A 7 18.81 90.96 -61.20
CA LEU A 7 19.12 89.54 -61.06
C LEU A 7 18.65 89.08 -59.69
N MET A 8 18.56 87.76 -59.52
CA MET A 8 18.19 87.16 -58.25
C MET A 8 19.09 85.99 -57.92
N VAL A 9 19.25 85.73 -56.64
CA VAL A 9 19.87 84.51 -56.13
C VAL A 9 18.91 83.93 -55.09
N VAL A 10 18.01 83.07 -55.54
CA VAL A 10 16.95 82.53 -54.70
C VAL A 10 17.11 81.02 -54.59
N GLY A 11 17.08 80.51 -53.37
CA GLY A 11 17.26 79.09 -53.13
C GLY A 11 16.76 78.72 -51.76
N GLU A 12 16.87 77.42 -51.45
CA GLU A 12 16.32 76.86 -50.23
C GLU A 12 17.29 76.90 -49.07
N SER A 13 18.22 77.87 -49.06
CA SER A 13 19.12 78.10 -47.92
C SER A 13 19.98 76.86 -47.63
N GLY A 14 20.87 76.56 -48.57
CA GLY A 14 21.71 75.39 -48.45
C GLY A 14 22.01 74.75 -49.78
N LEU A 15 21.47 75.30 -50.85
CA LEU A 15 21.85 74.84 -52.18
C LEU A 15 23.29 75.19 -52.52
N GLY A 16 23.81 76.27 -51.95
CA GLY A 16 25.18 76.67 -52.18
C GLY A 16 25.32 78.00 -52.87
N LYS A 17 24.35 78.90 -52.63
CA LYS A 17 24.34 80.19 -53.32
C LYS A 17 25.52 81.06 -52.90
N SER A 18 25.85 81.06 -51.61
CA SER A 18 26.87 81.98 -51.11
C SER A 18 28.23 81.69 -51.75
N THR A 19 28.67 80.43 -51.71
CA THR A 19 29.96 80.09 -52.31
C THR A 19 29.91 80.25 -53.83
N LEU A 20 28.78 79.94 -54.44
CA LEU A 20 28.64 80.12 -55.88
C LEU A 20 28.89 81.56 -56.28
N ILE A 21 28.21 82.50 -55.62
CA ILE A 21 28.39 83.91 -55.95
C ILE A 21 29.81 84.36 -55.61
N ASN A 22 30.32 83.93 -54.45
CA ASN A 22 31.64 84.39 -54.01
C ASN A 22 32.72 83.94 -54.97
N SER A 23 32.61 82.74 -55.54
CA SER A 23 33.57 82.30 -56.53
C SER A 23 33.28 82.83 -57.92
N LEU A 24 32.01 83.17 -58.21
CA LEU A 24 31.69 83.75 -59.51
C LEU A 24 32.25 85.14 -59.66
N PHE A 25 32.21 85.93 -58.59
CA PHE A 25 32.63 87.33 -58.66
C PHE A 25 33.86 87.62 -57.81
N LEU A 26 34.46 86.59 -57.19
CA LEU A 26 35.66 86.75 -56.35
C LEU A 26 35.41 87.78 -55.24
N THR A 27 34.42 87.49 -54.40
CA THR A 27 33.98 88.39 -53.35
C THR A 27 33.95 87.68 -52.00
N ASP A 28 33.72 88.48 -50.96
CA ASP A 28 33.51 88.00 -49.60
C ASP A 28 32.32 88.74 -49.00
N LEU A 29 31.21 88.75 -49.74
CA LEU A 29 30.08 89.63 -49.46
C LEU A 29 29.60 89.58 -48.01
N TYR A 30 29.84 88.49 -47.29
CA TYR A 30 29.41 88.35 -45.89
C TYR A 30 30.60 87.97 -45.03
N PRO A 31 31.45 88.93 -44.68
CA PRO A 31 32.57 88.63 -43.76
C PRO A 31 32.09 88.15 -42.40
N GLU A 32 30.96 88.65 -41.91
CA GLU A 32 30.43 88.29 -40.59
C GLU A 32 28.96 87.90 -40.76
N ARG A 33 28.73 86.63 -41.05
CA ARG A 33 27.39 86.08 -41.17
C ARG A 33 27.33 84.78 -40.40
N VAL A 34 26.23 84.58 -39.68
CA VAL A 34 26.02 83.38 -38.87
C VAL A 34 24.73 82.71 -39.31
N ILE A 35 24.78 81.38 -39.43
CA ILE A 35 23.58 80.62 -39.78
C ILE A 35 22.56 80.77 -38.68
N PRO A 36 21.29 81.04 -38.99
CA PRO A 36 20.27 81.18 -37.94
C PRO A 36 20.17 79.91 -37.11
N GLY A 37 19.92 80.09 -35.81
CA GLY A 37 19.84 78.94 -34.92
C GLY A 37 18.73 77.99 -35.34
N ALA A 38 19.01 76.69 -35.18
CA ALA A 38 18.04 75.68 -35.58
C ALA A 38 16.76 75.80 -34.76
N ALA A 39 16.88 76.01 -33.45
CA ALA A 39 15.71 76.23 -32.61
C ALA A 39 15.07 77.59 -32.85
N GLU A 40 15.72 78.47 -33.61
CA GLU A 40 15.21 79.81 -33.86
C GLU A 40 14.59 79.98 -35.23
N LYS A 41 14.80 79.04 -36.16
CA LYS A 41 14.30 79.16 -37.52
C LYS A 41 12.93 78.50 -37.70
N ILE A 42 12.13 78.43 -36.64
CA ILE A 42 10.75 77.95 -36.79
C ILE A 42 9.97 78.88 -37.69
N GLU A 43 9.82 80.14 -37.26
CA GLU A 43 9.19 81.17 -38.08
C GLU A 43 10.28 81.98 -38.77
N ARG A 44 10.97 81.32 -39.69
CA ARG A 44 12.10 81.92 -40.39
C ARG A 44 11.60 83.05 -41.27
N THR A 45 11.80 84.28 -40.84
CA THR A 45 11.45 85.44 -41.64
C THR A 45 12.43 85.61 -42.79
N VAL A 46 11.97 86.30 -43.83
CA VAL A 46 12.78 86.57 -45.01
C VAL A 46 13.19 88.03 -44.99
N GLN A 47 14.49 88.28 -45.12
CA GLN A 47 15.04 89.61 -45.02
C GLN A 47 16.03 89.83 -46.17
N ILE A 48 16.20 91.09 -46.57
CA ILE A 48 17.08 91.46 -47.65
C ILE A 48 18.10 92.46 -47.13
N GLU A 49 19.36 92.30 -47.55
CA GLU A 49 20.44 93.20 -47.19
C GLU A 49 20.98 93.87 -48.46
N ALA A 50 22.06 94.61 -48.31
CA ALA A 50 22.68 95.32 -49.41
C ALA A 50 23.93 94.58 -49.89
N SER A 51 24.58 95.15 -50.89
CA SER A 51 25.80 94.58 -51.45
C SER A 51 26.66 95.69 -52.00
N THR A 52 27.95 95.41 -52.14
CA THR A 52 28.90 96.38 -52.70
C THR A 52 30.04 95.59 -53.34
N VAL A 53 29.96 95.42 -54.66
CA VAL A 53 30.96 94.65 -55.40
C VAL A 53 31.30 95.40 -56.69
N GLU A 54 32.59 95.56 -56.95
CA GLU A 54 33.07 96.10 -58.22
C GLU A 54 33.51 94.93 -59.10
N ILE A 55 33.04 94.92 -60.35
CA ILE A 55 33.28 93.81 -61.26
C ILE A 55 34.41 94.18 -62.21
N GLU A 56 35.37 93.26 -62.39
CA GLU A 56 36.49 93.43 -63.29
C GLU A 56 36.38 92.42 -64.40
N GLU A 57 36.23 92.90 -65.63
CA GLU A 57 36.11 92.04 -66.81
C GLU A 57 36.64 92.82 -68.00
N ARG A 58 36.33 92.35 -69.21
CA ARG A 58 36.65 93.12 -70.41
C ARG A 58 35.94 94.47 -70.39
N GLY A 59 34.68 94.49 -69.97
CA GLY A 59 33.94 95.71 -69.73
C GLY A 59 33.70 95.90 -68.24
N VAL A 60 33.87 97.14 -67.79
CA VAL A 60 33.76 97.49 -66.38
C VAL A 60 32.51 98.34 -66.18
N LYS A 61 31.60 97.85 -65.33
CA LYS A 61 30.43 98.62 -64.96
C LYS A 61 30.72 99.46 -63.73
N LEU A 62 29.78 100.35 -63.39
CA LEU A 62 29.96 101.22 -62.24
C LEU A 62 30.04 100.42 -60.95
N ARG A 63 29.08 99.54 -60.71
CA ARG A 63 29.05 98.70 -59.52
C ARG A 63 28.02 97.62 -59.73
N LEU A 64 28.13 96.56 -58.93
CA LEU A 64 27.21 95.43 -58.98
C LEU A 64 26.77 95.08 -57.57
N THR A 65 25.46 94.95 -57.38
CA THR A 65 24.88 94.53 -56.10
C THR A 65 23.90 93.41 -56.36
N VAL A 66 24.02 92.33 -55.60
CA VAL A 66 23.14 91.17 -55.72
C VAL A 66 22.09 91.24 -54.62
N VAL A 67 20.92 90.68 -54.90
CA VAL A 67 19.81 90.70 -53.94
C VAL A 67 19.98 89.47 -53.05
N ASP A 68 20.81 89.62 -52.03
CA ASP A 68 20.98 88.56 -51.04
C ASP A 68 19.70 88.35 -50.24
N THR A 69 19.29 87.10 -50.10
CA THR A 69 18.01 86.75 -49.47
C THR A 69 18.24 85.70 -48.39
N PRO A 70 18.71 86.10 -47.21
CA PRO A 70 18.74 85.17 -46.09
C PRO A 70 17.35 84.87 -45.57
N GLY A 71 17.14 83.60 -45.19
CA GLY A 71 15.90 83.21 -44.56
C GLY A 71 14.69 83.17 -45.47
N TYR A 72 14.89 83.06 -46.78
CA TYR A 72 13.75 82.96 -47.69
C TYR A 72 12.98 81.66 -47.45
N GLY A 73 13.68 80.56 -47.26
CA GLY A 73 13.08 79.26 -47.04
C GLY A 73 13.05 78.89 -45.58
N ASP A 74 13.20 77.60 -45.30
CA ASP A 74 13.22 77.07 -43.93
C ASP A 74 11.99 77.51 -43.16
N ALA A 75 10.85 77.51 -43.84
CA ALA A 75 9.60 77.99 -43.26
C ALA A 75 8.74 76.82 -42.82
N ILE A 76 8.20 76.91 -41.60
CA ILE A 76 7.18 75.96 -41.18
C ILE A 76 5.96 76.08 -42.08
N ASN A 77 5.67 77.30 -42.53
CA ASN A 77 4.56 77.55 -43.45
C ASN A 77 4.79 78.91 -44.07
N CYS A 78 4.96 78.96 -45.40
CA CYS A 78 5.12 80.25 -46.05
C CYS A 78 3.83 81.05 -46.02
N ARG A 79 3.70 81.91 -44.99
CA ARG A 79 2.57 82.83 -44.94
C ARG A 79 2.63 83.80 -46.11
N ASP A 80 3.64 84.67 -46.14
CA ASP A 80 3.93 85.47 -47.32
C ASP A 80 5.01 84.83 -48.19
N CYS A 81 6.23 84.68 -47.65
CA CYS A 81 7.29 83.88 -48.24
C CYS A 81 7.68 84.38 -49.62
N PHE A 82 7.07 85.47 -50.07
CA PHE A 82 7.30 85.99 -51.41
C PHE A 82 7.29 87.52 -51.45
N LYS A 83 7.20 88.18 -50.29
CA LYS A 83 6.87 89.60 -50.27
C LYS A 83 8.09 90.49 -50.49
N THR A 84 9.13 90.32 -49.68
CA THR A 84 10.23 91.27 -49.71
C THR A 84 11.00 91.22 -51.03
N ILE A 85 11.08 90.05 -51.67
CA ILE A 85 11.81 89.95 -52.93
C ILE A 85 11.11 90.74 -54.03
N ILE A 86 9.79 90.55 -54.16
CA ILE A 86 9.06 91.29 -55.18
C ILE A 86 9.03 92.78 -54.83
N SER A 87 8.97 93.12 -53.54
CA SER A 87 9.02 94.52 -53.14
C SER A 87 10.34 95.16 -53.56
N TYR A 88 11.46 94.47 -53.30
CA TYR A 88 12.76 95.05 -53.63
C TYR A 88 12.93 95.15 -55.15
N ILE A 89 12.50 94.16 -55.91
CA ILE A 89 12.66 94.25 -57.36
C ILE A 89 11.76 95.35 -57.92
N ASP A 90 10.56 95.52 -57.37
CA ASP A 90 9.68 96.59 -57.83
C ASP A 90 10.27 97.96 -57.52
N GLU A 91 10.87 98.10 -56.33
CA GLU A 91 11.52 99.37 -55.99
C GLU A 91 12.73 99.63 -56.88
N GLN A 92 13.52 98.58 -57.16
CA GLN A 92 14.66 98.74 -58.04
C GLN A 92 14.23 99.09 -59.47
N PHE A 93 13.05 98.64 -59.87
CA PHE A 93 12.52 98.98 -61.19
C PHE A 93 11.70 100.26 -61.18
N GLU A 94 11.49 100.86 -60.00
CA GLU A 94 10.79 102.12 -59.87
C GLU A 94 11.73 103.32 -59.77
N ARG A 95 12.98 103.10 -59.36
CA ARG A 95 13.93 104.20 -59.21
C ARG A 95 14.13 104.96 -60.51
N TYR A 96 13.92 104.31 -61.66
CA TYR A 96 14.06 104.99 -62.94
C TYR A 96 13.05 106.13 -63.08
N LEU A 97 11.81 105.89 -62.64
CA LEU A 97 10.78 106.92 -62.69
C LEU A 97 11.01 107.98 -61.61
N CYS A 116 18.22 86.97 -63.54
CA CYS A 116 17.34 86.27 -62.61
C CYS A 116 17.62 84.78 -62.59
N PHE A 117 18.22 84.31 -61.50
CA PHE A 117 18.54 82.91 -61.30
C PHE A 117 17.54 82.28 -60.34
N TYR A 118 16.95 81.17 -60.74
CA TYR A 118 16.14 80.34 -59.87
C TYR A 118 16.80 78.98 -59.75
N PHE A 119 17.02 78.51 -58.52
CA PHE A 119 17.82 77.33 -58.27
C PHE A 119 16.91 76.15 -57.96
N ILE A 120 17.03 75.09 -58.76
CA ILE A 120 16.24 73.88 -58.55
C ILE A 120 17.12 72.87 -57.83
N SER A 121 16.62 72.35 -56.71
CA SER A 121 17.37 71.38 -55.94
C SER A 121 17.41 70.04 -56.67
N PRO A 122 18.51 69.31 -56.59
CA PRO A 122 18.61 68.00 -57.25
C PRO A 122 18.07 66.83 -56.43
N PHE A 123 17.64 67.06 -55.19
CA PHE A 123 17.10 66.01 -54.34
C PHE A 123 15.61 65.80 -54.57
N GLY A 124 15.24 65.58 -55.83
CA GLY A 124 13.84 65.39 -56.17
C GLY A 124 13.68 64.82 -57.56
N HIS A 125 12.45 64.38 -57.85
CA HIS A 125 12.15 63.79 -59.15
C HIS A 125 12.16 64.82 -60.27
N GLY A 126 12.13 66.10 -59.96
CA GLY A 126 12.07 67.12 -60.98
C GLY A 126 11.74 68.48 -60.42
N LEU A 127 10.75 69.15 -61.03
CA LEU A 127 10.31 70.46 -60.58
C LEU A 127 9.40 70.27 -59.35
N LYS A 128 9.97 70.44 -58.17
CA LYS A 128 9.19 70.39 -56.94
C LYS A 128 8.20 71.54 -56.90
N PRO A 129 7.14 71.42 -56.10
CA PRO A 129 6.29 72.59 -55.87
C PRO A 129 7.09 73.77 -55.35
N LEU A 130 6.50 74.97 -55.42
CA LEU A 130 7.11 76.28 -55.28
C LEU A 130 7.86 76.69 -56.54
N ASP A 131 7.98 75.79 -57.53
CA ASP A 131 8.61 76.14 -58.79
C ASP A 131 7.59 76.71 -59.76
N VAL A 132 6.45 76.03 -59.91
CA VAL A 132 5.40 76.50 -60.81
C VAL A 132 4.85 77.84 -60.33
N ALA A 133 4.67 78.01 -59.02
CA ALA A 133 4.13 79.27 -58.50
C ALA A 133 5.09 80.41 -58.73
N PHE A 134 6.36 80.25 -58.34
CA PHE A 134 7.34 81.33 -58.45
C PHE A 134 7.59 81.69 -59.92
N MET A 135 7.79 80.67 -60.77
CA MET A 135 8.03 80.93 -62.18
C MET A 135 6.81 81.56 -62.85
N LYS A 136 5.62 81.06 -62.55
CA LYS A 136 4.41 81.65 -63.12
C LYS A 136 4.22 83.08 -62.62
N ALA A 137 4.70 83.39 -61.42
CA ALA A 137 4.56 84.74 -60.89
C ALA A 137 5.52 85.72 -61.54
N ILE A 138 6.79 85.34 -61.73
CA ILE A 138 7.82 86.30 -62.10
C ILE A 138 8.28 86.20 -63.54
N HIS A 139 7.88 85.17 -64.29
CA HIS A 139 8.38 85.05 -65.65
C HIS A 139 7.87 86.15 -66.57
N ASN A 140 6.79 86.83 -66.19
CA ASN A 140 6.32 87.99 -66.93
C ASN A 140 6.90 89.30 -66.41
N LYS A 141 7.67 89.25 -65.32
CA LYS A 141 8.28 90.44 -64.73
C LYS A 141 9.75 90.59 -65.12
N VAL A 142 10.53 89.52 -64.99
CA VAL A 142 11.92 89.50 -65.40
C VAL A 142 12.21 88.15 -66.03
N ASN A 143 12.96 88.15 -67.13
CA ASN A 143 13.37 86.90 -67.76
C ASN A 143 14.14 86.04 -66.77
N ILE A 144 13.79 84.76 -66.70
CA ILE A 144 14.27 83.87 -65.66
C ILE A 144 15.26 82.88 -66.25
N VAL A 145 16.32 82.60 -65.50
CA VAL A 145 17.35 81.65 -65.92
C VAL A 145 17.33 80.46 -64.97
N PRO A 146 16.73 79.33 -65.36
CA PRO A 146 16.74 78.16 -64.49
C PRO A 146 18.15 77.64 -64.30
N VAL A 147 18.43 77.19 -63.07
CA VAL A 147 19.75 76.69 -62.69
C VAL A 147 19.56 75.54 -61.71
N ILE A 148 20.23 74.43 -61.96
CA ILE A 148 20.19 73.29 -61.06
C ILE A 148 21.41 73.35 -60.15
N ALA A 149 21.18 73.57 -58.87
CA ALA A 149 22.26 73.68 -57.89
C ALA A 149 22.70 72.30 -57.42
N LYS A 150 23.90 72.26 -56.85
CA LYS A 150 24.49 71.02 -56.35
C LYS A 150 24.45 69.93 -57.42
N ALA A 151 24.96 70.27 -58.61
CA ALA A 151 24.90 69.38 -59.76
C ALA A 151 25.75 68.14 -59.60
N ASP A 152 26.62 68.09 -58.59
CA ASP A 152 27.55 66.97 -58.45
C ASP A 152 26.92 65.74 -57.79
N THR A 153 25.59 65.64 -57.80
CA THR A 153 24.91 64.47 -57.27
C THR A 153 23.88 63.90 -58.26
N LEU A 154 24.01 64.22 -59.54
CA LEU A 154 23.07 63.74 -60.55
C LEU A 154 23.82 63.00 -61.64
N THR A 155 23.44 61.76 -61.88
CA THR A 155 24.02 60.98 -62.96
C THR A 155 23.48 61.46 -64.31
N LEU A 156 24.26 61.22 -65.37
CA LEU A 156 23.93 61.78 -66.68
C LEU A 156 22.60 61.27 -67.19
N LYS A 157 22.31 59.98 -67.01
CA LYS A 157 21.00 59.46 -67.39
C LYS A 157 19.90 60.14 -66.59
N GLU A 158 20.08 60.24 -65.28
CA GLU A 158 19.12 60.97 -64.46
C GLU A 158 19.10 62.46 -64.80
N ARG A 159 20.26 63.02 -65.15
CA ARG A 159 20.30 64.41 -65.57
C ARG A 159 19.40 64.64 -66.78
N GLU A 160 19.54 63.81 -67.81
CA GLU A 160 18.72 63.95 -69.01
C GLU A 160 17.25 63.69 -68.70
N ARG A 161 16.97 62.69 -67.86
CA ARG A 161 15.59 62.40 -67.50
C ARG A 161 14.92 63.58 -66.82
N LEU A 162 15.58 64.15 -65.81
CA LEU A 162 15.03 65.29 -65.12
C LEU A 162 14.95 66.52 -66.02
N LYS A 163 15.91 66.69 -66.93
CA LYS A 163 15.86 67.82 -67.85
C LYS A 163 14.65 67.71 -68.78
N LYS A 164 14.41 66.52 -69.32
CA LYS A 164 13.23 66.32 -70.15
C LYS A 164 11.95 66.54 -69.34
N ARG A 165 11.94 66.05 -68.09
CA ARG A 165 10.76 66.22 -67.25
C ARG A 165 10.47 67.69 -66.98
N ILE A 166 11.50 68.47 -66.65
CA ILE A 166 11.28 69.88 -66.36
C ILE A 166 10.90 70.65 -67.62
N LEU A 167 11.46 70.26 -68.77
CA LEU A 167 11.05 70.88 -70.02
C LEU A 167 9.57 70.61 -70.31
N ASP A 168 9.14 69.37 -70.08
CA ASP A 168 7.72 69.05 -70.25
C ASP A 168 6.85 69.83 -69.27
N GLU A 169 7.29 69.94 -68.02
CA GLU A 169 6.50 70.63 -67.01
C GLU A 169 6.36 72.11 -67.34
N ILE A 170 7.45 72.77 -67.75
CA ILE A 170 7.35 74.17 -68.12
C ILE A 170 6.55 74.33 -69.41
N GLU A 171 6.60 73.35 -70.31
CA GLU A 171 5.79 73.41 -71.51
C GLU A 171 4.32 73.17 -71.20
N GLU A 172 4.03 72.24 -70.28
CA GLU A 172 2.64 71.83 -70.06
C GLU A 172 1.79 72.99 -69.53
N HIS A 173 2.33 73.76 -68.59
CA HIS A 173 1.58 74.86 -67.98
C HIS A 173 1.96 76.22 -68.57
N ASN A 174 2.48 76.25 -69.80
CA ASN A 174 2.75 77.48 -70.53
C ASN A 174 3.72 78.38 -69.75
N ILE A 175 4.93 77.87 -69.56
CA ILE A 175 6.00 78.62 -68.90
C ILE A 175 7.06 78.95 -69.93
N LYS A 176 7.31 80.25 -70.14
CA LYS A 176 8.39 80.72 -70.98
C LYS A 176 9.53 81.19 -70.08
N ILE A 177 10.74 80.74 -70.37
CA ILE A 177 11.88 81.03 -69.51
C ILE A 177 12.91 81.90 -70.22
N TYR A 178 13.49 81.41 -71.32
CA TYR A 178 14.51 82.12 -72.07
C TYR A 178 14.89 81.30 -73.29
N HIS A 179 15.53 81.94 -74.24
CA HIS A 179 16.00 81.26 -75.45
C HIS A 179 17.35 81.83 -75.90
N PHE A 191 31.60 80.64 -83.72
CA PHE A 191 30.48 81.42 -84.23
C PHE A 191 29.21 81.10 -83.45
N LYS A 192 28.26 80.43 -84.10
CA LYS A 192 26.98 80.10 -83.50
C LYS A 192 26.95 78.70 -82.89
N GLU A 193 28.07 77.96 -82.93
CA GLU A 193 28.11 76.66 -82.28
C GLU A 193 27.87 76.78 -80.78
N GLN A 194 28.51 77.78 -80.15
CA GLN A 194 28.24 78.04 -78.75
C GLN A 194 26.79 78.46 -78.52
N THR A 195 26.20 79.18 -79.46
CA THR A 195 24.79 79.55 -79.33
C THR A 195 23.90 78.32 -79.35
N ARG A 196 24.16 77.39 -80.26
CA ARG A 196 23.38 76.15 -80.31
C ARG A 196 23.58 75.32 -79.05
N LEU A 197 24.82 75.26 -78.55
CA LEU A 197 25.08 74.52 -77.32
C LEU A 197 24.32 75.14 -76.14
N LEU A 198 24.32 76.47 -76.05
CA LEU A 198 23.58 77.14 -74.98
C LEU A 198 22.08 76.90 -75.10
N LYS A 199 21.56 76.94 -76.32
CA LYS A 199 20.12 76.76 -76.53
C LYS A 199 19.70 75.29 -76.46
N ALA A 200 20.64 74.36 -76.43
CA ALA A 200 20.30 72.95 -76.30
C ALA A 200 20.30 72.47 -74.85
N SER A 201 20.93 73.20 -73.94
CA SER A 201 20.96 72.86 -72.51
C SER A 201 20.61 74.14 -71.74
N ILE A 202 19.32 74.38 -71.54
CA ILE A 202 18.87 75.58 -70.85
C ILE A 202 19.08 75.45 -69.34
N PRO A 203 18.65 74.36 -68.66
CA PRO A 203 18.89 74.28 -67.22
C PRO A 203 20.34 73.95 -66.90
N PHE A 204 21.18 74.98 -66.84
CA PHE A 204 22.61 74.78 -66.58
C PHE A 204 22.82 74.08 -65.26
N SER A 205 23.79 73.17 -65.24
CA SER A 205 24.22 72.50 -64.02
C SER A 205 25.46 73.21 -63.49
N VAL A 206 25.45 73.58 -62.21
CA VAL A 206 26.49 74.41 -61.64
C VAL A 206 26.91 73.85 -60.28
N VAL A 207 28.11 74.26 -59.84
CA VAL A 207 28.57 74.06 -58.47
C VAL A 207 29.28 75.34 -58.04
N GLY A 208 29.55 75.44 -56.74
CA GLY A 208 30.26 76.58 -56.20
C GLY A 208 31.40 76.16 -55.30
N SER A 209 32.53 76.86 -55.38
CA SER A 209 33.76 76.40 -54.72
C SER A 209 34.53 77.63 -54.24
N ASN A 210 34.44 77.93 -52.94
CA ASN A 210 35.13 79.09 -52.41
C ASN A 210 36.64 78.91 -52.40
N GLN A 211 37.11 77.75 -51.98
CA GLN A 211 38.53 77.48 -51.84
C GLN A 211 39.03 76.62 -52.98
N LEU A 212 40.18 77.00 -53.53
CA LEU A 212 40.78 76.27 -54.64
C LEU A 212 41.40 74.98 -54.12
N ILE A 213 41.06 73.85 -54.77
CA ILE A 213 41.59 72.55 -54.41
C ILE A 213 42.15 71.90 -55.66
N GLU A 214 43.09 70.97 -55.46
CA GLU A 214 43.87 70.38 -56.54
C GLU A 214 43.33 69.02 -56.95
N ALA A 215 43.41 68.71 -58.24
CA ALA A 215 43.01 67.41 -58.75
C ALA A 215 43.69 67.18 -60.09
N LYS A 216 44.49 66.11 -60.18
CA LYS A 216 45.12 65.62 -61.41
C LYS A 216 45.81 66.74 -62.20
N GLY A 217 46.32 67.75 -61.49
CA GLY A 217 47.01 68.85 -62.13
C GLY A 217 46.14 70.03 -62.50
N LYS A 218 44.82 69.91 -62.36
CA LYS A 218 43.89 71.01 -62.58
C LYS A 218 43.38 71.47 -61.21
N LYS A 219 43.90 72.60 -60.74
CA LYS A 219 43.57 73.12 -59.41
C LYS A 219 43.01 74.53 -59.58
N VAL A 220 41.71 74.61 -59.86
CA VAL A 220 41.00 75.89 -59.93
C VAL A 220 39.64 75.74 -59.27
N ARG A 221 39.52 76.22 -58.03
CA ARG A 221 38.23 76.30 -57.33
C ARG A 221 37.54 74.93 -57.31
N GLY A 222 38.17 74.00 -56.58
CA GLY A 222 37.64 72.67 -56.44
C GLY A 222 36.95 72.45 -55.10
N ARG A 223 36.19 71.36 -55.02
CA ARG A 223 35.56 70.92 -53.78
C ARG A 223 36.06 69.51 -53.45
N LEU A 224 36.38 69.29 -52.18
CA LEU A 224 36.94 68.02 -51.74
C LEU A 224 35.84 67.06 -51.33
N TYR A 225 35.95 65.82 -51.79
CA TYR A 225 35.08 64.70 -51.47
C TYR A 225 35.97 63.52 -51.10
N PRO A 226 35.42 62.53 -50.39
CA PRO A 226 36.24 61.36 -50.03
C PRO A 226 36.77 60.61 -51.23
N TRP A 227 36.21 60.81 -52.42
CA TRP A 227 36.72 60.17 -53.62
C TRP A 227 37.52 61.13 -54.50
N GLY A 228 38.03 62.21 -53.93
CA GLY A 228 38.87 63.12 -54.69
C GLY A 228 38.42 64.57 -54.67
N VAL A 229 38.43 65.22 -55.83
CA VAL A 229 38.05 66.62 -55.93
C VAL A 229 37.18 66.81 -57.17
N VAL A 230 36.10 67.56 -57.02
CA VAL A 230 35.29 67.98 -58.15
C VAL A 230 35.75 69.37 -58.60
N GLU A 231 35.92 69.53 -59.91
CA GLU A 231 36.46 70.76 -60.50
C GLU A 231 35.33 71.54 -61.14
N VAL A 232 35.24 72.83 -60.79
CA VAL A 232 34.10 73.65 -61.19
C VAL A 232 34.12 73.95 -62.68
N GLU A 233 35.30 74.14 -63.27
CA GLU A 233 35.42 74.66 -64.62
C GLU A 233 35.51 73.58 -65.69
N ASN A 234 35.40 72.30 -65.33
CA ASN A 234 35.37 71.26 -66.35
C ASN A 234 34.06 71.36 -67.14
N PRO A 235 34.11 71.48 -68.47
CA PRO A 235 32.87 71.58 -69.24
C PRO A 235 31.99 70.34 -69.17
N GLU A 236 32.53 69.18 -68.78
CA GLU A 236 31.74 67.95 -68.77
C GLU A 236 31.08 67.69 -67.43
N HIS A 237 31.75 68.03 -66.31
CA HIS A 237 31.11 67.88 -65.00
C HIS A 237 29.87 68.74 -64.91
N ASN A 238 29.94 69.98 -65.42
CA ASN A 238 28.87 70.94 -65.30
C ASN A 238 29.06 72.01 -66.36
N ASP A 239 28.23 73.06 -66.29
CA ASP A 239 28.26 74.14 -67.25
C ASP A 239 28.37 75.48 -66.54
N PHE A 240 29.29 75.56 -65.57
CA PHE A 240 29.47 76.79 -64.80
C PHE A 240 30.03 77.90 -65.68
N LEU A 241 31.10 77.62 -66.41
CA LEU A 241 31.69 78.64 -67.27
C LEU A 241 30.74 79.05 -68.40
N LYS A 242 29.90 78.13 -68.86
CA LYS A 242 28.88 78.52 -69.84
C LYS A 242 27.91 79.53 -69.23
N LEU A 243 27.50 79.31 -67.98
CA LEU A 243 26.64 80.28 -67.30
C LEU A 243 27.35 81.62 -67.14
N ARG A 244 28.63 81.59 -66.77
CA ARG A 244 29.38 82.84 -66.61
C ARG A 244 29.48 83.60 -67.91
N THR A 245 29.75 82.89 -69.02
CA THR A 245 29.84 83.54 -70.31
C THR A 245 28.49 84.10 -70.76
N MET A 246 27.42 83.35 -70.53
CA MET A 246 26.09 83.83 -70.90
C MET A 246 25.74 85.09 -70.13
N LEU A 247 26.04 85.11 -68.83
CA LEU A 247 25.71 86.27 -68.01
C LEU A 247 26.59 87.46 -68.37
N ILE A 248 27.89 87.23 -68.57
CA ILE A 248 28.83 88.34 -68.78
C ILE A 248 28.74 88.91 -70.19
N THR A 249 28.16 88.18 -71.14
CA THR A 249 28.05 88.66 -72.51
C THR A 249 26.66 89.18 -72.86
N HIS A 250 25.62 88.73 -72.17
CA HIS A 250 24.26 89.16 -72.43
C HIS A 250 23.75 90.12 -71.37
N MET A 251 24.66 90.79 -70.64
CA MET A 251 24.23 91.81 -69.69
C MET A 251 23.52 92.96 -70.41
N GLN A 252 24.00 93.34 -71.59
CA GLN A 252 23.29 94.31 -72.40
C GLN A 252 21.92 93.78 -72.81
N ASP A 253 21.85 92.49 -73.14
CA ASP A 253 20.57 91.90 -73.51
C ASP A 253 19.57 91.96 -72.35
N LEU A 254 20.04 91.62 -71.14
CA LEU A 254 19.17 91.70 -69.97
C LEU A 254 18.74 93.14 -69.71
N GLN A 255 19.67 94.08 -69.82
CA GLN A 255 19.34 95.49 -69.59
C GLN A 255 18.29 95.96 -70.59
N GLU A 256 18.44 95.60 -71.87
CA GLU A 256 17.51 96.09 -72.86
C GLU A 256 16.14 95.42 -72.74
N VAL A 257 16.10 94.12 -72.44
CA VAL A 257 14.79 93.47 -72.29
C VAL A 257 14.08 94.00 -71.05
N THR A 258 14.84 94.34 -69.99
CA THR A 258 14.21 94.92 -68.81
C THR A 258 13.78 96.35 -69.04
N GLN A 259 14.48 97.08 -69.92
CA GLN A 259 14.15 98.48 -70.15
C GLN A 259 13.14 98.68 -71.29
N ASP A 260 12.82 97.64 -72.06
CA ASP A 260 11.88 97.81 -73.15
C ASP A 260 10.63 96.93 -73.04
N LEU A 261 10.77 95.69 -72.61
CA LEU A 261 9.64 94.76 -72.55
C LEU A 261 8.93 94.84 -71.21
N HIS A 262 9.64 94.55 -70.12
CA HIS A 262 9.02 94.60 -68.81
C HIS A 262 8.66 96.01 -68.39
N TYR A 263 9.35 97.02 -68.94
CA TYR A 263 9.02 98.40 -68.60
C TYR A 263 7.67 98.80 -69.17
N GLU A 264 7.34 98.32 -70.37
CA GLU A 264 6.03 98.59 -70.94
C GLU A 264 4.93 97.95 -70.10
N ASN A 265 5.14 96.70 -69.66
CA ASN A 265 4.16 96.04 -68.81
C ASN A 265 4.08 96.67 -67.43
N PHE A 266 5.15 97.34 -66.99
CA PHE A 266 5.10 98.05 -65.71
C PHE A 266 4.06 99.15 -65.72
N ARG A 267 3.96 99.89 -66.82
CA ARG A 267 2.98 100.96 -66.94
C ARG A 267 2.60 101.19 -68.41
N VAL B 23 22.14 20.05 -12.54
CA VAL B 23 21.27 19.19 -13.32
C VAL B 23 21.99 18.73 -14.57
N GLY B 24 22.87 19.59 -15.09
CA GLY B 24 23.57 19.31 -16.32
C GLY B 24 22.80 19.63 -17.58
N PHE B 25 21.60 20.20 -17.46
CA PHE B 25 20.77 20.54 -18.62
C PHE B 25 20.56 22.06 -18.63
N ASP B 26 21.49 22.76 -19.26
CA ASP B 26 21.42 24.19 -19.48
C ASP B 26 20.75 24.53 -20.80
N SER B 27 20.04 23.58 -21.40
CA SER B 27 19.51 23.73 -22.76
C SER B 27 18.17 24.44 -22.78
N LEU B 28 17.80 25.09 -21.68
CA LEU B 28 16.57 25.85 -21.61
C LEU B 28 16.55 27.02 -22.60
N PRO B 29 17.61 27.83 -22.70
CA PRO B 29 17.57 28.91 -23.71
C PRO B 29 17.39 28.41 -25.13
N ASP B 30 17.82 27.18 -25.43
CA ASP B 30 17.69 26.67 -26.79
C ASP B 30 16.29 26.13 -27.05
N GLN B 31 15.53 25.87 -25.99
CA GLN B 31 14.24 25.21 -26.13
C GLN B 31 13.18 26.12 -26.77
N LEU B 32 13.33 27.43 -26.63
CA LEU B 32 12.40 28.35 -27.26
C LEU B 32 12.89 28.93 -28.58
N VAL B 33 14.20 28.90 -28.82
CA VAL B 33 14.71 29.33 -30.13
C VAL B 33 14.22 28.39 -31.21
N ASN B 34 14.20 27.09 -30.93
CA ASN B 34 13.84 26.08 -31.92
C ASN B 34 12.35 26.06 -32.24
N LYS B 35 11.52 26.73 -31.43
CA LYS B 35 10.08 26.72 -31.68
C LYS B 35 9.58 28.01 -32.32
N SER B 36 10.30 29.13 -32.16
CA SER B 36 9.90 30.36 -32.82
C SER B 36 10.10 30.28 -34.31
N VAL B 37 11.20 29.67 -34.76
CA VAL B 37 11.45 29.52 -36.19
C VAL B 37 10.34 28.72 -36.86
N SER B 38 9.70 27.81 -36.12
CA SER B 38 8.53 27.12 -36.64
C SER B 38 7.39 28.09 -36.88
N GLN B 39 7.18 29.02 -35.95
CA GLN B 39 6.15 30.03 -36.14
C GLN B 39 6.52 31.00 -37.26
N GLY B 40 7.81 31.25 -37.45
CA GLY B 40 8.25 32.28 -38.35
C GLY B 40 8.33 33.63 -37.67
N PHE B 41 9.07 34.54 -38.29
CA PHE B 41 9.29 35.87 -37.74
C PHE B 41 8.46 36.89 -38.50
N CYS B 42 8.25 38.03 -37.86
CA CYS B 42 7.56 39.17 -38.47
C CYS B 42 8.27 40.44 -38.04
N PHE B 43 8.52 41.33 -39.00
CA PHE B 43 9.19 42.59 -38.72
C PHE B 43 8.49 43.70 -39.49
N ASN B 44 8.82 44.94 -39.15
CA ASN B 44 8.26 46.10 -39.82
C ASN B 44 9.32 47.20 -39.86
N ILE B 45 9.16 48.12 -40.81
CA ILE B 45 10.14 49.19 -41.00
C ILE B 45 9.39 50.42 -41.52
N LEU B 46 9.60 51.56 -40.86
CA LEU B 46 9.06 52.84 -41.28
C LEU B 46 10.21 53.72 -41.75
N CYS B 47 10.16 54.13 -43.02
CA CYS B 47 11.12 55.08 -43.56
C CYS B 47 10.42 56.41 -43.81
N VAL B 48 10.91 57.47 -43.19
CA VAL B 48 10.28 58.78 -43.22
C VAL B 48 11.21 59.75 -43.91
N GLY B 49 10.70 60.44 -44.93
CA GLY B 49 11.48 61.42 -45.65
C GLY B 49 10.75 61.94 -46.86
N GLU B 50 10.98 63.19 -47.21
CA GLU B 50 10.26 63.80 -48.33
C GLU B 50 10.66 63.15 -49.64
N THR B 51 9.74 63.20 -50.61
CA THR B 51 9.92 62.52 -51.88
C THR B 51 11.21 62.98 -52.56
N GLY B 52 11.99 62.01 -53.05
CA GLY B 52 13.19 62.29 -53.80
C GLY B 52 14.48 61.88 -53.12
N LEU B 53 14.45 61.60 -51.82
CA LEU B 53 15.69 61.27 -51.10
C LEU B 53 16.21 59.88 -51.41
N GLY B 54 15.44 59.05 -52.12
CA GLY B 54 15.90 57.70 -52.41
C GLY B 54 15.53 56.72 -51.32
N LYS B 55 14.24 56.65 -51.01
CA LYS B 55 13.75 55.73 -49.99
C LYS B 55 13.62 54.32 -50.53
N SER B 56 12.86 54.17 -51.63
CA SER B 56 12.69 52.85 -52.22
C SER B 56 14.01 52.27 -52.68
N THR B 57 14.85 53.10 -53.30
CA THR B 57 16.16 52.62 -53.76
C THR B 57 17.02 52.16 -52.59
N LEU B 58 17.09 52.98 -51.53
CA LEU B 58 17.92 52.60 -50.38
C LEU B 58 17.41 51.32 -49.75
N MET B 59 16.09 51.17 -49.64
CA MET B 59 15.55 50.00 -48.98
C MET B 59 15.71 48.74 -49.84
N ASP B 60 15.56 48.87 -51.16
CA ASP B 60 15.81 47.75 -52.06
C ASP B 60 17.27 47.33 -51.99
N THR B 61 18.19 48.29 -51.86
CA THR B 61 19.59 47.93 -51.65
C THR B 61 19.82 47.31 -50.29
N LEU B 62 19.08 47.77 -49.28
CA LEU B 62 19.24 47.24 -47.93
C LEU B 62 18.83 45.77 -47.87
N PHE B 63 17.75 45.40 -48.56
CA PHE B 63 17.34 44.01 -48.64
C PHE B 63 17.88 43.32 -49.88
N ASN B 64 18.71 44.02 -50.67
CA ASN B 64 19.35 43.46 -51.86
C ASN B 64 18.35 42.72 -52.74
N THR B 65 17.20 43.35 -52.95
CA THR B 65 16.13 42.74 -53.70
C THR B 65 15.35 43.84 -54.40
N LYS B 66 14.71 43.51 -55.51
CA LYS B 66 13.87 44.45 -56.24
C LYS B 66 12.43 44.33 -55.76
N PHE B 67 11.86 45.44 -55.33
CA PHE B 67 10.50 45.48 -54.80
C PHE B 67 9.59 46.28 -55.75
N GLU B 68 8.34 46.43 -55.33
CA GLU B 68 7.26 46.90 -56.16
C GLU B 68 7.05 48.41 -56.10
N GLY B 69 7.93 49.15 -55.44
CA GLY B 69 7.72 50.57 -55.28
C GLY B 69 8.23 51.40 -56.45
N GLU B 70 7.31 51.82 -57.33
CA GLU B 70 7.67 52.71 -58.42
C GLU B 70 7.79 54.14 -57.92
N PRO B 71 8.57 54.98 -58.61
CA PRO B 71 8.67 56.39 -58.21
C PRO B 71 7.31 57.08 -58.20
N ALA B 72 7.12 57.96 -57.21
CA ALA B 72 5.86 58.67 -57.02
C ALA B 72 5.90 60.00 -57.76
N THR B 73 4.90 60.85 -57.49
CA THR B 73 4.76 62.14 -58.15
C THR B 73 4.78 63.26 -57.10
N HIS B 74 5.35 64.41 -57.47
CA HIS B 74 5.31 65.57 -56.60
C HIS B 74 3.92 66.18 -56.48
N THR B 75 2.95 65.75 -57.28
CA THR B 75 1.60 66.30 -57.25
C THR B 75 0.66 65.50 -56.36
N GLN B 76 1.17 64.92 -55.28
CA GLN B 76 0.33 64.19 -54.34
C GLN B 76 -0.22 65.15 -53.30
N PRO B 77 -1.53 65.39 -53.29
CA PRO B 77 -2.08 66.35 -52.32
C PRO B 77 -1.89 65.94 -50.86
N GLY B 78 -1.95 64.65 -50.58
CA GLY B 78 -1.89 64.18 -49.20
C GLY B 78 -0.95 63.01 -49.01
N VAL B 79 -0.23 63.01 -47.88
CA VAL B 79 0.69 61.93 -47.59
C VAL B 79 -0.06 60.61 -47.47
N GLN B 80 0.47 59.58 -48.11
CA GLN B 80 -0.13 58.25 -48.06
C GLN B 80 0.95 57.25 -47.64
N LEU B 81 0.50 56.09 -47.18
CA LEU B 81 1.38 55.08 -46.61
C LEU B 81 1.33 53.84 -47.50
N GLN B 82 2.50 53.42 -48.00
CA GLN B 82 2.53 52.31 -48.94
C GLN B 82 2.14 51.00 -48.27
N SER B 83 2.76 50.69 -47.13
CA SER B 83 2.42 49.50 -46.35
C SER B 83 2.46 48.23 -47.19
N ASN B 84 3.48 48.11 -48.03
CA ASN B 84 3.61 46.94 -48.89
C ASN B 84 4.31 45.82 -48.14
N THR B 85 3.66 44.65 -48.08
CA THR B 85 4.17 43.51 -47.34
C THR B 85 4.83 42.52 -48.28
N TYR B 86 5.72 41.70 -47.74
CA TYR B 86 6.44 40.70 -48.52
C TYR B 86 6.69 39.48 -47.63
N ASP B 87 7.48 38.55 -48.14
CA ASP B 87 7.87 37.35 -47.38
C ASP B 87 9.19 36.84 -47.94
N LEU B 88 10.25 36.96 -47.16
CA LEU B 88 11.58 36.58 -47.55
C LEU B 88 11.93 35.22 -46.95
N GLN B 89 13.18 34.81 -47.09
CA GLN B 89 13.61 33.50 -46.61
C GLN B 89 15.13 33.52 -46.41
N GLU B 90 15.59 32.60 -45.57
CA GLU B 90 16.99 32.43 -45.24
C GLU B 90 17.23 30.95 -44.99
N SER B 91 18.31 30.62 -44.30
CA SER B 91 18.64 29.21 -44.05
C SER B 91 17.50 28.50 -43.33
N ASN B 92 16.92 29.12 -42.30
CA ASN B 92 15.85 28.49 -41.56
C ASN B 92 14.64 29.41 -41.37
N VAL B 93 14.88 30.72 -41.31
CA VAL B 93 13.85 31.65 -40.91
C VAL B 93 12.98 32.01 -42.11
N ARG B 94 11.69 32.20 -41.86
CA ARG B 94 10.73 32.63 -42.88
C ARG B 94 10.12 33.94 -42.40
N LEU B 95 10.81 35.04 -42.69
CA LEU B 95 10.39 36.35 -42.24
C LEU B 95 9.24 36.86 -43.10
N LYS B 96 8.29 37.53 -42.46
CA LYS B 96 7.14 38.13 -43.14
C LYS B 96 7.28 39.64 -42.99
N LEU B 97 8.02 40.24 -43.91
CA LEU B 97 8.28 41.66 -43.87
C LEU B 97 7.00 42.46 -44.12
N THR B 98 7.00 43.69 -43.64
CA THR B 98 5.89 44.61 -43.90
C THR B 98 6.50 46.00 -44.00
N ILE B 99 6.80 46.42 -45.22
CA ILE B 99 7.47 47.67 -45.48
C ILE B 99 6.43 48.77 -45.66
N VAL B 100 6.59 49.85 -44.90
CA VAL B 100 5.71 51.00 -45.01
C VAL B 100 6.57 52.24 -45.27
N SER B 101 6.20 53.01 -46.29
CA SER B 101 6.96 54.19 -46.67
C SER B 101 6.01 55.32 -47.01
N THR B 102 6.37 56.53 -46.60
CA THR B 102 5.57 57.71 -46.91
C THR B 102 5.75 58.09 -48.38
N VAL B 103 4.67 58.58 -48.98
CA VAL B 103 4.70 59.09 -50.34
C VAL B 103 4.04 60.47 -50.34
N GLY B 104 4.66 61.42 -51.04
CA GLY B 104 4.16 62.78 -51.07
C GLY B 104 4.26 63.48 -49.73
N PHE B 105 5.34 63.29 -49.00
CA PHE B 105 5.54 63.90 -47.69
C PHE B 105 6.47 65.10 -47.82
N GLY B 106 6.17 66.15 -47.07
CA GLY B 106 7.04 67.30 -47.00
C GLY B 106 7.38 67.93 -48.34
N ASP B 107 6.44 67.91 -49.29
CA ASP B 107 6.69 68.45 -50.62
C ASP B 107 5.75 69.60 -50.97
N GLN B 108 5.01 70.13 -50.00
CA GLN B 108 4.10 71.26 -50.22
C GLN B 108 4.36 72.29 -49.12
N ILE B 109 3.59 73.37 -49.14
CA ILE B 109 3.70 74.41 -48.09
C ILE B 109 2.77 73.96 -46.97
N ASN B 110 3.24 73.00 -46.19
CA ASN B 110 2.59 72.53 -44.97
C ASN B 110 3.54 71.69 -44.12
N LYS B 111 3.87 72.15 -42.93
CA LYS B 111 4.85 71.40 -42.18
C LYS B 111 4.40 71.03 -40.77
N GLU B 112 3.69 71.92 -40.08
CA GLU B 112 3.19 71.59 -38.77
C GLU B 112 2.07 70.54 -38.81
N ASP B 113 1.53 70.26 -39.99
CA ASP B 113 0.53 69.22 -40.19
C ASP B 113 1.05 68.14 -41.12
N SER B 114 2.32 67.77 -40.95
CA SER B 114 2.93 66.74 -41.78
C SER B 114 3.06 65.41 -41.03
N TYR B 115 3.37 65.46 -39.74
CA TYR B 115 3.59 64.24 -38.97
C TYR B 115 2.30 63.52 -38.59
N LYS B 116 1.14 64.12 -38.85
CA LYS B 116 -0.12 63.48 -38.45
C LYS B 116 -0.36 62.16 -39.14
N PRO B 117 -0.28 62.04 -40.48
CA PRO B 117 -0.52 60.74 -41.11
C PRO B 117 0.61 59.73 -40.93
N ILE B 118 1.67 60.08 -40.20
CA ILE B 118 2.74 59.15 -39.87
C ILE B 118 2.90 59.00 -38.36
N VAL B 119 1.96 59.55 -37.59
CA VAL B 119 1.79 59.22 -36.19
C VAL B 119 0.49 58.46 -35.95
N GLU B 120 -0.56 58.82 -36.68
CA GLU B 120 -1.78 58.02 -36.64
C GLU B 120 -1.53 56.61 -37.13
N PHE B 121 -0.53 56.42 -38.01
CA PHE B 121 -0.23 55.07 -38.47
C PHE B 121 0.26 54.20 -37.33
N ILE B 122 1.26 54.68 -36.59
CA ILE B 122 1.78 53.91 -35.47
C ILE B 122 0.71 53.73 -34.40
N ASP B 123 -0.13 54.75 -34.19
CA ASP B 123 -1.23 54.59 -33.24
C ASP B 123 -2.18 53.47 -33.66
N ALA B 124 -2.61 53.48 -34.92
CA ALA B 124 -3.50 52.43 -35.42
C ALA B 124 -2.84 51.06 -35.49
N GLN B 125 -1.52 51.01 -35.56
CA GLN B 125 -0.81 49.73 -35.50
C GLN B 125 -0.71 49.21 -34.07
N PHE B 126 -0.61 50.12 -33.10
CA PHE B 126 -0.80 49.71 -31.71
C PHE B 126 -2.21 49.19 -31.48
N GLU B 127 -3.20 49.82 -32.11
CA GLU B 127 -4.60 49.63 -31.73
C GLU B 127 -5.07 48.19 -31.95
N ALA B 128 -4.74 47.59 -33.10
CA ALA B 128 -5.25 46.27 -33.39
C ALA B 128 -4.69 45.23 -32.42
N TYR B 129 -3.38 45.26 -32.20
CA TYR B 129 -2.75 44.37 -31.25
C TYR B 129 -3.33 44.59 -29.86
N LEU B 130 -3.59 45.83 -29.48
CA LEU B 130 -4.18 46.11 -28.18
C LEU B 130 -5.57 45.49 -28.05
N GLN B 131 -6.45 45.78 -29.02
CA GLN B 131 -7.82 45.31 -28.91
C GLN B 131 -7.93 43.81 -29.14
N GLU B 132 -6.87 43.15 -29.62
CA GLU B 132 -6.85 41.70 -29.58
C GLU B 132 -6.23 41.16 -28.31
N GLU B 133 -5.42 41.96 -27.62
CA GLU B 133 -4.84 41.52 -26.36
C GLU B 133 -5.88 41.41 -25.25
N LEU B 134 -6.96 42.19 -25.34
CA LEU B 134 -7.99 42.21 -24.30
C LEU B 134 -9.20 41.36 -24.66
N LYS B 135 -9.16 40.66 -25.78
CA LYS B 135 -10.29 39.83 -26.19
C LYS B 135 -10.36 38.56 -25.33
N ILE B 136 -11.57 38.02 -25.22
CA ILE B 136 -11.81 36.89 -24.31
C ILE B 136 -11.18 35.61 -24.86
N ARG B 137 -11.57 35.20 -26.06
CA ARG B 137 -11.03 34.00 -26.70
C ARG B 137 -9.86 34.37 -27.61
N ARG B 138 -8.89 35.03 -27.02
CA ARG B 138 -7.76 35.59 -27.74
C ARG B 138 -6.71 34.52 -28.01
N VAL B 139 -5.97 34.70 -29.10
CA VAL B 139 -4.88 33.83 -29.49
C VAL B 139 -3.62 34.66 -29.61
N LEU B 140 -2.54 34.19 -28.99
CA LEU B 140 -1.26 34.90 -28.99
C LEU B 140 -0.09 34.05 -29.42
N HIS B 141 -0.22 32.73 -29.45
CA HIS B 141 0.88 31.90 -29.93
C HIS B 141 1.22 32.23 -31.37
N THR B 142 0.21 32.48 -32.20
CA THR B 142 0.41 32.86 -33.60
C THR B 142 -0.43 34.11 -33.88
N TYR B 143 0.22 35.27 -33.89
CA TYR B 143 -0.42 36.52 -34.28
C TYR B 143 0.55 37.30 -35.16
N HIS B 144 0.00 38.06 -36.09
CA HIS B 144 0.82 38.90 -36.97
C HIS B 144 0.85 40.31 -36.37
N ASP B 145 1.85 40.57 -35.54
CA ASP B 145 2.00 41.89 -34.95
C ASP B 145 2.32 42.91 -36.03
N SER B 146 1.41 43.86 -36.21
CA SER B 146 1.52 44.87 -37.24
C SER B 146 2.15 46.17 -36.74
N ARG B 147 2.66 46.18 -35.51
CA ARG B 147 3.30 47.37 -34.97
C ARG B 147 4.54 47.72 -35.77
N ILE B 148 4.85 49.01 -35.83
CA ILE B 148 6.07 49.48 -36.47
C ILE B 148 7.22 49.35 -35.47
N HIS B 149 8.25 48.61 -35.86
CA HIS B 149 9.32 48.26 -34.94
C HIS B 149 10.52 49.20 -34.99
N VAL B 150 10.65 50.02 -36.03
CA VAL B 150 11.78 50.94 -36.15
C VAL B 150 11.38 52.04 -37.11
N CYS B 151 12.06 53.18 -37.03
CA CYS B 151 11.75 54.33 -37.88
C CYS B 151 13.05 55.01 -38.27
N LEU B 152 13.55 54.70 -39.46
CA LEU B 152 14.64 55.48 -40.02
C LEU B 152 14.14 56.87 -40.37
N TYR B 153 15.02 57.86 -40.26
CA TYR B 153 14.65 59.23 -40.57
C TYR B 153 15.69 59.84 -41.50
N PHE B 154 15.32 60.00 -42.76
CA PHE B 154 16.19 60.61 -43.76
C PHE B 154 16.23 62.11 -43.55
N ILE B 155 17.44 62.66 -43.50
CA ILE B 155 17.65 64.09 -43.35
C ILE B 155 18.37 64.60 -44.60
N ALA B 156 17.87 65.69 -45.17
CA ALA B 156 18.46 66.25 -46.37
C ALA B 156 19.90 66.69 -46.09
N PRO B 157 20.80 66.54 -47.05
CA PRO B 157 22.21 66.89 -46.84
C PRO B 157 22.49 68.37 -47.09
N THR B 158 21.80 69.23 -46.33
CA THR B 158 21.89 70.66 -46.58
C THR B 158 23.26 71.21 -46.24
N GLY B 159 23.65 71.12 -44.98
CA GLY B 159 24.98 71.50 -44.55
C GLY B 159 25.10 72.70 -43.63
N HIS B 160 24.03 73.16 -43.01
CA HIS B 160 24.15 74.18 -41.97
C HIS B 160 23.56 73.73 -40.64
N SER B 161 22.37 73.14 -40.64
CA SER B 161 21.73 72.61 -39.44
C SER B 161 20.42 71.95 -39.86
N LEU B 162 19.76 71.33 -38.90
CA LEU B 162 18.51 70.62 -39.19
C LEU B 162 17.44 71.57 -39.68
N LYS B 163 16.63 71.09 -40.63
CA LYS B 163 15.56 71.89 -41.21
C LYS B 163 14.35 71.92 -40.29
N SER B 164 13.37 72.75 -40.64
CA SER B 164 12.22 72.97 -39.78
C SER B 164 11.43 71.69 -39.56
N LEU B 165 10.93 71.11 -40.66
CA LEU B 165 10.10 69.90 -40.55
C LEU B 165 10.83 68.78 -39.82
N ASP B 166 12.15 68.69 -39.98
CA ASP B 166 12.91 67.64 -39.31
C ASP B 166 12.84 67.80 -37.80
N LEU B 167 13.17 69.00 -37.30
CA LEU B 167 13.19 69.22 -35.87
C LEU B 167 11.79 69.13 -35.28
N VAL B 168 10.76 69.60 -36.01
CA VAL B 168 9.41 69.48 -35.47
C VAL B 168 8.98 68.02 -35.42
N THR B 169 9.41 67.21 -36.39
CA THR B 169 8.98 65.82 -36.40
C THR B 169 9.66 65.02 -35.30
N MET B 170 10.98 65.19 -35.13
CA MET B 170 11.60 64.54 -33.98
C MET B 170 11.24 65.20 -32.65
N LYS B 171 10.61 66.37 -32.66
CA LYS B 171 10.10 66.94 -31.43
C LYS B 171 9.00 66.09 -30.82
N LYS B 172 8.11 65.56 -31.66
CA LYS B 172 6.92 64.85 -31.19
C LYS B 172 6.77 63.52 -31.91
N LEU B 173 7.86 62.78 -32.04
CA LEU B 173 7.77 61.40 -32.51
C LEU B 173 8.67 60.43 -31.74
N ASP B 174 9.66 60.90 -30.98
CA ASP B 174 10.65 60.02 -30.39
C ASP B 174 10.06 59.12 -29.30
N SER B 175 8.91 59.46 -28.76
CA SER B 175 8.30 58.70 -27.68
C SER B 175 7.36 57.60 -28.19
N LYS B 176 7.46 57.24 -29.45
CA LYS B 176 6.58 56.21 -30.01
C LYS B 176 7.34 55.09 -30.70
N VAL B 177 8.44 55.39 -31.39
CA VAL B 177 9.24 54.38 -32.07
C VAL B 177 10.72 54.69 -31.83
N ASN B 178 11.55 53.67 -32.01
CA ASN B 178 12.99 53.81 -31.83
C ASN B 178 13.55 54.52 -33.06
N ILE B 179 13.33 55.83 -33.11
CA ILE B 179 13.71 56.61 -34.29
C ILE B 179 15.23 56.64 -34.41
N ILE B 180 15.70 56.67 -35.65
CA ILE B 180 17.13 56.65 -35.94
C ILE B 180 17.43 57.69 -37.01
N PRO B 181 18.18 58.76 -36.71
CA PRO B 181 18.43 59.80 -37.71
C PRO B 181 19.61 59.44 -38.61
N ILE B 182 19.39 59.44 -39.92
CA ILE B 182 20.42 59.18 -40.90
C ILE B 182 20.34 60.24 -41.99
N ILE B 183 21.50 60.63 -42.52
CA ILE B 183 21.56 61.66 -43.54
C ILE B 183 21.57 60.98 -44.91
N ALA B 184 20.52 61.18 -45.68
CA ALA B 184 20.38 60.55 -46.99
C ALA B 184 21.07 61.38 -48.06
N LYS B 185 21.33 60.71 -49.19
CA LYS B 185 22.03 61.33 -50.32
C LYS B 185 23.33 62.00 -49.85
N ALA B 186 24.07 61.29 -49.01
CA ALA B 186 25.27 61.86 -48.38
C ALA B 186 26.51 61.67 -49.23
N ASP B 187 26.41 62.07 -50.50
CA ASP B 187 27.58 62.19 -51.36
C ASP B 187 27.71 63.61 -51.91
N ALA B 188 26.96 64.56 -51.37
CA ALA B 188 27.06 65.97 -51.73
C ALA B 188 27.50 66.83 -50.55
N ILE B 189 28.12 66.21 -49.54
CA ILE B 189 28.62 66.92 -48.36
C ILE B 189 30.08 66.53 -48.15
N SER B 190 30.94 67.54 -48.06
CA SER B 190 32.35 67.28 -47.80
C SER B 190 32.55 66.76 -46.38
N LYS B 191 33.52 65.86 -46.22
CA LYS B 191 33.81 65.34 -44.88
C LYS B 191 34.35 66.42 -43.96
N SER B 192 35.24 67.27 -44.49
CA SER B 192 35.81 68.34 -43.67
C SER B 192 34.74 69.29 -43.14
N GLU B 193 33.58 69.33 -43.79
CA GLU B 193 32.41 70.03 -43.26
C GLU B 193 31.47 69.11 -42.51
N LEU B 194 31.36 67.85 -42.93
CA LEU B 194 30.32 66.96 -42.41
C LEU B 194 30.37 66.88 -40.89
N THR B 195 31.57 66.71 -40.34
CA THR B 195 31.70 66.59 -38.89
C THR B 195 31.07 67.79 -38.18
N LYS B 196 31.32 69.00 -38.67
CA LYS B 196 30.73 70.18 -38.04
C LYS B 196 29.21 70.09 -38.09
N PHE B 197 28.66 69.68 -39.24
CA PHE B 197 27.22 69.47 -39.34
C PHE B 197 26.75 68.56 -38.22
N LYS B 198 27.47 67.45 -38.00
CA LYS B 198 27.11 66.54 -36.93
C LYS B 198 27.01 67.29 -35.61
N ILE B 199 28.06 68.02 -35.25
CA ILE B 199 27.99 68.80 -34.02
C ILE B 199 26.82 69.76 -34.09
N LYS B 200 26.73 70.49 -35.21
CA LYS B 200 25.71 71.51 -35.34
C LYS B 200 24.31 70.93 -35.42
N ILE B 201 24.15 69.62 -35.55
CA ILE B 201 22.84 69.01 -35.41
C ILE B 201 22.68 68.39 -34.03
N THR B 202 23.73 67.77 -33.48
CA THR B 202 23.56 67.07 -32.23
C THR B 202 23.23 68.03 -31.10
N SER B 203 23.78 69.25 -31.14
CA SER B 203 23.42 70.26 -30.16
C SER B 203 21.93 70.56 -30.22
N GLU B 204 21.37 70.67 -31.43
CA GLU B 204 19.93 70.86 -31.53
C GLU B 204 19.19 69.70 -30.91
N LEU B 205 19.74 68.49 -31.06
CA LEU B 205 19.16 67.33 -30.40
C LEU B 205 19.07 67.55 -28.90
N VAL B 206 20.12 68.14 -28.32
CA VAL B 206 20.13 68.48 -26.90
C VAL B 206 19.70 69.92 -26.65
N SER B 207 19.29 70.65 -27.70
CA SER B 207 18.69 71.96 -27.48
C SER B 207 17.24 71.82 -27.06
N ASN B 208 16.43 71.18 -27.92
CA ASN B 208 15.13 70.69 -27.50
C ASN B 208 15.27 69.52 -26.53
N GLY B 209 16.47 68.94 -26.43
CA GLY B 209 16.71 67.85 -25.50
C GLY B 209 15.98 66.57 -25.86
N VAL B 210 15.96 66.20 -27.13
CA VAL B 210 15.31 64.97 -27.57
C VAL B 210 16.27 63.80 -27.41
N GLN B 211 15.83 62.76 -26.70
CA GLN B 211 16.64 61.57 -26.48
C GLN B 211 16.35 60.59 -27.61
N ILE B 212 17.07 60.76 -28.72
CA ILE B 212 16.95 59.84 -29.85
C ILE B 212 17.46 58.49 -29.40
N TYR B 213 17.15 57.44 -30.17
CA TYR B 213 17.35 56.08 -29.71
C TYR B 213 18.78 55.85 -29.23
N GLN B 214 18.91 55.60 -27.93
CA GLN B 214 20.19 55.27 -27.33
C GLN B 214 20.34 53.76 -27.36
N PHE B 215 21.41 53.27 -27.98
CA PHE B 215 21.64 51.85 -28.03
C PHE B 215 21.94 51.32 -26.63
N PRO B 216 21.59 50.05 -26.34
CA PRO B 216 21.48 49.59 -24.95
C PRO B 216 22.64 49.97 -24.05
N THR B 217 23.86 49.58 -24.41
CA THR B 217 25.07 49.87 -23.64
C THR B 217 24.94 49.42 -22.19
N ASP B 218 24.15 48.38 -21.95
CA ASP B 218 24.00 47.83 -20.60
C ASP B 218 24.36 46.35 -20.53
N ASP B 219 24.00 45.56 -21.54
CA ASP B 219 24.40 44.16 -21.59
C ASP B 219 25.90 44.10 -21.80
N GLU B 220 26.64 43.77 -20.75
CA GLU B 220 28.10 43.82 -20.80
C GLU B 220 28.68 42.84 -21.83
N SER B 221 27.93 41.82 -22.23
CA SER B 221 28.38 40.92 -23.28
C SER B 221 28.70 41.69 -24.55
N VAL B 222 27.74 42.50 -25.02
CA VAL B 222 27.98 43.40 -26.14
C VAL B 222 27.35 44.76 -25.85
N ALA B 223 28.16 45.71 -25.38
CA ALA B 223 27.67 47.04 -25.07
C ALA B 223 28.58 48.09 -25.66
N GLU B 224 29.86 47.77 -25.83
CA GLU B 224 30.81 48.74 -26.33
C GLU B 224 30.63 49.02 -27.81
N ILE B 225 30.21 48.01 -28.59
CA ILE B 225 29.83 48.26 -29.97
C ILE B 225 28.69 49.27 -30.02
N ASN B 226 27.68 49.08 -29.17
CA ASN B 226 26.60 50.04 -29.09
C ASN B 226 27.09 51.40 -28.63
N GLY B 227 28.01 51.43 -27.66
CA GLY B 227 28.52 52.69 -27.18
C GLY B 227 29.25 53.50 -28.25
N THR B 228 30.12 52.84 -29.01
CA THR B 228 30.79 53.55 -30.09
C THR B 228 29.83 53.88 -31.22
N MET B 229 28.81 53.05 -31.44
CA MET B 229 27.77 53.39 -32.41
C MET B 229 27.07 54.67 -32.02
N ASN B 230 26.90 54.92 -30.72
CA ASN B 230 26.22 56.13 -30.28
C ASN B 230 27.07 57.38 -30.41
N ALA B 231 28.40 57.25 -30.51
CA ALA B 231 29.24 58.42 -30.72
C ALA B 231 29.14 58.93 -32.15
N HIS B 232 28.98 58.02 -33.12
CA HIS B 232 28.71 58.36 -34.51
C HIS B 232 27.23 58.24 -34.83
N LEU B 233 26.36 58.55 -33.87
CA LEU B 233 24.93 58.26 -34.03
C LEU B 233 24.31 58.95 -35.23
N PRO B 234 24.61 60.22 -35.55
CA PRO B 234 24.17 60.75 -36.85
C PRO B 234 24.93 60.09 -37.98
N PHE B 235 24.29 59.19 -38.72
CA PHE B 235 24.95 58.38 -39.71
C PHE B 235 25.04 59.12 -41.04
N ALA B 236 25.46 58.41 -42.08
CA ALA B 236 25.40 58.88 -43.45
C ALA B 236 25.29 57.65 -44.34
N VAL B 237 24.40 57.70 -45.32
CA VAL B 237 24.05 56.53 -46.13
C VAL B 237 23.91 56.93 -47.58
N ILE B 238 23.89 55.92 -48.44
CA ILE B 238 23.61 56.09 -49.86
C ILE B 238 23.21 54.72 -50.40
N GLY B 239 22.36 54.71 -51.43
CA GLY B 239 21.92 53.46 -52.01
C GLY B 239 21.65 53.53 -53.49
N SER B 240 22.08 52.51 -54.23
CA SER B 240 21.76 52.43 -55.65
C SER B 240 21.79 50.97 -56.10
N THR B 241 20.86 50.62 -56.99
CA THR B 241 20.71 49.26 -57.49
C THR B 241 21.54 49.01 -58.75
N GLU B 242 22.68 49.68 -58.87
CA GLU B 242 23.62 49.46 -59.96
C GLU B 242 24.93 48.94 -59.37
N GLU B 243 25.42 47.83 -59.93
CA GLU B 243 26.61 47.16 -59.43
C GLU B 243 27.71 47.32 -60.48
N LEU B 244 28.74 48.10 -60.15
CA LEU B 244 29.65 48.66 -61.13
C LEU B 244 31.04 48.05 -61.10
N LYS B 245 31.75 48.13 -59.97
CA LYS B 245 33.13 47.67 -59.93
C LYS B 245 33.18 46.16 -59.82
N ILE B 246 34.14 45.57 -60.53
CA ILE B 246 34.25 44.11 -60.60
C ILE B 246 35.70 43.69 -60.37
N GLY B 247 35.95 42.39 -60.48
CA GLY B 247 37.22 41.83 -60.08
C GLY B 247 37.14 41.35 -58.65
N ASN B 248 37.00 42.31 -57.72
CA ASN B 248 36.70 41.97 -56.33
C ASN B 248 35.41 41.17 -56.24
N LYS B 249 34.30 41.80 -56.62
CA LYS B 249 32.98 41.17 -56.66
C LYS B 249 32.07 42.10 -57.45
N MET B 250 30.80 41.73 -57.52
CA MET B 250 29.79 42.57 -58.18
C MET B 250 29.13 43.42 -57.10
N MET B 251 29.86 44.43 -56.64
CA MET B 251 29.41 45.33 -55.59
C MET B 251 28.73 46.56 -56.19
N ARG B 252 27.82 47.15 -55.41
CA ARG B 252 27.06 48.31 -55.86
C ARG B 252 27.75 49.60 -55.45
N ALA B 253 27.73 50.58 -56.35
CA ALA B 253 28.47 51.82 -56.13
C ALA B 253 27.76 52.97 -56.85
N ARG B 254 28.46 54.09 -56.96
CA ARG B 254 27.94 55.30 -57.60
C ARG B 254 28.91 55.75 -58.69
N GLN B 255 28.36 56.28 -59.77
CA GLN B 255 29.10 56.62 -60.98
C GLN B 255 28.90 58.09 -61.32
N TYR B 256 30.00 58.82 -61.50
CA TYR B 256 29.96 60.22 -61.92
C TYR B 256 31.18 60.49 -62.79
N PRO B 257 31.09 61.43 -63.73
CA PRO B 257 32.21 61.68 -64.64
C PRO B 257 33.52 62.05 -63.97
N TRP B 258 33.51 62.22 -62.65
CA TRP B 258 34.72 62.57 -61.92
C TRP B 258 35.03 61.61 -60.79
N GLY B 259 34.35 60.47 -60.72
CA GLY B 259 34.70 59.51 -59.69
C GLY B 259 33.62 58.45 -59.49
N THR B 260 33.89 57.59 -58.52
CA THR B 260 32.96 56.54 -58.12
C THR B 260 32.91 56.51 -56.60
N VAL B 261 31.73 56.14 -56.08
CA VAL B 261 31.46 56.18 -54.64
C VAL B 261 31.18 54.77 -54.17
N GLN B 262 31.93 54.31 -53.16
CA GLN B 262 31.79 52.98 -52.60
C GLN B 262 30.84 53.02 -51.41
N VAL B 263 29.77 52.24 -51.46
CA VAL B 263 28.73 52.30 -50.44
C VAL B 263 29.21 51.80 -49.08
N GLU B 264 30.23 50.94 -49.04
CA GLU B 264 30.64 50.33 -47.77
C GLU B 264 32.14 50.51 -47.52
N ASN B 265 32.70 51.64 -47.96
CA ASN B 265 34.14 51.87 -47.81
C ASN B 265 34.54 52.29 -46.40
N GLU B 266 33.57 52.56 -45.52
CA GLU B 266 33.80 53.03 -44.16
C GLU B 266 34.52 54.37 -44.10
N ALA B 267 34.61 55.07 -45.23
CA ALA B 267 35.04 56.46 -45.25
C ALA B 267 34.17 57.33 -46.14
N HIS B 268 33.36 56.74 -47.02
CA HIS B 268 32.40 57.48 -47.83
C HIS B 268 31.05 57.57 -47.13
N CYS B 269 30.46 56.41 -46.83
CA CYS B 269 29.16 56.34 -46.19
C CYS B 269 29.19 55.25 -45.13
N ASP B 270 28.22 55.31 -44.22
CA ASP B 270 28.10 54.36 -43.13
C ASP B 270 26.98 53.36 -43.37
N PHE B 271 26.83 52.90 -44.61
CA PHE B 271 25.79 51.91 -44.91
C PHE B 271 25.96 50.65 -44.07
N VAL B 272 27.20 50.28 -43.73
CA VAL B 272 27.41 49.16 -42.84
C VAL B 272 26.97 49.52 -41.42
N LYS B 273 27.29 50.73 -40.97
CA LYS B 273 26.90 51.14 -39.61
C LYS B 273 25.39 51.22 -39.46
N LEU B 274 24.68 51.64 -40.50
CA LEU B 274 23.22 51.53 -40.47
C LEU B 274 22.78 50.09 -40.61
N ARG B 275 23.54 49.27 -41.32
CA ARG B 275 23.25 47.84 -41.37
C ARG B 275 23.86 47.15 -40.15
N GLU B 276 23.58 47.69 -38.98
CA GLU B 276 23.81 47.00 -37.72
C GLU B 276 22.52 46.77 -36.96
N MET B 277 21.43 47.37 -37.39
CA MET B 277 20.09 46.94 -37.03
C MET B 277 19.57 45.84 -37.95
N LEU B 278 20.28 45.55 -39.04
CA LEU B 278 19.88 44.53 -40.00
C LEU B 278 20.77 43.29 -39.94
N ILE B 279 22.10 43.49 -39.88
CA ILE B 279 22.99 42.43 -39.42
C ILE B 279 22.66 42.04 -37.98
N ARG B 280 21.76 42.79 -37.35
CA ARG B 280 21.07 42.39 -36.14
C ARG B 280 22.02 42.30 -34.94
N VAL B 281 22.76 43.39 -34.72
CA VAL B 281 23.31 43.62 -33.39
C VAL B 281 22.18 43.81 -32.40
N ASN B 282 21.09 44.47 -32.82
CA ASN B 282 19.91 44.62 -31.98
C ASN B 282 18.67 44.76 -32.86
N MET B 283 18.00 43.63 -33.10
CA MET B 283 16.61 43.60 -33.56
C MET B 283 15.65 43.27 -32.43
N GLU B 284 15.93 42.19 -31.69
CA GLU B 284 15.09 41.83 -30.56
C GLU B 284 15.04 42.93 -29.52
N ASP B 285 16.12 43.71 -29.41
CA ASP B 285 16.08 44.87 -28.52
C ASP B 285 15.07 45.90 -29.01
N LEU B 286 14.95 46.06 -30.34
CA LEU B 286 13.95 46.98 -30.87
C LEU B 286 12.54 46.50 -30.54
N ARG B 287 12.29 45.20 -30.66
CA ARG B 287 10.99 44.66 -30.26
C ARG B 287 10.74 44.87 -28.78
N GLU B 288 11.74 44.63 -27.95
CA GLU B 288 11.57 44.79 -26.51
C GLU B 288 11.29 46.24 -26.14
N GLN B 289 12.03 47.18 -26.73
CA GLN B 289 11.81 48.58 -26.41
C GLN B 289 10.50 49.09 -27.01
N THR B 290 10.03 48.47 -28.08
CA THR B 290 8.72 48.82 -28.60
C THR B 290 7.62 48.33 -27.67
N HIS B 291 7.78 47.14 -27.11
CA HIS B 291 6.75 46.54 -26.28
C HIS B 291 6.84 46.95 -24.82
N THR B 292 7.91 47.62 -24.40
CA THR B 292 8.08 47.98 -23.00
C THR B 292 8.43 49.43 -22.75
N ARG B 293 8.59 50.24 -23.79
CA ARG B 293 8.80 51.67 -23.61
C ARG B 293 8.03 52.53 -24.58
N HIS B 294 7.28 51.94 -25.52
CA HIS B 294 6.44 52.71 -26.41
C HIS B 294 5.03 52.13 -26.41
N TYR B 295 4.95 50.83 -26.15
CA TYR B 295 3.68 50.18 -25.87
C TYR B 295 3.29 50.30 -24.42
N GLU B 296 4.05 51.07 -23.64
CA GLU B 296 3.73 51.35 -22.25
C GLU B 296 3.29 52.78 -22.03
N LEU B 297 4.02 53.77 -22.57
CA LEU B 297 3.58 55.15 -22.47
C LEU B 297 2.27 55.40 -23.21
N TYR B 298 1.89 54.51 -24.13
CA TYR B 298 0.56 54.50 -24.73
C TYR B 298 -0.46 53.79 -23.85
N ARG B 299 -0.07 53.17 -22.89
CA ARG B 299 -0.93 52.42 -21.98
C ARG B 299 -0.80 52.84 -20.52
N ARG B 300 0.47 53.10 -19.99
CA ARG B 300 0.64 53.60 -18.63
C ARG B 300 -0.10 54.91 -18.42
N CYS B 301 -0.23 55.72 -19.47
CA CYS B 301 -0.94 56.99 -19.39
C CYS B 301 -2.14 57.06 -20.31
N LYS B 302 -1.96 56.78 -21.61
CA LYS B 302 -3.01 57.06 -22.58
C LYS B 302 -4.15 56.06 -22.54
N LEU B 303 -3.97 54.92 -21.89
CA LEU B 303 -5.02 53.91 -21.82
C LEU B 303 -5.88 54.08 -20.57
N GLU B 304 -5.74 55.20 -19.87
CA GLU B 304 -6.50 55.47 -18.66
C GLU B 304 -7.90 56.00 -18.94
N GLU B 305 -8.47 55.76 -20.12
CA GLU B 305 -9.81 56.22 -20.38
C GLU B 305 -10.83 55.51 -19.50
N MET B 306 -10.66 54.20 -19.32
CA MET B 306 -11.63 53.38 -18.59
C MET B 306 -10.92 52.60 -17.49
N GLY B 307 -11.36 52.80 -16.26
CA GLY B 307 -10.89 52.01 -15.13
C GLY B 307 -9.64 52.57 -14.49
N PHE B 308 -9.50 52.27 -13.19
CA PHE B 308 -8.30 52.60 -12.42
C PHE B 308 -8.00 54.11 -12.44
N LYS B 309 -8.94 54.87 -11.90
CA LYS B 309 -8.76 56.32 -11.78
C LYS B 309 -9.26 56.80 -10.42
N GLY C 24 25.69 37.33 -49.92
CA GLY C 24 24.38 37.65 -50.44
C GLY C 24 23.27 37.46 -49.42
N TYR C 25 23.56 37.78 -48.16
CA TYR C 25 22.61 37.66 -47.07
C TYR C 25 22.60 38.94 -46.27
N VAL C 26 21.40 39.36 -45.87
CA VAL C 26 21.23 40.63 -45.16
C VAL C 26 21.33 40.47 -43.65
N GLY C 27 21.14 39.28 -43.11
CA GLY C 27 21.33 39.08 -41.70
C GLY C 27 20.11 38.57 -40.95
N PHE C 28 19.19 37.93 -41.65
CA PHE C 28 18.03 37.34 -40.98
C PHE C 28 18.45 36.21 -40.06
N ALA C 29 19.57 35.55 -40.34
CA ALA C 29 19.99 34.41 -39.55
C ALA C 29 20.34 34.80 -38.12
N ASN C 30 20.62 36.07 -37.86
CA ASN C 30 21.04 36.51 -36.54
C ASN C 30 19.90 36.63 -35.55
N LEU C 31 18.65 36.57 -36.00
CA LEU C 31 17.52 36.73 -35.08
C LEU C 31 17.50 35.67 -33.99
N PRO C 32 17.67 34.36 -34.27
CA PRO C 32 17.76 33.40 -33.16
C PRO C 32 18.91 33.69 -32.21
N ASN C 33 20.04 34.18 -32.72
CA ASN C 33 21.15 34.51 -31.84
C ASN C 33 20.77 35.63 -30.88
N GLN C 34 20.09 36.66 -31.38
CA GLN C 34 19.62 37.73 -30.51
C GLN C 34 18.62 37.20 -29.49
N VAL C 35 17.71 36.31 -29.91
CA VAL C 35 16.73 35.76 -28.99
C VAL C 35 17.42 35.03 -27.85
N TYR C 36 18.39 34.19 -28.19
CA TYR C 36 19.13 33.45 -27.17
C TYR C 36 19.87 34.38 -26.24
N ARG C 37 20.67 35.29 -26.80
CA ARG C 37 21.47 36.19 -25.97
C ARG C 37 20.60 37.06 -25.07
N LYS C 38 19.41 37.43 -25.54
CA LYS C 38 18.51 38.23 -24.73
C LYS C 38 17.86 37.40 -23.63
N SER C 39 17.47 36.17 -23.94
CA SER C 39 16.80 35.33 -22.94
C SER C 39 17.76 34.92 -21.83
N VAL C 40 19.05 34.73 -22.15
CA VAL C 40 20.00 34.31 -21.12
C VAL C 40 20.09 35.36 -20.01
N LYS C 41 20.14 36.64 -20.37
CA LYS C 41 20.33 37.69 -19.38
C LYS C 41 19.12 37.82 -18.45
N ARG C 42 17.93 37.52 -18.94
CA ARG C 42 16.71 37.80 -18.18
C ARG C 42 16.47 36.80 -17.05
N GLY C 43 17.18 35.68 -17.00
CA GLY C 43 16.98 34.70 -15.96
C GLY C 43 15.84 33.76 -16.27
N PHE C 44 15.73 32.70 -15.46
CA PHE C 44 14.75 31.66 -15.70
C PHE C 44 14.07 31.25 -14.40
N GLU C 45 12.84 30.77 -14.53
CA GLU C 45 12.05 30.34 -13.39
C GLU C 45 11.34 29.04 -13.72
N PHE C 46 11.00 28.27 -12.68
CA PHE C 46 10.24 27.06 -12.88
C PHE C 46 9.50 26.68 -11.59
N THR C 47 8.37 25.99 -11.79
CA THR C 47 7.46 25.63 -10.69
C THR C 47 6.91 24.24 -11.00
N LEU C 48 7.40 23.23 -10.30
CA LEU C 48 7.07 21.84 -10.59
C LEU C 48 6.25 21.25 -9.44
N MET C 49 5.07 20.73 -9.76
CA MET C 49 4.22 20.06 -8.78
C MET C 49 4.54 18.59 -8.71
N VAL C 50 4.64 18.05 -7.49
CA VAL C 50 4.73 16.61 -7.30
C VAL C 50 3.62 16.18 -6.35
N VAL C 51 2.75 15.31 -6.83
CA VAL C 51 1.59 14.83 -6.09
C VAL C 51 1.70 13.33 -5.93
N GLY C 52 1.49 12.84 -4.71
CA GLY C 52 1.53 11.42 -4.45
C GLY C 52 1.46 11.07 -2.98
N GLU C 53 0.90 9.90 -2.68
CA GLU C 53 0.83 9.42 -1.31
C GLU C 53 2.23 9.15 -0.77
N SER C 54 2.37 9.29 0.55
CA SER C 54 3.69 9.21 1.17
CA SER C 54 3.69 9.21 1.17
C SER C 54 4.30 7.82 1.01
N GLY C 55 5.63 7.78 1.01
CA GLY C 55 6.35 6.54 0.86
C GLY C 55 6.63 6.11 -0.56
N LEU C 56 6.31 6.95 -1.55
CA LEU C 56 6.53 6.62 -2.95
C LEU C 56 7.79 7.26 -3.52
N GLY C 57 8.69 7.74 -2.66
CA GLY C 57 9.96 8.26 -3.12
C GLY C 57 9.94 9.65 -3.72
N LYS C 58 8.92 10.45 -3.41
CA LYS C 58 8.83 11.79 -4.00
C LYS C 58 10.00 12.66 -3.58
N SER C 59 10.26 12.74 -2.27
CA SER C 59 11.33 13.61 -1.77
C SER C 59 12.69 13.18 -2.31
N THR C 60 12.96 11.88 -2.32
CA THR C 60 14.25 11.39 -2.83
C THR C 60 14.38 11.67 -4.31
N LEU C 61 13.31 11.46 -5.09
CA LEU C 61 13.36 11.71 -6.52
C LEU C 61 13.63 13.19 -6.80
N ILE C 62 12.93 14.08 -6.11
CA ILE C 62 13.09 15.51 -6.34
C ILE C 62 14.46 15.98 -5.90
N ASN C 63 14.97 15.45 -4.78
CA ASN C 63 16.31 15.79 -4.35
C ASN C 63 17.34 15.33 -5.38
N SER C 64 17.18 14.11 -5.90
CA SER C 64 18.15 13.59 -6.86
C SER C 64 18.13 14.38 -8.17
N LEU C 65 16.95 14.79 -8.62
CA LEU C 65 16.83 15.42 -9.93
C LEU C 65 17.68 16.68 -10.03
N PHE C 66 17.56 17.58 -9.06
CA PHE C 66 18.12 18.91 -9.16
C PHE C 66 19.33 19.07 -8.23
N LEU C 67 20.50 18.70 -8.74
CA LEU C 67 21.79 19.02 -8.13
C LEU C 67 22.02 18.31 -6.80
N THR C 68 21.02 17.57 -6.33
CA THR C 68 21.14 16.75 -5.12
C THR C 68 21.52 17.62 -3.92
N ASP C 69 20.67 18.62 -3.63
CA ASP C 69 20.92 19.50 -2.49
C ASP C 69 19.68 19.83 -1.66
N LEU C 70 18.47 19.55 -2.14
CA LEU C 70 17.27 20.03 -1.47
C LEU C 70 16.84 19.07 -0.36
N TYR C 71 15.99 19.59 0.53
CA TYR C 71 15.44 18.82 1.66
C TYR C 71 16.54 18.25 2.55
N SER C 72 17.65 18.96 2.68
CA SER C 72 18.69 18.55 3.62
C SER C 72 18.17 18.73 5.05
N PRO C 73 18.67 17.93 6.01
CA PRO C 73 18.15 18.00 7.39
C PRO C 73 18.08 19.40 7.98
N GLU C 74 18.78 20.37 7.38
CA GLU C 74 18.57 21.76 7.75
C GLU C 74 17.14 22.19 7.44
N TYR C 75 16.64 21.83 6.26
CA TYR C 75 15.25 22.07 5.87
C TYR C 75 14.55 20.74 5.67
N PRO C 76 13.74 20.28 6.61
CA PRO C 76 13.21 18.92 6.54
C PRO C 76 12.25 18.68 5.38
N GLY C 77 11.27 19.56 5.21
CA GLY C 77 10.30 19.41 4.16
C GLY C 77 9.25 18.36 4.49
N PRO C 78 8.61 17.81 3.46
CA PRO C 78 7.54 16.83 3.68
C PRO C 78 8.04 15.43 4.01
N SER C 79 9.35 15.24 4.20
CA SER C 79 9.86 13.96 4.64
C SER C 79 9.18 13.53 5.93
N HIS C 80 9.07 14.45 6.88
CA HIS C 80 8.21 14.26 8.04
C HIS C 80 6.77 14.43 7.58
N ARG C 81 6.08 13.32 7.33
CA ARG C 81 4.73 13.39 6.79
C ARG C 81 3.74 13.85 7.86
N ILE C 82 3.59 15.16 8.00
CA ILE C 82 2.63 15.71 8.96
C ILE C 82 1.22 15.50 8.39
N LYS C 83 0.47 14.60 9.02
CA LYS C 83 -0.83 14.17 8.50
C LYS C 83 -2.00 14.85 9.18
N LYS C 84 -1.79 15.59 10.27
CA LYS C 84 -2.89 16.29 10.92
C LYS C 84 -3.54 17.30 9.98
N THR C 85 -2.73 18.08 9.28
CA THR C 85 -3.22 19.05 8.30
C THR C 85 -2.38 18.93 7.04
N VAL C 86 -2.97 19.33 5.92
CA VAL C 86 -2.27 19.40 4.64
C VAL C 86 -2.04 20.88 4.33
N GLN C 87 -0.77 21.24 4.15
CA GLN C 87 -0.35 22.63 3.96
C GLN C 87 0.64 22.68 2.81
N VAL C 88 0.19 23.19 1.66
CA VAL C 88 1.05 23.28 0.48
C VAL C 88 2.26 24.12 0.83
N GLU C 89 3.45 23.52 0.70
CA GLU C 89 4.71 24.17 1.06
C GLU C 89 5.62 24.18 -0.15
N GLN C 90 5.72 25.32 -0.82
CA GLN C 90 6.69 25.51 -1.88
C GLN C 90 8.06 25.78 -1.29
N SER C 91 9.07 25.86 -2.16
CA SER C 91 10.43 26.16 -1.71
C SER C 91 11.15 26.89 -2.84
N LYS C 92 11.28 28.21 -2.70
CA LYS C 92 12.04 29.01 -3.64
C LYS C 92 13.52 28.70 -3.45
N VAL C 93 14.15 28.16 -4.50
CA VAL C 93 15.58 27.87 -4.46
C VAL C 93 16.22 28.44 -5.71
N LEU C 94 17.51 28.74 -5.62
CA LEU C 94 18.26 29.35 -6.71
C LEU C 94 19.38 28.43 -7.13
N ILE C 95 19.50 28.19 -8.43
CA ILE C 95 20.55 27.34 -9.00
C ILE C 95 21.31 28.17 -10.04
N LYS C 96 22.63 28.18 -9.92
CA LYS C 96 23.50 28.87 -10.87
C LYS C 96 24.17 27.82 -11.75
N GLU C 97 23.47 27.42 -12.81
CA GLU C 97 24.00 26.46 -13.77
C GLU C 97 25.01 27.20 -14.64
N GLY C 98 26.24 27.32 -14.11
CA GLY C 98 27.34 27.87 -14.86
C GLY C 98 27.24 29.36 -15.07
N GLY C 99 26.28 29.76 -15.90
CA GLY C 99 26.01 31.16 -16.17
C GLY C 99 24.54 31.41 -16.37
N VAL C 100 23.69 30.46 -15.98
CA VAL C 100 22.25 30.57 -16.15
C VAL C 100 21.59 30.46 -14.77
N GLN C 101 20.74 31.43 -14.44
CA GLN C 101 20.05 31.48 -13.16
C GLN C 101 18.69 30.81 -13.30
N LEU C 102 18.46 29.76 -12.52
CA LEU C 102 17.18 29.08 -12.49
C LEU C 102 16.61 29.18 -11.08
N LEU C 103 15.51 29.91 -10.93
CA LEU C 103 14.79 29.98 -9.67
C LEU C 103 13.67 28.94 -9.71
N LEU C 104 13.84 27.88 -8.93
CA LEU C 104 12.98 26.71 -9.02
C LEU C 104 12.18 26.56 -7.74
N THR C 105 10.94 26.11 -7.88
CA THR C 105 10.11 25.75 -6.74
C THR C 105 9.52 24.37 -6.98
N ILE C 106 9.45 23.59 -5.92
CA ILE C 106 8.89 22.24 -5.96
C ILE C 106 7.64 22.25 -5.10
N VAL C 107 6.49 22.50 -5.72
CA VAL C 107 5.22 22.53 -5.00
C VAL C 107 4.82 21.10 -4.68
N ASP C 108 4.84 20.75 -3.40
CA ASP C 108 4.49 19.42 -2.93
C ASP C 108 3.58 19.52 -1.71
N THR C 109 2.61 18.61 -1.65
CA THR C 109 1.61 18.65 -0.59
C THR C 109 1.97 17.63 0.48
N PRO C 110 2.39 18.05 1.66
CA PRO C 110 2.68 17.09 2.73
C PRO C 110 1.41 16.47 3.27
N GLY C 111 1.24 15.17 3.02
CA GLY C 111 0.08 14.45 3.51
C GLY C 111 -1.04 14.41 2.50
N PHE C 112 -1.28 13.24 1.90
CA PHE C 112 -2.29 13.12 0.86
C PHE C 112 -2.63 11.65 0.59
N GLY C 113 -3.91 11.31 0.67
CA GLY C 113 -4.37 9.98 0.30
C GLY C 113 -3.81 8.87 1.16
N ASP C 114 -3.55 9.12 2.44
CA ASP C 114 -3.04 8.10 3.34
C ASP C 114 -3.73 8.05 4.69
N ALA C 115 -4.51 9.06 5.06
CA ALA C 115 -5.12 9.13 6.38
C ALA C 115 -6.34 8.23 6.43
N VAL C 116 -7.14 8.39 7.50
CA VAL C 116 -8.30 7.54 7.72
C VAL C 116 -9.32 7.70 6.59
N ASP C 117 -9.45 8.89 6.03
CA ASP C 117 -10.37 9.12 4.93
C ASP C 117 -9.74 10.07 3.93
N ASN C 118 -10.07 9.88 2.65
CA ASN C 118 -9.44 10.65 1.59
C ASN C 118 -10.44 11.11 0.54
N SER C 119 -11.68 11.36 0.95
CA SER C 119 -12.70 11.83 0.01
C SER C 119 -12.54 13.32 -0.22
N ASN C 120 -12.47 13.72 -1.50
CA ASN C 120 -12.22 15.11 -1.89
C ASN C 120 -10.94 15.64 -1.23
N CYS C 121 -9.93 14.78 -1.16
CA CYS C 121 -8.66 15.13 -0.53
C CYS C 121 -7.71 15.85 -1.46
N TRP C 122 -8.23 16.41 -2.56
CA TRP C 122 -7.40 17.11 -3.54
C TRP C 122 -7.72 18.60 -3.64
N GLN C 123 -8.69 19.09 -2.87
CA GLN C 123 -9.06 20.50 -2.98
C GLN C 123 -7.93 21.48 -2.70
N PRO C 124 -7.04 21.26 -1.72
CA PRO C 124 -5.92 22.21 -1.54
C PRO C 124 -5.02 22.32 -2.76
N VAL C 125 -4.83 21.23 -3.51
CA VAL C 125 -3.96 21.27 -4.68
C VAL C 125 -4.54 22.18 -5.75
N ILE C 126 -5.78 21.91 -6.17
CA ILE C 126 -6.44 22.73 -7.16
C ILE C 126 -6.60 24.15 -6.65
N ASP C 127 -6.78 24.31 -5.33
CA ASP C 127 -6.79 25.62 -4.73
C ASP C 127 -5.50 26.37 -5.04
N TYR C 128 -4.36 25.75 -4.78
CA TYR C 128 -3.09 26.41 -5.01
C TYR C 128 -2.89 26.73 -6.48
N ILE C 129 -3.26 25.80 -7.36
CA ILE C 129 -3.06 26.03 -8.79
C ILE C 129 -3.88 27.22 -9.27
N ASP C 130 -5.18 27.23 -8.94
CA ASP C 130 -6.02 28.32 -9.38
C ASP C 130 -5.62 29.65 -8.72
N SER C 131 -5.15 29.60 -7.47
CA SER C 131 -4.70 30.82 -6.82
C SER C 131 -3.48 31.39 -7.51
N LYS C 132 -2.52 30.54 -7.90
CA LYS C 132 -1.37 31.03 -8.64
C LYS C 132 -1.78 31.62 -9.97
N PHE C 133 -2.68 30.94 -10.69
CA PHE C 133 -3.16 31.49 -11.96
C PHE C 133 -3.77 32.87 -11.74
N GLU C 134 -4.63 33.01 -10.73
CA GLU C 134 -5.32 34.28 -10.50
C GLU C 134 -4.33 35.38 -10.09
N ASP C 135 -3.36 35.04 -9.25
CA ASP C 135 -2.41 36.06 -8.80
C ASP C 135 -1.52 36.51 -9.94
N TYR C 136 -1.08 35.59 -10.80
CA TYR C 136 -0.30 36.01 -11.96
C TYR C 136 -1.14 36.87 -12.90
N LEU C 137 -2.41 36.49 -13.11
CA LEU C 137 -3.29 37.30 -13.94
C LEU C 137 -3.44 38.71 -13.37
N ASN C 138 -3.58 38.82 -12.04
CA ASN C 138 -3.60 40.13 -11.40
C ASN C 138 -2.30 40.88 -11.67
N ALA C 139 -1.17 40.18 -11.58
CA ALA C 139 0.12 40.83 -11.77
C ALA C 139 0.26 41.41 -13.17
N GLU C 140 -0.17 40.66 -14.18
CA GLU C 140 0.06 41.03 -15.58
C GLU C 140 -1.24 41.36 -16.32
N SER C 141 -2.14 42.08 -15.66
CA SER C 141 -3.32 42.59 -16.35
C SER C 141 -3.68 44.02 -15.96
N ARG C 142 -2.96 44.64 -15.03
CA ARG C 142 -3.26 45.99 -14.64
C ARG C 142 -2.72 46.98 -15.66
N VAL C 143 -3.18 48.23 -15.55
CA VAL C 143 -2.70 49.28 -16.44
C VAL C 143 -1.23 49.63 -16.15
N ASN C 144 -0.84 49.59 -14.88
CA ASN C 144 0.53 49.92 -14.47
CA ASN C 144 0.53 49.92 -14.47
C ASN C 144 1.40 48.68 -14.30
N ARG C 145 1.14 47.63 -15.08
CA ARG C 145 1.89 46.40 -14.88
C ARG C 145 3.34 46.57 -15.32
N ARG C 146 4.19 45.69 -14.81
CA ARG C 146 5.63 45.71 -15.10
C ARG C 146 6.14 44.27 -15.02
N GLN C 147 7.45 44.11 -15.10
CA GLN C 147 8.07 42.78 -15.02
C GLN C 147 8.03 42.30 -13.58
N MET C 148 7.50 41.09 -13.39
CA MET C 148 7.25 40.50 -12.09
C MET C 148 7.67 39.03 -12.10
N PRO C 149 7.89 38.43 -10.93
CA PRO C 149 8.14 36.99 -10.89
C PRO C 149 6.92 36.19 -11.34
N ASP C 150 7.19 34.96 -11.76
CA ASP C 150 6.17 34.04 -12.25
C ASP C 150 6.09 32.85 -11.32
N ASN C 151 4.90 32.60 -10.75
CA ASN C 151 4.70 31.54 -9.77
C ASN C 151 3.66 30.52 -10.20
N ARG C 152 3.32 30.48 -11.48
CA ARG C 152 2.37 29.48 -11.96
C ARG C 152 3.05 28.13 -12.12
N VAL C 153 2.36 27.07 -11.71
CA VAL C 153 2.89 25.72 -11.87
C VAL C 153 2.90 25.34 -13.35
N GLN C 154 3.93 24.61 -13.77
CA GLN C 154 4.06 24.21 -15.17
C GLN C 154 3.65 22.78 -15.43
N CYS C 155 3.96 21.85 -14.54
CA CYS C 155 3.59 20.46 -14.74
C CYS C 155 3.52 19.76 -13.40
N CYS C 156 2.62 18.77 -13.30
CA CYS C 156 2.46 18.00 -12.08
C CYS C 156 2.70 16.53 -12.34
N LEU C 157 3.60 15.94 -11.56
CA LEU C 157 3.93 14.52 -11.64
C LEU C 157 3.09 13.79 -10.60
N TYR C 158 2.18 12.93 -11.08
CA TYR C 158 1.29 12.19 -10.20
C TYR C 158 1.82 10.77 -10.04
N PHE C 159 2.28 10.45 -8.83
CA PHE C 159 2.81 9.13 -8.56
C PHE C 159 1.67 8.12 -8.42
N ILE C 160 1.95 6.88 -8.81
CA ILE C 160 1.02 5.76 -8.68
C ILE C 160 1.76 4.60 -8.03
N ALA C 161 1.17 4.01 -7.00
CA ALA C 161 1.76 2.84 -6.39
C ALA C 161 1.56 1.63 -7.29
N PRO C 162 2.52 0.70 -7.31
CA PRO C 162 2.40 -0.49 -8.18
C PRO C 162 1.51 -1.58 -7.57
N SER C 163 0.20 -1.41 -7.74
CA SER C 163 -0.75 -2.40 -7.25
C SER C 163 -0.69 -3.68 -8.07
N GLY C 164 -0.69 -3.56 -9.39
CA GLY C 164 -0.58 -4.70 -10.27
C GLY C 164 -1.88 -5.19 -10.87
N HIS C 165 -2.99 -4.50 -10.62
CA HIS C 165 -4.28 -4.89 -11.21
C HIS C 165 -4.99 -3.78 -11.96
N GLY C 166 -4.68 -2.52 -11.67
CA GLY C 166 -5.30 -1.41 -12.35
C GLY C 166 -4.91 -0.09 -11.70
N LEU C 167 -5.86 0.79 -11.50
CA LEU C 167 -5.61 2.03 -10.78
C LEU C 167 -6.61 2.16 -9.64
N LYS C 168 -6.12 2.58 -8.48
CA LYS C 168 -7.00 2.84 -7.36
C LYS C 168 -8.00 3.92 -7.74
N PRO C 169 -9.25 3.83 -7.29
CA PRO C 169 -10.27 4.80 -7.72
C PRO C 169 -9.91 6.24 -7.40
N LEU C 170 -9.08 6.47 -6.37
CA LEU C 170 -8.59 7.82 -6.11
C LEU C 170 -7.79 8.36 -7.29
N ASP C 171 -6.92 7.53 -7.87
CA ASP C 171 -6.15 7.97 -9.03
C ASP C 171 -7.04 8.23 -10.23
N ILE C 172 -8.06 7.39 -10.43
CA ILE C 172 -8.99 7.61 -11.53
C ILE C 172 -9.72 8.93 -11.35
N GLU C 173 -10.15 9.23 -10.12
CA GLU C 173 -10.83 10.49 -9.87
C GLU C 173 -9.89 11.67 -10.05
N PHE C 174 -8.63 11.53 -9.61
CA PHE C 174 -7.65 12.60 -9.79
C PHE C 174 -7.43 12.90 -11.26
N MET C 175 -7.27 11.87 -12.08
CA MET C 175 -7.17 12.06 -13.53
C MET C 175 -8.43 12.72 -14.08
N LYS C 176 -9.57 12.05 -13.98
CA LYS C 176 -10.77 12.52 -14.65
C LYS C 176 -11.24 13.87 -14.13
N ARG C 177 -10.77 14.29 -12.95
CA ARG C 177 -11.18 15.56 -12.37
C ARG C 177 -10.22 16.69 -12.73
N LEU C 178 -8.96 16.57 -12.31
CA LEU C 178 -7.97 17.62 -12.49
C LEU C 178 -7.08 17.26 -13.67
N HIS C 179 -7.62 17.45 -14.88
CA HIS C 179 -6.83 17.25 -16.09
C HIS C 179 -7.01 18.32 -17.14
N GLU C 180 -7.98 19.22 -17.01
CA GLU C 180 -8.13 20.37 -17.89
C GLU C 180 -7.43 21.60 -17.36
N LYS C 181 -6.59 21.47 -16.34
CA LYS C 181 -6.02 22.62 -15.66
C LYS C 181 -4.50 22.60 -15.62
N VAL C 182 -3.88 21.44 -15.46
CA VAL C 182 -2.44 21.34 -15.35
C VAL C 182 -1.97 20.08 -16.06
N ASN C 183 -0.78 20.17 -16.67
CA ASN C 183 -0.22 19.04 -17.39
C ASN C 183 0.07 17.90 -16.41
N ILE C 184 -0.72 16.84 -16.47
CA ILE C 184 -0.57 15.69 -15.60
C ILE C 184 0.35 14.68 -16.27
N ILE C 185 1.39 14.26 -15.55
CA ILE C 185 2.23 13.17 -16.03
C ILE C 185 2.11 12.01 -15.04
N PRO C 186 1.55 10.87 -15.45
CA PRO C 186 1.43 9.73 -14.53
C PRO C 186 2.75 8.97 -14.45
N LEU C 187 3.21 8.75 -13.22
CA LEU C 187 4.43 8.00 -12.97
C LEU C 187 4.07 6.71 -12.23
N ILE C 188 4.79 5.65 -12.53
CA ILE C 188 4.68 4.39 -11.80
C ILE C 188 5.73 4.45 -10.70
N ALA C 189 5.32 4.87 -9.51
CA ALA C 189 6.26 5.07 -8.43
C ALA C 189 6.85 3.74 -7.97
N LYS C 190 8.16 3.73 -7.76
CA LYS C 190 8.90 2.53 -7.34
C LYS C 190 8.62 1.37 -8.30
N ALA C 191 9.07 1.57 -9.54
CA ALA C 191 8.92 0.55 -10.57
C ALA C 191 9.83 -0.64 -10.36
N ASP C 192 10.74 -0.58 -9.38
CA ASP C 192 11.69 -1.66 -9.13
C ASP C 192 11.13 -2.78 -8.27
N THR C 193 9.81 -2.91 -8.21
CA THR C 193 9.14 -4.02 -7.54
C THR C 193 8.12 -4.67 -8.46
N LEU C 194 8.46 -4.80 -9.73
CA LEU C 194 7.55 -5.34 -10.73
C LEU C 194 8.30 -6.30 -11.65
N THR C 195 7.52 -7.18 -12.29
CA THR C 195 8.00 -8.15 -13.27
C THR C 195 7.60 -7.70 -14.67
N PRO C 196 8.48 -7.82 -15.66
CA PRO C 196 8.17 -7.27 -16.99
C PRO C 196 6.87 -7.77 -17.60
N GLU C 197 6.53 -9.05 -17.44
CA GLU C 197 5.27 -9.53 -18.00
C GLU C 197 4.07 -8.89 -17.29
N GLU C 198 4.06 -8.93 -15.96
CA GLU C 198 2.97 -8.29 -15.23
C GLU C 198 3.02 -6.78 -15.38
N CYS C 199 4.20 -6.20 -15.54
CA CYS C 199 4.29 -4.76 -15.77
C CYS C 199 3.66 -4.39 -17.11
N GLN C 200 3.91 -5.17 -18.15
CA GLN C 200 3.30 -4.91 -19.45
C GLN C 200 1.79 -5.10 -19.40
N GLN C 201 1.31 -6.14 -18.71
CA GLN C 201 -0.13 -6.30 -18.58
C GLN C 201 -0.76 -5.19 -17.74
N PHE C 202 -0.02 -4.71 -16.73
CA PHE C 202 -0.46 -3.54 -15.95
C PHE C 202 -0.61 -2.33 -16.84
N LYS C 203 0.38 -2.09 -17.72
CA LYS C 203 0.32 -0.96 -18.63
C LYS C 203 -0.87 -1.07 -19.57
N LYS C 204 -1.11 -2.26 -20.13
CA LYS C 204 -2.26 -2.44 -21.00
C LYS C 204 -3.56 -2.22 -20.24
N GLN C 205 -3.65 -2.73 -19.01
CA GLN C 205 -4.87 -2.57 -18.24
C GLN C 205 -5.14 -1.10 -17.92
N ILE C 206 -4.11 -0.35 -17.53
CA ILE C 206 -4.33 1.04 -17.19
C ILE C 206 -4.68 1.85 -18.42
N MET C 207 -4.08 1.55 -19.57
CA MET C 207 -4.49 2.24 -20.79
C MET C 207 -5.66 1.58 -21.49
N LYS C 208 -6.32 0.62 -20.84
CA LYS C 208 -7.69 0.27 -21.21
C LYS C 208 -8.72 0.96 -20.34
N GLU C 209 -8.44 1.09 -19.04
CA GLU C 209 -9.27 1.93 -18.19
C GLU C 209 -9.16 3.39 -18.55
N ILE C 210 -8.08 3.78 -19.24
CA ILE C 210 -7.95 5.14 -19.76
C ILE C 210 -8.87 5.41 -20.92
N GLN C 211 -9.45 4.35 -21.51
CA GLN C 211 -10.43 4.50 -22.57
C GLN C 211 -11.81 4.04 -22.17
N GLU C 212 -11.95 3.33 -21.04
CA GLU C 212 -13.27 3.21 -20.45
C GLU C 212 -13.69 4.52 -19.80
N HIS C 213 -12.77 5.15 -19.06
CA HIS C 213 -12.91 6.52 -18.60
C HIS C 213 -11.97 7.36 -19.47
N LYS C 214 -12.54 8.07 -20.43
CA LYS C 214 -11.72 8.81 -21.39
C LYS C 214 -10.89 9.89 -20.72
N ILE C 215 -9.57 9.71 -20.69
CA ILE C 215 -8.65 10.65 -20.09
C ILE C 215 -7.65 11.11 -21.14
N LYS C 216 -7.32 12.40 -21.13
CA LYS C 216 -6.39 12.99 -22.07
C LYS C 216 -5.15 13.46 -21.30
N ILE C 217 -4.20 12.55 -21.12
CA ILE C 217 -2.91 12.92 -20.56
C ILE C 217 -2.14 13.77 -21.57
N TYR C 218 -1.16 14.51 -21.07
CA TYR C 218 -0.28 15.28 -21.93
C TYR C 218 0.48 14.35 -22.87
N GLU C 219 0.12 14.36 -24.14
CA GLU C 219 0.75 13.49 -25.14
C GLU C 219 1.87 14.25 -25.83
N PHE C 220 3.06 13.65 -25.86
CA PHE C 220 4.20 14.28 -26.50
C PHE C 220 3.96 14.37 -28.01
N PRO C 221 4.42 15.45 -28.65
CA PRO C 221 4.12 15.67 -30.05
C PRO C 221 4.74 14.63 -30.96
N GLU C 222 4.11 14.43 -32.11
CA GLU C 222 4.60 13.49 -33.10
C GLU C 222 4.84 14.18 -34.44
N ILE C 235 2.43 3.78 -30.36
CA ILE C 235 3.56 4.39 -29.67
C ILE C 235 3.32 4.40 -28.17
N LYS C 236 2.07 4.12 -27.78
CA LYS C 236 1.71 4.11 -26.36
C LYS C 236 2.24 2.89 -25.62
N ASP C 237 2.80 1.91 -26.34
CA ASP C 237 3.22 0.67 -25.69
C ASP C 237 4.28 0.91 -24.63
N ARG C 238 5.27 1.76 -24.92
CA ARG C 238 6.29 2.10 -23.93
C ARG C 238 5.91 3.36 -23.16
N LEU C 239 4.67 3.40 -22.68
CA LEU C 239 4.14 4.42 -21.79
C LEU C 239 3.20 3.73 -20.82
N PRO C 240 2.97 4.32 -19.63
CA PRO C 240 3.49 5.59 -19.12
C PRO C 240 4.89 5.45 -18.56
N LEU C 241 5.52 6.59 -18.27
CA LEU C 241 6.86 6.58 -17.73
C LEU C 241 6.87 5.92 -16.36
N ALA C 242 7.86 5.08 -16.12
CA ALA C 242 8.09 4.46 -14.83
C ALA C 242 9.49 4.82 -14.35
N VAL C 243 9.61 5.19 -13.09
CA VAL C 243 10.83 5.82 -12.59
C VAL C 243 11.24 5.17 -11.27
N VAL C 244 12.55 5.07 -11.05
CA VAL C 244 13.15 4.66 -9.79
C VAL C 244 14.17 5.72 -9.40
N GLY C 245 14.07 6.21 -8.16
CA GLY C 245 14.97 7.25 -7.72
C GLY C 245 15.72 6.90 -6.45
N SER C 246 16.86 7.54 -6.24
CA SER C 246 17.67 7.31 -5.03
C SER C 246 18.66 8.46 -4.91
N ASN C 247 19.44 8.43 -3.83
CA ASN C 247 20.42 9.47 -3.56
C ASN C 247 21.78 8.84 -3.30
N THR C 248 21.78 7.64 -2.71
CA THR C 248 23.02 6.99 -2.34
C THR C 248 23.82 6.60 -3.57
N ILE C 249 25.15 6.73 -3.47
CA ILE C 249 26.06 6.38 -4.53
C ILE C 249 26.61 4.98 -4.28
N ILE C 250 26.76 4.20 -5.36
CA ILE C 250 27.23 2.82 -5.25
C ILE C 250 27.86 2.38 -6.56
N VAL C 257 27.53 5.31 -9.92
CA VAL C 257 26.17 4.90 -10.22
C VAL C 257 25.30 5.04 -8.98
N ARG C 258 24.43 6.04 -8.99
CA ARG C 258 23.51 6.27 -7.87
C ARG C 258 22.43 5.20 -7.89
N GLY C 259 22.57 4.19 -7.04
CA GLY C 259 21.63 3.09 -7.01
C GLY C 259 21.43 2.57 -5.60
N ARG C 260 20.28 1.94 -5.40
CA ARG C 260 19.94 1.38 -4.10
C ARG C 260 20.59 0.00 -3.93
N GLN C 261 20.82 -0.38 -2.68
CA GLN C 261 21.43 -1.66 -2.36
C GLN C 261 20.41 -2.54 -1.65
N TYR C 262 20.20 -3.74 -2.17
CA TYR C 262 19.38 -4.77 -1.56
C TYR C 262 20.26 -5.97 -1.26
N PRO C 263 19.83 -6.87 -0.38
CA PRO C 263 20.67 -8.06 -0.09
C PRO C 263 21.07 -8.82 -1.34
N TRP C 264 20.19 -8.90 -2.33
CA TRP C 264 20.52 -9.50 -3.62
C TRP C 264 20.99 -8.47 -4.63
N GLY C 265 21.96 -7.64 -4.24
CA GLY C 265 22.62 -6.79 -5.20
C GLY C 265 22.24 -5.33 -5.19
N VAL C 266 22.08 -4.75 -6.37
CA VAL C 266 21.85 -3.32 -6.53
C VAL C 266 20.71 -3.09 -7.51
N ALA C 267 19.84 -2.14 -7.19
CA ALA C 267 18.83 -1.64 -8.11
C ALA C 267 19.29 -0.32 -8.68
N GLU C 268 19.36 -0.23 -10.00
CA GLU C 268 19.92 0.91 -10.71
C GLU C 268 18.83 1.87 -11.18
N VAL C 269 19.25 3.02 -11.68
CA VAL C 269 18.32 4.03 -12.18
C VAL C 269 18.54 4.25 -13.67
N GLU C 270 19.77 4.03 -14.14
CA GLU C 270 20.13 4.28 -15.54
C GLU C 270 19.84 3.03 -16.35
N ASN C 271 18.76 3.06 -17.12
CA ASN C 271 18.36 1.96 -17.99
C ASN C 271 17.36 2.50 -19.00
N GLY C 272 16.71 1.61 -19.74
CA GLY C 272 15.71 2.03 -20.70
C GLY C 272 14.50 1.14 -20.78
N GLU C 273 14.45 0.08 -19.97
CA GLU C 273 13.35 -0.88 -20.10
C GLU C 273 12.10 -0.41 -19.34
N HIS C 274 12.18 -0.36 -18.01
CA HIS C 274 11.11 0.19 -17.20
C HIS C 274 11.58 1.07 -16.06
N CYS C 275 12.81 0.91 -15.55
CA CYS C 275 13.34 1.83 -14.55
C CYS C 275 13.98 3.03 -15.25
N ASP C 276 13.12 3.77 -15.94
CA ASP C 276 13.54 4.77 -16.91
C ASP C 276 13.72 6.11 -16.21
N PHE C 277 14.91 6.30 -15.63
CA PHE C 277 15.25 7.56 -14.97
C PHE C 277 15.85 8.57 -15.94
N THR C 278 15.96 8.23 -17.22
CA THR C 278 16.45 9.17 -18.22
C THR C 278 15.36 9.71 -19.13
N ILE C 279 14.32 8.93 -19.42
CA ILE C 279 13.28 9.43 -20.31
C ILE C 279 12.52 10.56 -19.64
N LEU C 280 12.32 10.47 -18.32
CA LEU C 280 11.64 11.56 -17.62
C LEU C 280 12.53 12.80 -17.54
N ARG C 281 13.78 12.63 -17.17
CA ARG C 281 14.74 13.71 -17.06
C ARG C 281 15.03 14.36 -18.41
N ASN C 282 14.73 13.69 -19.52
CA ASN C 282 14.88 14.27 -20.84
C ASN C 282 13.59 14.91 -21.34
N MET C 283 12.49 14.16 -21.38
CA MET C 283 11.21 14.67 -21.86
C MET C 283 10.51 15.55 -20.83
N LEU C 284 11.18 15.93 -19.75
CA LEU C 284 10.66 16.91 -18.81
C LEU C 284 11.51 18.16 -18.72
N ILE C 285 12.83 18.02 -18.79
CA ILE C 285 13.76 19.14 -18.69
C ILE C 285 14.43 19.44 -20.03
N ARG C 286 14.96 18.40 -20.69
CA ARG C 286 15.80 18.63 -21.86
C ARG C 286 15.00 19.08 -23.07
N THR C 287 13.86 18.44 -23.33
CA THR C 287 13.20 18.58 -24.63
C THR C 287 11.94 19.44 -24.60
N HIS C 288 10.95 19.08 -23.77
CA HIS C 288 9.61 19.62 -23.92
C HIS C 288 9.21 20.61 -22.84
N MET C 289 10.14 21.05 -21.99
CA MET C 289 9.76 21.93 -20.89
C MET C 289 9.25 23.27 -21.39
N GLN C 290 9.91 23.83 -22.41
CA GLN C 290 9.35 25.02 -23.06
C GLN C 290 8.00 24.72 -23.68
N ASP C 291 7.84 23.53 -24.25
CA ASP C 291 6.53 23.12 -24.72
C ASP C 291 5.54 22.98 -23.57
N LEU C 292 6.03 22.58 -22.40
CA LEU C 292 5.15 22.55 -21.21
C LEU C 292 4.62 23.94 -20.90
N LYS C 293 5.49 24.94 -20.89
CA LYS C 293 5.03 26.31 -20.65
C LYS C 293 4.06 26.74 -21.74
N ASP C 294 4.39 26.43 -23.00
CA ASP C 294 3.55 26.86 -24.11
C ASP C 294 2.16 26.24 -24.03
N VAL C 295 2.08 24.99 -23.60
CA VAL C 295 0.77 24.34 -23.55
C VAL C 295 0.00 24.75 -22.29
N THR C 296 0.70 25.07 -21.20
CA THR C 296 0.00 25.66 -20.06
C THR C 296 -0.60 26.99 -20.42
N ASN C 297 0.15 27.83 -21.15
N ASN C 297 0.15 27.83 -21.15
CA ASN C 297 -0.33 29.16 -21.48
CA ASN C 297 -0.33 29.16 -21.48
C ASN C 297 -1.41 29.13 -22.56
C ASN C 297 -1.41 29.13 -22.56
N ASN C 298 -1.08 28.59 -23.74
CA ASN C 298 -2.01 28.59 -24.85
C ASN C 298 -3.23 27.70 -24.62
N VAL C 299 -3.20 26.80 -23.63
CA VAL C 299 -4.35 25.95 -23.40
C VAL C 299 -4.88 26.13 -21.98
N HIS C 300 -4.10 25.75 -20.98
CA HIS C 300 -4.60 25.70 -19.61
C HIS C 300 -4.86 27.10 -19.06
N TYR C 301 -3.81 27.92 -19.01
CA TYR C 301 -3.97 29.29 -18.51
C TYR C 301 -4.99 30.04 -19.35
N GLU C 302 -5.05 29.75 -20.65
CA GLU C 302 -6.05 30.39 -21.49
C GLU C 302 -7.44 29.82 -21.25
N ASN C 303 -7.55 28.53 -20.94
CA ASN C 303 -8.86 28.00 -20.57
C ASN C 303 -9.39 28.68 -19.32
N TYR C 304 -8.53 28.87 -18.32
CA TYR C 304 -8.97 29.64 -17.15
C TYR C 304 -9.30 31.07 -17.54
N ARG C 305 -8.46 31.70 -18.36
CA ARG C 305 -8.68 33.09 -18.74
C ARG C 305 -9.98 33.28 -19.52
N SER C 306 -10.46 32.25 -20.20
CA SER C 306 -11.77 32.28 -20.83
C SER C 306 -12.84 31.66 -19.96
N ARG C 307 -12.48 31.20 -18.76
CA ARG C 307 -13.47 30.78 -17.76
C ARG C 307 -13.81 31.89 -16.78
N LYS C 308 -12.80 32.57 -16.23
CA LYS C 308 -13.06 33.65 -15.29
C LYS C 308 -13.55 34.91 -15.98
N LEU C 309 -13.14 35.13 -17.22
CA LEU C 309 -13.61 36.26 -18.01
C LEU C 309 -14.85 35.93 -18.81
N ALA C 310 -15.34 34.69 -18.72
CA ALA C 310 -16.49 34.27 -19.50
C ALA C 310 -17.70 35.16 -19.23
N ALA C 311 -18.03 35.36 -17.96
CA ALA C 311 -19.17 36.19 -17.58
C ALA C 311 -18.86 37.02 -16.34
N GLY D 24 8.32 -48.19 32.95
CA GLY D 24 7.07 -48.21 32.20
C GLY D 24 6.36 -49.55 32.27
N TYR D 25 6.24 -50.09 33.48
CA TYR D 25 5.60 -51.39 33.65
C TYR D 25 4.10 -51.28 33.96
N VAL D 26 3.71 -50.34 34.83
CA VAL D 26 2.27 -50.09 35.00
C VAL D 26 1.70 -49.52 33.71
N GLY D 27 2.48 -48.72 32.99
CA GLY D 27 2.12 -48.31 31.66
C GLY D 27 0.90 -47.41 31.54
N PHE D 28 0.76 -46.43 32.41
CA PHE D 28 -0.15 -45.34 32.10
C PHE D 28 0.51 -44.27 31.25
N ALA D 29 1.80 -44.44 30.93
CA ALA D 29 2.51 -43.54 30.04
C ALA D 29 2.09 -43.67 28.59
N ASN D 30 1.10 -44.52 28.29
CA ASN D 30 0.58 -44.66 26.95
C ASN D 30 -0.56 -43.70 26.65
N LEU D 31 -0.81 -42.73 27.53
CA LEU D 31 -1.74 -41.66 27.21
C LEU D 31 -1.34 -40.84 26.01
N PRO D 32 -0.09 -40.42 25.83
CA PRO D 32 0.25 -39.70 24.59
C PRO D 32 -0.10 -40.48 23.33
N ASN D 33 0.16 -41.79 23.31
CA ASN D 33 -0.22 -42.60 22.16
C ASN D 33 -1.72 -42.60 21.96
N GLN D 34 -2.48 -42.76 23.04
CA GLN D 34 -3.93 -42.83 22.93
C GLN D 34 -4.51 -41.53 22.39
N VAL D 35 -4.06 -40.40 22.93
CA VAL D 35 -4.60 -39.12 22.48
C VAL D 35 -4.16 -38.84 21.04
N TYR D 36 -2.93 -39.22 20.69
CA TYR D 36 -2.49 -39.11 19.30
C TYR D 36 -3.44 -39.86 18.37
N ARG D 37 -3.73 -41.12 18.70
CA ARG D 37 -4.57 -41.94 17.84
C ARG D 37 -5.99 -41.38 17.73
N LYS D 38 -6.57 -40.97 18.87
CA LYS D 38 -7.91 -40.41 18.82
C LYS D 38 -7.95 -39.12 18.00
N SER D 39 -6.96 -38.26 18.17
CA SER D 39 -6.92 -37.02 17.40
C SER D 39 -6.80 -37.30 15.91
N VAL D 40 -5.91 -38.22 15.54
CA VAL D 40 -5.73 -38.55 14.13
C VAL D 40 -7.03 -39.08 13.54
N LYS D 41 -7.70 -39.99 14.26
CA LYS D 41 -8.94 -40.55 13.74
C LYS D 41 -10.04 -39.49 13.64
N ARG D 42 -10.06 -38.53 14.57
CA ARG D 42 -11.14 -37.55 14.58
C ARG D 42 -11.08 -36.61 13.37
N GLY D 43 -9.89 -36.25 12.93
CA GLY D 43 -9.72 -35.27 11.88
C GLY D 43 -9.26 -33.93 12.43
N PHE D 44 -9.25 -32.93 11.55
CA PHE D 44 -8.80 -31.61 11.95
C PHE D 44 -9.45 -30.53 11.11
N GLU D 45 -9.37 -29.32 11.63
CA GLU D 45 -9.91 -28.13 10.98
C GLU D 45 -9.04 -26.94 11.34
N PHE D 46 -9.11 -25.91 10.50
CA PHE D 46 -8.44 -24.66 10.84
C PHE D 46 -9.08 -23.54 10.05
N THR D 47 -8.89 -22.31 10.53
CA THR D 47 -9.46 -21.14 9.88
C THR D 47 -8.52 -19.96 10.07
N LEU D 48 -8.00 -19.45 8.96
CA LEU D 48 -7.00 -18.39 8.97
C LEU D 48 -7.51 -17.23 8.14
N MET D 49 -7.33 -16.00 8.64
CA MET D 49 -7.85 -14.82 7.94
C MET D 49 -6.70 -13.86 7.64
N VAL D 50 -6.75 -13.26 6.45
CA VAL D 50 -5.72 -12.33 6.01
C VAL D 50 -6.39 -11.01 5.64
N VAL D 51 -5.81 -9.91 6.13
CA VAL D 51 -6.30 -8.58 5.83
C VAL D 51 -5.15 -7.67 5.47
N GLY D 52 -5.44 -6.68 4.65
CA GLY D 52 -4.46 -5.73 4.17
C GLY D 52 -4.96 -5.02 2.94
N GLU D 53 -4.27 -3.93 2.61
CA GLU D 53 -4.61 -3.17 1.42
C GLU D 53 -4.54 -4.05 0.19
N SER D 54 -5.55 -3.96 -0.66
CA SER D 54 -5.61 -4.80 -1.85
C SER D 54 -4.42 -4.51 -2.76
N GLY D 55 -3.81 -5.57 -3.28
CA GLY D 55 -2.64 -5.46 -4.12
C GLY D 55 -1.32 -5.59 -3.39
N LEU D 56 -1.34 -6.02 -2.13
CA LEU D 56 -0.11 -6.18 -1.35
C LEU D 56 0.51 -7.57 -1.48
N GLY D 57 -0.08 -8.44 -2.30
CA GLY D 57 0.46 -9.77 -2.47
C GLY D 57 0.02 -10.73 -1.40
N LYS D 58 -1.29 -10.85 -1.21
CA LYS D 58 -1.87 -11.75 -0.21
C LYS D 58 -2.26 -13.09 -0.79
N SER D 59 -3.03 -13.09 -1.88
CA SER D 59 -3.44 -14.35 -2.50
C SER D 59 -2.24 -15.20 -2.91
N THR D 60 -1.20 -14.55 -3.42
CA THR D 60 0.01 -15.28 -3.78
C THR D 60 0.65 -15.93 -2.56
N LEU D 61 0.71 -15.20 -1.44
CA LEU D 61 1.29 -15.77 -0.23
C LEU D 61 0.46 -16.93 0.30
N ILE D 62 -0.87 -16.81 0.24
CA ILE D 62 -1.73 -17.90 0.68
C ILE D 62 -1.53 -19.13 -0.19
N ASN D 63 -1.46 -18.95 -1.51
CA ASN D 63 -1.20 -20.08 -2.39
C ASN D 63 0.16 -20.71 -2.08
N SER D 64 1.19 -19.88 -1.88
CA SER D 64 2.52 -20.40 -1.59
C SER D 64 2.55 -21.15 -0.27
N LEU D 65 1.73 -20.75 0.70
CA LEU D 65 1.67 -21.43 1.98
C LEU D 65 1.23 -22.88 1.82
N PHE D 66 -0.01 -23.08 1.41
CA PHE D 66 -0.55 -24.42 1.18
C PHE D 66 -0.45 -24.82 -0.29
N LEU D 67 0.76 -24.65 -0.82
CA LEU D 67 1.20 -25.17 -2.12
C LEU D 67 0.19 -24.91 -3.24
N THR D 68 -0.08 -23.63 -3.47
CA THR D 68 -0.60 -23.09 -4.73
C THR D 68 -1.69 -23.94 -5.35
N ASP D 69 -2.72 -24.22 -4.57
CA ASP D 69 -3.87 -24.94 -5.12
C ASP D 69 -5.21 -24.38 -4.65
N LEU D 70 -5.24 -23.38 -3.78
CA LEU D 70 -6.49 -22.81 -3.32
C LEU D 70 -7.04 -21.83 -4.34
N TYR D 71 -6.30 -20.76 -4.62
CA TYR D 71 -6.68 -19.78 -5.63
C TYR D 71 -6.06 -20.14 -6.96
N SER D 72 -6.89 -20.21 -7.99
CA SER D 72 -6.47 -20.59 -9.33
C SER D 72 -7.47 -20.02 -10.32
N PRO D 73 -7.08 -19.86 -11.59
CA PRO D 73 -8.01 -19.33 -12.59
C PRO D 73 -9.35 -20.06 -12.66
N GLU D 74 -9.47 -21.21 -12.01
CA GLU D 74 -10.78 -21.84 -11.86
C GLU D 74 -11.61 -21.13 -10.78
N TYR D 75 -10.97 -20.61 -9.73
CA TYR D 75 -11.64 -19.82 -8.71
C TYR D 75 -10.69 -18.76 -8.18
N PRO D 76 -10.84 -17.51 -8.59
CA PRO D 76 -9.93 -16.45 -8.14
C PRO D 76 -10.41 -15.76 -6.87
N GLY D 77 -9.44 -15.36 -6.06
CA GLY D 77 -9.72 -14.77 -4.78
C GLY D 77 -9.93 -13.27 -4.84
N PRO D 78 -9.15 -12.52 -4.06
CA PRO D 78 -9.28 -11.05 -4.06
C PRO D 78 -8.49 -10.35 -5.16
N SER D 79 -8.01 -11.08 -6.17
CA SER D 79 -7.30 -10.43 -7.27
C SER D 79 -8.20 -9.44 -7.99
N HIS D 80 -9.45 -9.82 -8.25
CA HIS D 80 -10.39 -8.89 -8.86
C HIS D 80 -10.66 -7.70 -7.96
N ARG D 81 -10.79 -7.94 -6.65
CA ARG D 81 -10.93 -6.89 -5.64
C ARG D 81 -12.14 -6.00 -5.93
N ILE D 82 -13.32 -6.60 -5.82
CA ILE D 82 -14.56 -5.86 -5.93
C ILE D 82 -14.73 -5.04 -4.66
N LYS D 83 -14.37 -3.77 -4.72
CA LYS D 83 -14.24 -2.91 -3.54
C LYS D 83 -15.48 -2.09 -3.26
N LYS D 84 -16.56 -2.24 -4.02
CA LYS D 84 -17.76 -1.43 -3.79
C LYS D 84 -18.34 -1.72 -2.41
N THR D 85 -18.58 -3.00 -2.11
CA THR D 85 -19.00 -3.44 -0.79
C THR D 85 -18.02 -4.49 -0.30
N VAL D 86 -17.37 -4.21 0.83
CA VAL D 86 -16.37 -5.13 1.35
C VAL D 86 -17.09 -6.26 2.07
N GLN D 87 -17.41 -7.32 1.33
CA GLN D 87 -18.05 -8.51 1.89
C GLN D 87 -16.99 -9.59 2.06
N VAL D 88 -16.70 -9.93 3.31
CA VAL D 88 -15.66 -10.91 3.60
C VAL D 88 -16.08 -12.27 3.06
N GLU D 89 -15.14 -12.97 2.43
CA GLU D 89 -15.41 -14.26 1.82
C GLU D 89 -14.56 -15.34 2.47
N GLN D 90 -15.05 -16.57 2.41
CA GLN D 90 -14.40 -17.71 3.04
C GLN D 90 -14.41 -18.89 2.08
N SER D 91 -13.30 -19.62 2.05
CA SER D 91 -13.13 -20.77 1.18
C SER D 91 -12.73 -21.99 2.00
N LYS D 92 -13.35 -23.13 1.68
CA LYS D 92 -13.12 -24.38 2.38
C LYS D 92 -12.36 -25.34 1.48
N VAL D 93 -11.24 -25.86 1.97
CA VAL D 93 -10.41 -26.81 1.24
C VAL D 93 -10.17 -28.01 2.14
N LEU D 94 -10.04 -29.18 1.53
CA LEU D 94 -9.72 -30.42 2.26
C LEU D 94 -8.33 -30.86 1.87
N ILE D 95 -7.46 -31.10 2.86
CA ILE D 95 -6.11 -31.55 2.58
C ILE D 95 -5.82 -32.80 3.40
N LYS D 96 -5.24 -33.81 2.75
CA LYS D 96 -5.05 -35.14 3.31
C LYS D 96 -3.59 -35.60 3.16
N GLU D 97 -2.65 -34.75 3.60
CA GLU D 97 -1.24 -34.97 3.32
C GLU D 97 -0.67 -36.28 3.87
N GLY D 98 -0.59 -36.41 5.19
CA GLY D 98 0.11 -37.52 5.78
C GLY D 98 -0.78 -38.51 6.48
N GLY D 99 -1.95 -38.79 5.88
CA GLY D 99 -2.98 -39.57 6.52
C GLY D 99 -3.89 -38.76 7.40
N VAL D 100 -3.58 -37.48 7.61
CA VAL D 100 -4.39 -36.57 8.42
C VAL D 100 -5.04 -35.57 7.47
N GLN D 101 -6.37 -35.46 7.56
CA GLN D 101 -7.16 -34.64 6.67
C GLN D 101 -7.74 -33.49 7.49
N LEU D 102 -7.37 -32.26 7.17
CA LEU D 102 -8.09 -31.16 7.78
C LEU D 102 -8.88 -30.37 6.74
N LEU D 103 -9.93 -29.74 7.24
CA LEU D 103 -10.72 -28.77 6.48
C LEU D 103 -10.26 -27.38 6.87
N LEU D 104 -9.78 -26.62 5.88
CA LEU D 104 -9.12 -25.35 6.08
C LEU D 104 -9.97 -24.24 5.48
N THR D 105 -10.14 -23.15 6.24
CA THR D 105 -10.97 -22.03 5.84
C THR D 105 -10.10 -20.80 5.67
N ILE D 106 -9.85 -20.42 4.43
CA ILE D 106 -9.18 -19.16 4.14
C ILE D 106 -10.21 -18.05 4.15
N VAL D 107 -9.93 -17.00 4.92
CA VAL D 107 -10.83 -15.86 5.09
C VAL D 107 -10.15 -14.66 4.47
N ASP D 108 -10.80 -14.07 3.46
CA ASP D 108 -10.22 -12.98 2.71
C ASP D 108 -11.18 -11.80 2.66
N THR D 109 -10.60 -10.61 2.56
CA THR D 109 -11.36 -9.37 2.57
C THR D 109 -11.20 -8.66 1.24
N PRO D 110 -12.18 -8.72 0.35
CA PRO D 110 -12.08 -7.98 -0.92
C PRO D 110 -12.56 -6.54 -0.74
N GLY D 111 -11.66 -5.59 -1.03
CA GLY D 111 -12.01 -4.19 -1.00
C GLY D 111 -11.56 -3.43 0.23
N PHE D 112 -10.90 -4.06 1.19
CA PHE D 112 -10.48 -3.37 2.40
C PHE D 112 -9.41 -2.33 2.07
N GLY D 113 -9.62 -1.11 2.53
CA GLY D 113 -8.62 -0.06 2.49
C GLY D 113 -8.32 0.50 1.13
N ASP D 114 -8.69 -0.19 0.04
CA ASP D 114 -8.30 0.26 -1.29
C ASP D 114 -9.12 1.46 -1.74
N ALA D 115 -10.40 1.50 -1.37
CA ALA D 115 -11.30 2.53 -1.88
C ALA D 115 -10.90 3.91 -1.35
N VAL D 116 -11.65 4.92 -1.78
CA VAL D 116 -11.31 6.31 -1.45
C VAL D 116 -11.46 6.57 0.04
N ASP D 117 -12.44 5.96 0.68
CA ASP D 117 -12.69 6.16 2.11
C ASP D 117 -12.34 4.91 2.88
N ASN D 118 -11.59 5.07 3.97
CA ASN D 118 -11.22 4.00 4.88
C ASN D 118 -11.69 4.31 6.30
N SER D 119 -12.91 4.82 6.42
CA SER D 119 -13.46 5.23 7.71
C SER D 119 -14.16 4.05 8.36
N ASN D 120 -13.59 3.55 9.47
CA ASN D 120 -14.16 2.45 10.23
C ASN D 120 -14.42 1.25 9.33
N CYS D 121 -13.54 1.03 8.37
CA CYS D 121 -13.72 -0.04 7.40
C CYS D 121 -13.62 -1.43 8.04
N TRP D 122 -13.08 -1.51 9.25
CA TRP D 122 -12.93 -2.79 9.94
C TRP D 122 -14.24 -3.38 10.44
N GLN D 123 -15.33 -2.63 10.39
CA GLN D 123 -16.57 -3.08 11.01
C GLN D 123 -17.09 -4.41 10.44
N PRO D 124 -17.13 -4.64 9.13
CA PRO D 124 -17.59 -5.97 8.65
C PRO D 124 -16.74 -7.13 9.14
N VAL D 125 -15.44 -6.92 9.33
CA VAL D 125 -14.58 -7.97 9.88
C VAL D 125 -15.01 -8.31 11.31
N ILE D 126 -15.26 -7.28 12.11
CA ILE D 126 -15.75 -7.50 13.47
C ILE D 126 -17.09 -8.22 13.44
N ASP D 127 -17.98 -7.80 12.54
CA ASP D 127 -19.26 -8.48 12.38
C ASP D 127 -19.06 -9.96 12.11
N TYR D 128 -18.16 -10.29 11.17
CA TYR D 128 -17.94 -11.66 10.78
C TYR D 128 -17.41 -12.50 11.95
N ILE D 129 -16.35 -12.00 12.61
CA ILE D 129 -15.74 -12.77 13.69
C ILE D 129 -16.71 -12.95 14.85
N ASP D 130 -17.41 -11.88 15.23
CA ASP D 130 -18.32 -11.97 16.37
C ASP D 130 -19.55 -12.82 16.05
N SER D 131 -20.02 -12.79 14.81
CA SER D 131 -21.10 -13.68 14.42
C SER D 131 -20.64 -15.14 14.48
N LYS D 132 -19.39 -15.40 14.09
CA LYS D 132 -18.86 -16.75 14.23
C LYS D 132 -18.82 -17.18 15.69
N PHE D 133 -18.34 -16.30 16.57
CA PHE D 133 -18.35 -16.60 18.00
C PHE D 133 -19.76 -16.91 18.48
N GLU D 134 -20.74 -16.09 18.08
CA GLU D 134 -22.10 -16.28 18.55
C GLU D 134 -22.69 -17.59 18.07
N ASP D 135 -22.47 -17.94 16.80
CA ASP D 135 -23.00 -19.20 16.30
C ASP D 135 -22.33 -20.39 16.99
N TYR D 136 -21.01 -20.28 17.25
CA TYR D 136 -20.33 -21.34 17.99
C TYR D 136 -20.91 -21.48 19.40
N LEU D 137 -21.17 -20.36 20.06
CA LEU D 137 -21.76 -20.42 21.40
C LEU D 137 -23.14 -21.07 21.37
N ASN D 138 -23.97 -20.70 20.38
CA ASN D 138 -25.24 -21.37 20.23
C ASN D 138 -25.06 -22.87 19.99
N ALA D 139 -23.95 -23.25 19.34
CA ALA D 139 -23.68 -24.67 19.12
C ALA D 139 -23.41 -25.38 20.44
N GLU D 140 -22.59 -24.79 21.31
CA GLU D 140 -22.16 -25.41 22.56
C GLU D 140 -22.94 -24.90 23.76
N SER D 141 -24.21 -24.55 23.56
CA SER D 141 -25.08 -24.19 24.67
C SER D 141 -26.44 -24.88 24.62
N ARG D 142 -26.80 -25.56 23.53
CA ARG D 142 -28.05 -26.27 23.45
C ARG D 142 -27.98 -27.54 24.29
N VAL D 143 -29.15 -28.03 24.69
CA VAL D 143 -29.22 -29.29 25.41
C VAL D 143 -28.71 -30.42 24.54
N ASN D 144 -29.12 -30.44 23.27
CA ASN D 144 -28.75 -31.52 22.34
C ASN D 144 -27.46 -31.18 21.61
N ARG D 145 -26.42 -30.83 22.37
CA ARG D 145 -25.21 -30.40 21.72
C ARG D 145 -24.52 -31.58 21.06
N ARG D 146 -23.67 -31.29 20.08
CA ARG D 146 -23.13 -32.32 19.21
C ARG D 146 -21.72 -31.90 18.79
N GLN D 147 -21.18 -32.58 17.78
CA GLN D 147 -19.82 -32.32 17.30
C GLN D 147 -19.82 -31.50 16.02
N MET D 148 -20.72 -30.53 15.93
CA MET D 148 -20.78 -29.65 14.78
C MET D 148 -19.44 -28.92 14.62
N PRO D 149 -19.03 -28.65 13.38
CA PRO D 149 -17.72 -28.03 13.16
C PRO D 149 -17.66 -26.64 13.76
N ASP D 150 -16.49 -26.29 14.27
CA ASP D 150 -16.21 -24.95 14.74
C ASP D 150 -15.62 -24.11 13.62
N ASN D 151 -16.02 -22.84 13.58
CA ASN D 151 -15.64 -21.95 12.50
C ASN D 151 -14.88 -20.72 12.96
N ARG D 152 -14.79 -20.47 14.27
CA ARG D 152 -14.11 -19.28 14.77
C ARG D 152 -12.71 -19.18 14.19
N VAL D 153 -12.39 -18.01 13.64
CA VAL D 153 -11.08 -17.80 13.04
C VAL D 153 -10.01 -17.87 14.12
N GLN D 154 -8.94 -18.61 13.85
CA GLN D 154 -7.89 -18.80 14.83
C GLN D 154 -6.76 -17.79 14.71
N CYS D 155 -6.40 -17.39 13.49
CA CYS D 155 -5.26 -16.50 13.30
C CYS D 155 -5.61 -15.38 12.35
N CYS D 156 -5.00 -14.22 12.60
CA CYS D 156 -5.20 -12.99 11.84
C CYS D 156 -3.85 -12.49 11.36
N LEU D 157 -3.69 -12.36 10.05
CA LEU D 157 -2.47 -11.81 9.48
C LEU D 157 -2.75 -10.45 8.85
N TYR D 158 -2.09 -9.42 9.36
CA TYR D 158 -2.23 -8.06 8.84
C TYR D 158 -1.02 -7.72 7.98
N PHE D 159 -1.29 -7.16 6.80
CA PHE D 159 -0.24 -6.75 5.87
C PHE D 159 -0.09 -5.23 5.94
N ILE D 160 0.92 -4.77 6.68
CA ILE D 160 1.25 -3.34 6.71
C ILE D 160 2.14 -3.03 5.51
N ALA D 161 1.80 -1.98 4.78
CA ALA D 161 2.58 -1.61 3.60
C ALA D 161 3.97 -1.15 4.02
N PRO D 162 4.99 -1.45 3.23
CA PRO D 162 6.37 -1.08 3.59
C PRO D 162 6.72 0.34 3.15
N SER D 163 5.96 1.32 3.64
CA SER D 163 6.17 2.71 3.25
C SER D 163 7.52 3.22 3.74
N GLY D 164 7.89 2.89 4.98
CA GLY D 164 9.16 3.33 5.51
C GLY D 164 9.07 4.61 6.32
N HIS D 165 9.77 4.64 7.45
CA HIS D 165 9.82 5.81 8.34
C HIS D 165 8.41 6.25 8.75
N GLY D 166 7.73 5.35 9.46
CA GLY D 166 6.41 5.67 9.99
C GLY D 166 5.36 4.60 9.70
N LEU D 167 4.37 4.52 10.56
CA LEU D 167 3.29 3.56 10.44
C LEU D 167 2.02 4.28 9.99
N LYS D 168 1.32 3.71 9.03
CA LYS D 168 0.13 4.35 8.48
C LYS D 168 -0.94 4.46 9.57
N PRO D 169 -1.58 5.63 9.71
CA PRO D 169 -2.57 5.80 10.77
C PRO D 169 -3.74 4.83 10.71
N LEU D 170 -4.15 4.42 9.51
CA LEU D 170 -5.26 3.48 9.39
C LEU D 170 -4.97 2.19 10.14
N ASP D 171 -3.80 1.61 9.92
CA ASP D 171 -3.48 0.36 10.63
C ASP D 171 -3.15 0.62 12.10
N ILE D 172 -2.63 1.79 12.44
CA ILE D 172 -2.44 2.13 13.85
C ILE D 172 -3.76 2.05 14.59
N GLU D 173 -4.82 2.61 14.00
CA GLU D 173 -6.12 2.51 14.64
C GLU D 173 -6.77 1.16 14.42
N PHE D 174 -6.28 0.37 13.46
CA PHE D 174 -6.76 -0.99 13.31
C PHE D 174 -6.30 -1.87 14.47
N MET D 175 -5.01 -1.80 14.82
CA MET D 175 -4.44 -2.66 15.84
C MET D 175 -4.50 -2.07 17.25
N LYS D 176 -5.27 -1.01 17.47
CA LYS D 176 -5.64 -0.59 18.82
C LYS D 176 -7.08 -0.94 19.14
N ARG D 177 -7.77 -1.64 18.24
CA ARG D 177 -9.16 -2.01 18.44
C ARG D 177 -9.36 -3.52 18.48
N LEU D 178 -8.87 -4.25 17.48
CA LEU D 178 -9.13 -5.68 17.38
C LEU D 178 -8.14 -6.54 18.13
N HIS D 179 -7.04 -5.96 18.62
CA HIS D 179 -5.98 -6.78 19.21
C HIS D 179 -6.44 -7.49 20.47
N GLU D 180 -7.55 -7.06 21.07
CA GLU D 180 -8.14 -7.75 22.19
C GLU D 180 -9.26 -8.71 21.77
N LYS D 181 -9.30 -9.09 20.50
CA LYS D 181 -10.32 -10.03 20.04
C LYS D 181 -9.73 -11.24 19.35
N VAL D 182 -8.69 -11.06 18.52
CA VAL D 182 -8.10 -12.16 17.76
C VAL D 182 -6.59 -11.96 17.72
N ASN D 183 -5.86 -13.06 17.73
CA ASN D 183 -4.41 -13.01 17.67
C ASN D 183 -3.96 -12.39 16.36
N ILE D 184 -3.39 -11.19 16.42
CA ILE D 184 -2.91 -10.47 15.25
C ILE D 184 -1.39 -10.55 15.21
N ILE D 185 -0.85 -10.91 14.06
CA ILE D 185 0.60 -10.91 13.86
C ILE D 185 0.90 -9.95 12.72
N PRO D 186 1.44 -8.77 13.00
CA PRO D 186 1.66 -7.79 11.92
C PRO D 186 2.75 -8.26 10.97
N LEU D 187 2.49 -8.14 9.67
CA LEU D 187 3.40 -8.59 8.63
C LEU D 187 3.76 -7.44 7.71
N ILE D 188 5.05 -7.22 7.51
CA ILE D 188 5.52 -6.21 6.57
C ILE D 188 5.48 -6.81 5.17
N ALA D 189 4.35 -6.62 4.49
CA ALA D 189 4.15 -7.25 3.19
C ALA D 189 5.10 -6.68 2.14
N LYS D 190 5.45 -7.52 1.17
CA LYS D 190 6.34 -7.14 0.07
C LYS D 190 7.64 -6.56 0.61
N ALA D 191 8.21 -7.23 1.59
CA ALA D 191 9.42 -6.74 2.27
C ALA D 191 10.67 -6.92 1.45
N ASP D 192 10.57 -7.25 0.17
CA ASP D 192 11.75 -7.35 -0.69
C ASP D 192 12.21 -5.99 -1.19
N THR D 193 11.53 -4.91 -0.83
CA THR D 193 11.81 -3.58 -1.34
C THR D 193 12.41 -2.67 -0.27
N LEU D 194 13.01 -3.24 0.77
CA LEU D 194 13.53 -2.48 1.89
C LEU D 194 14.98 -2.86 2.13
N THR D 195 15.88 -1.88 2.07
CA THR D 195 17.27 -2.12 2.42
C THR D 195 17.37 -2.49 3.90
N PRO D 196 18.31 -3.37 4.26
CA PRO D 196 18.35 -3.85 5.65
C PRO D 196 18.49 -2.76 6.69
N GLU D 197 19.29 -1.72 6.45
CA GLU D 197 19.43 -0.66 7.44
C GLU D 197 18.09 0.03 7.67
N GLU D 198 17.43 0.45 6.59
CA GLU D 198 16.10 1.03 6.72
C GLU D 198 15.10 0.02 7.24
N CYS D 199 15.28 -1.27 6.91
CA CYS D 199 14.37 -2.29 7.42
C CYS D 199 14.40 -2.34 8.94
N GLN D 200 15.60 -2.43 9.53
CA GLN D 200 15.69 -2.48 10.99
C GLN D 200 15.31 -1.15 11.62
N GLN D 201 15.61 -0.02 10.97
CA GLN D 201 15.17 1.26 11.53
C GLN D 201 13.65 1.37 11.56
N PHE D 202 13.00 0.95 10.46
CA PHE D 202 11.55 0.95 10.40
C PHE D 202 10.97 0.02 11.46
N LYS D 203 11.56 -1.17 11.62
CA LYS D 203 11.07 -2.09 12.64
C LYS D 203 11.20 -1.50 14.03
N LYS D 204 12.32 -0.86 14.33
CA LYS D 204 12.51 -0.26 15.65
C LYS D 204 11.52 0.88 15.87
N GLN D 205 11.22 1.66 14.83
CA GLN D 205 10.21 2.70 14.97
C GLN D 205 8.83 2.11 15.18
N ILE D 206 8.55 0.96 14.58
CA ILE D 206 7.29 0.28 14.87
C ILE D 206 7.23 -0.13 16.34
N MET D 207 8.34 -0.65 16.87
CA MET D 207 8.36 -0.94 18.31
C MET D 207 8.16 0.32 19.14
N LYS D 208 8.75 1.45 18.72
CA LYS D 208 8.56 2.68 19.47
C LYS D 208 7.10 3.11 19.48
N GLU D 209 6.45 3.09 18.33
CA GLU D 209 5.05 3.47 18.24
C GLU D 209 4.11 2.40 18.77
N ILE D 210 4.62 1.22 19.08
CA ILE D 210 3.84 0.21 19.79
C ILE D 210 3.93 0.38 21.29
N GLN D 211 5.15 0.53 21.82
CA GLN D 211 5.37 0.77 23.23
C GLN D 211 5.28 2.24 23.60
N GLU D 212 4.68 3.05 22.73
CA GLU D 212 4.32 4.42 23.06
C GLU D 212 2.82 4.65 23.05
N HIS D 213 2.09 3.96 22.16
CA HIS D 213 0.64 4.03 22.12
C HIS D 213 -0.02 2.90 22.89
N LYS D 214 0.74 2.25 23.79
CA LYS D 214 0.23 1.18 24.65
C LYS D 214 -0.47 0.11 23.84
N ILE D 215 0.29 -0.53 22.95
CA ILE D 215 -0.20 -1.62 22.11
C ILE D 215 0.48 -2.91 22.56
N LYS D 216 -0.34 -3.89 22.90
CA LYS D 216 0.13 -5.23 23.26
C LYS D 216 -0.40 -6.20 22.22
N ILE D 217 0.52 -6.97 21.61
CA ILE D 217 0.17 -7.85 20.51
C ILE D 217 0.68 -9.25 20.86
N TYR D 218 0.30 -10.22 20.01
CA TYR D 218 0.66 -11.61 20.25
C TYR D 218 2.17 -11.77 20.30
N GLU D 219 2.66 -12.35 21.40
CA GLU D 219 4.09 -12.38 21.68
C GLU D 219 4.80 -13.64 21.16
N PHE D 220 4.05 -14.59 20.59
CA PHE D 220 4.62 -15.81 20.02
C PHE D 220 5.54 -16.52 21.02
N PRO D 221 4.99 -17.15 22.07
CA PRO D 221 5.81 -17.85 23.07
C PRO D 221 6.36 -19.17 22.54
N LYS D 234 13.68 -13.03 17.99
CA LYS D 234 14.04 -12.26 19.17
C LYS D 234 14.79 -11.00 18.79
N ILE D 235 16.12 -11.08 18.80
CA ILE D 235 16.94 -9.93 18.42
C ILE D 235 16.84 -9.68 16.92
N LYS D 236 17.30 -10.65 16.12
CA LYS D 236 17.18 -10.54 14.68
C LYS D 236 15.76 -10.83 14.20
N ASP D 237 15.07 -11.75 14.85
CA ASP D 237 13.68 -12.05 14.53
C ASP D 237 12.73 -11.26 15.43
N ARG D 238 12.91 -9.93 15.40
CA ARG D 238 12.09 -9.03 16.20
C ARG D 238 10.77 -8.80 15.49
N LEU D 239 9.66 -9.09 16.17
CA LEU D 239 8.35 -8.83 15.61
C LEU D 239 8.22 -7.34 15.29
N PRO D 240 7.56 -6.97 14.19
CA PRO D 240 6.80 -7.78 13.22
C PRO D 240 7.68 -8.60 12.30
N LEU D 241 7.06 -9.50 11.55
CA LEU D 241 7.76 -10.40 10.65
C LEU D 241 7.61 -9.93 9.21
N ALA D 242 8.60 -10.26 8.39
CA ALA D 242 8.64 -9.88 6.99
C ALA D 242 8.39 -11.10 6.13
N VAL D 243 7.55 -10.94 5.10
CA VAL D 243 7.12 -12.04 4.26
C VAL D 243 7.29 -11.69 2.79
N VAL D 244 7.54 -12.72 1.97
CA VAL D 244 7.59 -12.59 0.53
C VAL D 244 6.81 -13.76 -0.06
N GLY D 245 5.81 -13.46 -0.90
CA GLY D 245 4.98 -14.49 -1.49
C GLY D 245 5.15 -14.59 -2.98
N SER D 246 5.62 -15.75 -3.47
CA SER D 246 5.91 -15.95 -4.87
C SER D 246 5.27 -17.23 -5.36
N ASN D 247 4.92 -17.25 -6.65
CA ASN D 247 4.28 -18.39 -7.28
C ASN D 247 5.01 -18.88 -8.53
N THR D 248 5.88 -18.07 -9.11
CA THR D 248 6.58 -18.46 -10.33
C THR D 248 7.57 -19.59 -10.05
N ILE D 249 7.67 -20.53 -10.97
CA ILE D 249 8.57 -21.67 -10.84
C ILE D 249 9.84 -21.33 -11.63
N ILE D 250 10.78 -20.71 -10.94
CA ILE D 250 12.07 -20.33 -11.52
C ILE D 250 13.16 -20.47 -10.48
N GLU D 251 14.41 -20.20 -10.88
CA GLU D 251 15.57 -20.28 -9.98
C GLU D 251 15.71 -21.66 -9.35
N VAL D 257 9.51 -24.34 -7.15
CA VAL D 257 10.61 -23.42 -7.31
C VAL D 257 10.12 -21.99 -7.17
N ARG D 258 9.42 -21.72 -6.06
CA ARG D 258 8.85 -20.41 -5.80
C ARG D 258 9.93 -19.32 -5.74
N GLY D 259 9.91 -18.41 -6.70
CA GLY D 259 10.86 -17.32 -6.72
C GLY D 259 10.48 -16.30 -7.76
N ARG D 260 11.05 -15.12 -7.62
CA ARG D 260 10.85 -14.02 -8.56
C ARG D 260 12.18 -13.61 -9.17
N GLN D 261 12.19 -13.35 -10.47
CA GLN D 261 13.41 -12.99 -11.19
C GLN D 261 13.26 -11.55 -11.67
N TYR D 262 13.82 -10.62 -10.90
CA TYR D 262 13.83 -9.24 -11.36
C TYR D 262 14.99 -9.03 -12.33
N PRO D 263 14.88 -8.07 -13.24
CA PRO D 263 15.95 -7.85 -14.22
C PRO D 263 17.27 -7.42 -13.60
N TRP D 264 17.32 -7.36 -12.27
CA TRP D 264 18.56 -7.04 -11.55
C TRP D 264 18.98 -8.12 -10.56
N GLY D 265 18.20 -9.17 -10.37
CA GLY D 265 18.56 -10.19 -9.40
C GLY D 265 17.43 -11.17 -9.19
N VAL D 266 17.52 -11.91 -8.09
CA VAL D 266 16.53 -12.93 -7.75
C VAL D 266 16.02 -12.69 -6.33
N ALA D 267 14.73 -12.92 -6.14
CA ALA D 267 14.09 -12.88 -4.82
C ALA D 267 13.57 -14.28 -4.51
N GLU D 268 14.13 -14.90 -3.47
CA GLU D 268 13.76 -16.23 -3.06
C GLU D 268 13.14 -16.17 -1.67
N VAL D 269 12.14 -17.03 -1.45
CA VAL D 269 11.39 -17.00 -0.20
C VAL D 269 11.92 -18.00 0.84
N GLU D 270 12.64 -19.04 0.42
CA GLU D 270 13.11 -20.05 1.36
C GLU D 270 14.29 -19.58 2.19
N ASN D 271 15.21 -18.82 1.60
CA ASN D 271 16.38 -18.36 2.35
C ASN D 271 15.96 -17.40 3.46
N GLY D 272 16.66 -17.49 4.59
CA GLY D 272 16.31 -16.69 5.74
C GLY D 272 17.11 -15.41 5.89
N GLU D 273 18.21 -15.30 5.16
CA GLU D 273 19.05 -14.10 5.25
C GLU D 273 18.44 -12.95 4.45
N HIS D 274 17.68 -13.24 3.41
CA HIS D 274 17.03 -12.20 2.61
C HIS D 274 15.70 -11.79 3.22
N CYS D 275 14.79 -12.76 3.38
CA CYS D 275 13.50 -12.50 4.03
C CYS D 275 13.28 -13.53 5.12
N ASP D 276 12.07 -13.58 5.69
CA ASP D 276 11.80 -14.42 6.84
C ASP D 276 10.47 -15.16 6.67
N PHE D 277 10.25 -15.69 5.47
CA PHE D 277 9.03 -16.48 5.23
C PHE D 277 9.03 -17.76 6.04
N THR D 278 10.17 -18.45 6.10
CA THR D 278 10.25 -19.72 6.83
C THR D 278 10.00 -19.53 8.32
N ILE D 279 10.38 -18.38 8.87
CA ILE D 279 10.08 -18.10 10.28
C ILE D 279 8.58 -18.03 10.51
N LEU D 280 7.85 -17.36 9.61
CA LEU D 280 6.41 -17.33 9.71
C LEU D 280 5.81 -18.72 9.57
N ARG D 281 6.35 -19.53 8.66
CA ARG D 281 5.84 -20.90 8.51
C ARG D 281 6.08 -21.71 9.78
N ASN D 282 7.26 -21.57 10.39
CA ASN D 282 7.56 -22.34 11.60
C ASN D 282 6.64 -21.96 12.74
N MET D 283 6.55 -20.66 13.07
CA MET D 283 5.73 -20.23 14.19
C MET D 283 4.32 -19.80 13.78
N LEU D 284 3.80 -20.32 12.67
CA LEU D 284 2.38 -20.24 12.35
C LEU D 284 1.78 -21.61 12.10
N ILE D 285 2.45 -22.46 11.33
CA ILE D 285 1.89 -23.72 10.88
C ILE D 285 2.38 -24.86 11.76
N ARG D 286 3.71 -25.03 11.80
CA ARG D 286 4.27 -26.26 12.34
C ARG D 286 4.18 -26.33 13.86
N THR D 287 4.22 -25.18 14.54
CA THR D 287 4.50 -25.17 15.96
C THR D 287 3.38 -24.60 16.83
N HIS D 288 2.73 -23.52 16.40
CA HIS D 288 1.90 -22.76 17.32
C HIS D 288 0.42 -22.70 16.95
N MET D 289 -0.07 -23.62 16.10
CA MET D 289 -1.52 -23.65 15.91
C MET D 289 -2.25 -24.00 17.20
N GLN D 290 -1.74 -25.00 17.93
CA GLN D 290 -2.41 -25.40 19.16
C GLN D 290 -2.41 -24.27 20.18
N ASP D 291 -1.29 -23.56 20.32
CA ASP D 291 -1.27 -22.42 21.22
C ASP D 291 -2.20 -21.31 20.75
N LEU D 292 -2.30 -21.12 19.43
CA LEU D 292 -3.22 -20.10 18.91
C LEU D 292 -4.65 -20.45 19.28
N LYS D 293 -5.04 -21.71 19.12
CA LYS D 293 -6.38 -22.13 19.52
C LYS D 293 -6.58 -21.99 21.02
N ASP D 294 -5.55 -22.31 21.81
CA ASP D 294 -5.65 -22.21 23.26
C ASP D 294 -5.91 -20.76 23.67
N VAL D 295 -5.14 -19.83 23.11
CA VAL D 295 -5.34 -18.42 23.45
C VAL D 295 -6.66 -17.92 22.91
N THR D 296 -7.10 -18.40 21.75
CA THR D 296 -8.38 -17.97 21.21
C THR D 296 -9.53 -18.38 22.10
N ASN D 297 -9.55 -19.64 22.53
CA ASN D 297 -10.68 -20.18 23.28
C ASN D 297 -10.38 -20.18 24.78
N ASN D 298 -9.37 -19.43 25.21
CA ASN D 298 -9.04 -19.26 26.60
C ASN D 298 -8.94 -17.81 27.03
N VAL D 299 -8.58 -16.91 26.13
CA VAL D 299 -8.43 -15.50 26.45
C VAL D 299 -9.33 -14.59 25.63
N HIS D 300 -9.76 -15.01 24.44
CA HIS D 300 -10.59 -14.19 23.58
C HIS D 300 -12.05 -14.62 23.61
N TYR D 301 -12.32 -15.89 23.35
CA TYR D 301 -13.68 -16.41 23.54
C TYR D 301 -14.11 -16.25 24.98
N GLU D 302 -13.19 -16.46 25.92
CA GLU D 302 -13.51 -16.28 27.33
C GLU D 302 -13.93 -14.86 27.62
N ASN D 303 -13.21 -13.87 27.07
CA ASN D 303 -13.60 -12.48 27.31
C ASN D 303 -14.89 -12.13 26.61
N TYR D 304 -15.11 -12.65 25.40
CA TYR D 304 -16.37 -12.37 24.72
C TYR D 304 -17.55 -12.89 25.53
N ARG D 305 -17.41 -14.09 26.10
CA ARG D 305 -18.53 -14.62 26.89
C ARG D 305 -18.61 -13.97 28.26
N SER D 306 -17.49 -13.58 28.87
CA SER D 306 -17.54 -12.85 30.13
C SER D 306 -18.03 -11.43 29.95
N ARG D 307 -18.10 -10.94 28.71
CA ARG D 307 -18.77 -9.68 28.41
C ARG D 307 -20.26 -9.91 28.19
N LYS D 308 -20.61 -10.79 27.23
CA LYS D 308 -22.00 -11.06 26.92
C LYS D 308 -22.75 -11.58 28.13
N LEU D 309 -22.37 -12.75 28.64
CA LEU D 309 -23.10 -13.41 29.71
C LEU D 309 -23.04 -12.65 31.03
N ALA D 310 -22.17 -11.65 31.15
CA ALA D 310 -22.24 -10.74 32.28
C ALA D 310 -23.07 -9.51 31.99
N ALA D 311 -23.42 -9.28 30.72
CA ALA D 311 -24.37 -8.24 30.34
C ALA D 311 -25.76 -8.78 30.04
N VAL D 312 -25.93 -10.11 29.95
CA VAL D 312 -27.26 -10.67 29.73
C VAL D 312 -28.12 -10.44 30.97
N THR D 313 -29.43 -10.60 30.79
CA THR D 313 -30.37 -10.39 31.89
C THR D 313 -31.03 -11.69 32.31
N CYS E 14 -10.95 -40.29 -1.54
CA CYS E 14 -11.04 -38.97 -0.92
C CYS E 14 -10.55 -37.89 -1.88
N ARG E 15 -11.28 -37.71 -2.99
CA ARG E 15 -10.87 -36.76 -4.01
C ARG E 15 -11.02 -35.32 -3.51
N THR E 16 -9.90 -34.71 -3.16
CA THR E 16 -9.87 -33.35 -2.62
C THR E 16 -8.87 -32.52 -3.42
N VAL E 17 -8.59 -31.33 -2.90
CA VAL E 17 -7.53 -30.48 -3.45
C VAL E 17 -6.23 -30.78 -2.71
N PRO E 18 -5.20 -31.31 -3.38
CA PRO E 18 -3.99 -31.72 -2.66
C PRO E 18 -2.93 -30.63 -2.64
N LEU E 19 -1.82 -30.90 -1.95
CA LEU E 19 -0.66 -30.02 -1.91
C LEU E 19 0.44 -30.60 -2.80
N ALA E 20 1.64 -30.00 -2.74
CA ALA E 20 2.78 -30.49 -3.49
C ALA E 20 3.92 -30.93 -2.57
N GLY E 21 4.42 -30.08 -1.68
CA GLY E 21 5.69 -30.31 -1.04
C GLY E 21 4.88 -30.54 0.22
N HIS E 22 5.51 -30.90 1.34
CA HIS E 22 4.84 -31.42 2.52
C HIS E 22 4.92 -30.12 3.34
N VAL E 23 3.79 -29.42 3.35
CA VAL E 23 3.64 -28.08 3.95
C VAL E 23 4.32 -27.96 5.31
N GLY E 24 4.49 -29.08 6.02
CA GLY E 24 4.88 -29.02 7.41
C GLY E 24 3.63 -29.22 8.23
N PHE E 25 2.93 -30.29 7.87
CA PHE E 25 1.48 -30.38 8.07
C PHE E 25 1.08 -31.37 9.14
N ASP E 26 1.58 -32.60 9.07
CA ASP E 26 1.20 -33.68 9.99
C ASP E 26 1.93 -33.46 11.32
N SER E 27 1.67 -32.31 11.93
CA SER E 27 2.27 -31.99 13.22
C SER E 27 1.23 -31.47 14.21
N LEU E 28 -0.05 -31.57 13.88
CA LEU E 28 -1.10 -31.23 14.84
C LEU E 28 -1.15 -32.26 15.95
N PRO E 29 -1.22 -33.59 15.66
CA PRO E 29 -1.14 -34.55 16.77
C PRO E 29 0.30 -34.72 17.23
N ASP E 30 1.00 -33.60 17.30
CA ASP E 30 2.27 -33.45 18.00
C ASP E 30 2.29 -32.21 18.86
N GLN E 31 1.42 -31.23 18.58
CA GLN E 31 1.20 -30.06 19.42
C GLN E 31 0.14 -30.34 20.47
N LEU E 32 -0.91 -31.07 20.09
CA LEU E 32 -1.95 -31.43 21.04
C LEU E 32 -1.42 -32.37 22.12
N VAL E 33 -0.56 -33.33 21.73
CA VAL E 33 0.00 -34.26 22.69
C VAL E 33 0.88 -33.54 23.70
N ASN E 34 1.74 -32.65 23.22
CA ASN E 34 2.66 -31.96 24.11
C ASN E 34 1.95 -30.96 25.02
N LYS E 35 0.79 -30.45 24.59
CA LYS E 35 0.06 -29.51 25.44
C LYS E 35 -0.50 -30.19 26.68
N SER E 36 -0.97 -31.43 26.54
CA SER E 36 -1.55 -32.15 27.66
C SER E 36 -0.51 -32.70 28.62
N VAL E 37 0.67 -33.09 28.12
CA VAL E 37 1.71 -33.63 29.00
C VAL E 37 2.15 -32.57 29.99
N SER E 38 2.30 -31.33 29.53
CA SER E 38 2.81 -30.26 30.38
C SER E 38 1.86 -29.91 31.52
N GLN E 39 0.58 -30.29 31.42
CA GLN E 39 -0.38 -29.98 32.47
C GLN E 39 -0.88 -31.22 33.19
N GLY E 40 -0.29 -32.38 32.95
CA GLY E 40 -0.64 -33.58 33.68
C GLY E 40 -2.02 -34.12 33.44
N PHE E 41 -2.28 -35.35 33.90
CA PHE E 41 -3.56 -35.99 33.74
C PHE E 41 -4.22 -36.20 35.10
N CYS E 42 -5.53 -36.43 35.07
CA CYS E 42 -6.30 -36.72 36.27
C CYS E 42 -7.23 -37.89 35.99
N PHE E 43 -7.27 -38.86 36.90
CA PHE E 43 -8.05 -40.06 36.68
C PHE E 43 -8.77 -40.46 37.97
N ASN E 44 -9.91 -41.16 37.80
CA ASN E 44 -10.76 -41.52 38.93
C ASN E 44 -11.31 -42.93 38.73
N ILE E 45 -10.90 -43.84 39.62
CA ILE E 45 -11.37 -45.21 39.60
C ILE E 45 -12.30 -45.42 40.78
N LEU E 46 -13.32 -46.26 40.59
CA LEU E 46 -14.30 -46.57 41.62
C LEU E 46 -14.33 -48.07 41.83
N CYS E 47 -13.94 -48.52 43.02
CA CYS E 47 -13.95 -49.93 43.38
C CYS E 47 -15.26 -50.25 44.06
N VAL E 48 -16.11 -51.03 43.40
CA VAL E 48 -17.39 -51.43 43.96
C VAL E 48 -17.36 -52.94 44.17
N GLY E 49 -17.62 -53.35 45.40
CA GLY E 49 -17.61 -54.76 45.76
C GLY E 49 -17.70 -54.96 47.25
N GLU E 50 -18.06 -56.18 47.66
CA GLU E 50 -18.20 -56.55 49.06
C GLU E 50 -16.91 -56.28 49.84
N THR E 51 -17.02 -56.09 51.15
CA THR E 51 -15.84 -55.96 51.99
C THR E 51 -15.10 -57.29 52.09
N GLY E 52 -13.79 -57.25 51.89
CA GLY E 52 -12.95 -58.43 51.97
C GLY E 52 -12.67 -59.10 50.65
N LEU E 53 -13.22 -58.60 49.54
CA LEU E 53 -13.05 -59.26 48.26
C LEU E 53 -11.65 -59.07 47.70
N GLY E 54 -10.99 -57.96 48.03
CA GLY E 54 -9.64 -57.75 47.56
C GLY E 54 -9.40 -56.43 46.84
N LYS E 55 -10.31 -55.47 47.06
CA LYS E 55 -10.24 -54.21 46.32
C LYS E 55 -8.95 -53.46 46.61
N SER E 56 -8.62 -53.27 47.89
CA SER E 56 -7.40 -52.57 48.24
C SER E 56 -6.18 -53.33 47.75
N THR E 57 -6.17 -54.66 47.92
CA THR E 57 -5.08 -55.46 47.39
C THR E 57 -5.05 -55.44 45.87
N LEU E 58 -6.21 -55.40 45.23
CA LEU E 58 -6.22 -55.32 43.77
C LEU E 58 -5.55 -54.04 43.29
N MET E 59 -5.86 -52.91 43.92
CA MET E 59 -5.17 -51.68 43.53
C MET E 59 -3.70 -51.69 43.92
N ASP E 60 -3.36 -52.31 45.05
CA ASP E 60 -1.95 -52.39 45.44
C ASP E 60 -1.14 -53.17 44.41
N THR E 61 -1.69 -54.26 43.88
CA THR E 61 -1.00 -55.04 42.87
C THR E 61 -1.23 -54.53 41.45
N LEU E 62 -2.15 -53.59 41.27
CA LEU E 62 -2.35 -52.95 39.98
C LEU E 62 -1.44 -51.76 39.75
N PHE E 63 -1.16 -50.99 40.80
CA PHE E 63 -0.25 -49.86 40.69
C PHE E 63 1.09 -50.11 41.37
N ASN E 64 1.35 -51.35 41.79
CA ASN E 64 2.67 -51.77 42.28
C ASN E 64 3.15 -50.91 43.45
N THR E 65 2.23 -50.52 44.32
CA THR E 65 2.60 -49.75 45.51
C THR E 65 1.45 -49.76 46.49
N LYS E 66 1.76 -50.01 47.77
CA LYS E 66 0.75 -49.92 48.80
C LYS E 66 0.36 -48.46 49.00
N PHE E 67 -0.93 -48.19 49.10
CA PHE E 67 -1.42 -46.84 49.26
C PHE E 67 -1.81 -46.54 50.71
N GLU E 68 -2.78 -47.29 51.24
CA GLU E 68 -3.28 -47.09 52.59
C GLU E 68 -4.15 -48.30 52.92
N GLY E 69 -4.89 -48.20 54.01
CA GLY E 69 -6.00 -49.10 54.24
C GLY E 69 -5.89 -50.06 55.40
N GLU E 70 -6.52 -49.69 56.50
CA GLU E 70 -6.92 -50.66 57.50
C GLU E 70 -8.27 -51.23 57.12
N PRO E 71 -8.42 -52.56 57.08
CA PRO E 71 -9.65 -53.14 56.53
C PRO E 71 -10.90 -52.65 57.25
N ALA E 72 -11.96 -52.44 56.48
CA ALA E 72 -13.21 -51.98 57.07
C ALA E 72 -13.75 -53.00 58.05
N THR E 73 -14.14 -52.52 59.23
CA THR E 73 -14.72 -53.39 60.23
C THR E 73 -16.06 -53.93 59.73
N HIS E 74 -16.37 -55.17 60.11
CA HIS E 74 -17.71 -55.67 59.84
C HIS E 74 -18.78 -55.03 60.70
N THR E 75 -18.44 -54.03 61.51
CA THR E 75 -19.41 -53.29 62.30
C THR E 75 -19.65 -51.89 61.73
N GLN E 76 -19.44 -51.72 60.44
CA GLN E 76 -19.72 -50.44 59.80
C GLN E 76 -21.23 -50.28 59.68
N PRO E 77 -21.82 -49.24 60.27
CA PRO E 77 -23.29 -49.10 60.18
C PRO E 77 -23.79 -48.98 58.76
N GLY E 78 -23.03 -48.35 57.88
N GLY E 78 -23.03 -48.35 57.88
CA GLY E 78 -23.45 -48.15 56.51
CA GLY E 78 -23.45 -48.15 56.51
C GLY E 78 -22.31 -47.78 55.59
C GLY E 78 -22.31 -47.78 55.59
N VAL E 79 -22.46 -48.09 54.30
CA VAL E 79 -21.38 -47.89 53.35
C VAL E 79 -21.05 -46.42 53.21
N GLN E 80 -19.77 -46.10 53.37
CA GLN E 80 -19.20 -44.81 53.03
C GLN E 80 -18.24 -45.01 51.87
N LEU E 81 -17.54 -43.94 51.48
CA LEU E 81 -16.62 -44.00 50.35
C LEU E 81 -15.27 -43.50 50.81
N GLN E 82 -14.28 -44.40 50.84
CA GLN E 82 -12.91 -43.98 51.09
C GLN E 82 -12.36 -43.45 49.78
N SER E 83 -12.31 -42.14 49.65
CA SER E 83 -11.77 -41.47 48.47
C SER E 83 -10.40 -40.93 48.81
N ASN E 84 -9.45 -41.17 47.91
CA ASN E 84 -8.08 -40.72 48.17
C ASN E 84 -7.40 -40.38 46.87
N THR E 85 -6.81 -39.19 46.81
CA THR E 85 -6.13 -38.69 45.63
C THR E 85 -4.64 -38.68 45.88
N TYR E 86 -3.89 -39.31 44.98
CA TYR E 86 -2.45 -39.45 45.05
C TYR E 86 -1.80 -38.85 43.82
N ASP E 87 -0.48 -38.69 43.91
CA ASP E 87 0.31 -37.98 42.92
C ASP E 87 1.34 -38.90 42.28
N LEU E 88 0.94 -40.10 41.89
CA LEU E 88 1.86 -41.02 41.25
C LEU E 88 2.42 -40.43 39.97
N GLN E 89 3.58 -40.94 39.57
CA GLN E 89 4.24 -40.46 38.35
C GLN E 89 5.26 -41.50 37.92
N GLU E 90 5.12 -42.02 36.70
CA GLU E 90 6.06 -43.00 36.19
C GLU E 90 7.24 -42.32 35.50
N SER E 91 6.96 -41.57 34.44
CA SER E 91 8.01 -40.85 33.72
C SER E 91 7.34 -39.80 32.84
N ASN E 92 7.69 -38.53 33.05
CA ASN E 92 7.26 -37.44 32.19
C ASN E 92 5.74 -37.26 32.25
N VAL E 93 5.08 -38.10 33.05
CA VAL E 93 3.62 -38.11 33.12
C VAL E 93 3.21 -38.13 34.58
N ARG E 94 2.39 -37.17 34.99
CA ARG E 94 1.93 -37.07 36.37
C ARG E 94 0.42 -37.29 36.40
N LEU E 95 -0.03 -38.21 37.25
CA LEU E 95 -1.44 -38.51 37.38
C LEU E 95 -1.94 -38.06 38.75
N LYS E 96 -2.93 -37.19 38.75
CA LYS E 96 -3.77 -36.98 39.92
C LYS E 96 -4.73 -38.15 39.95
N LEU E 97 -4.33 -39.22 40.61
CA LEU E 97 -5.14 -40.42 40.68
C LEU E 97 -6.10 -40.30 41.85
N THR E 98 -7.30 -40.86 41.69
CA THR E 98 -8.30 -40.80 42.74
C THR E 98 -8.96 -42.18 42.84
N ILE E 99 -8.58 -42.92 43.86
CA ILE E 99 -9.19 -44.21 44.14
C ILE E 99 -10.36 -43.99 45.08
N VAL E 100 -11.54 -44.44 44.67
CA VAL E 100 -12.76 -44.29 45.45
C VAL E 100 -13.27 -45.68 45.74
N SER E 101 -12.98 -46.20 46.93
CA SER E 101 -13.33 -47.57 47.28
C SER E 101 -14.54 -47.56 48.21
N THR E 102 -15.53 -48.40 47.90
CA THR E 102 -16.65 -48.51 48.83
C THR E 102 -16.19 -49.12 50.15
N VAL E 103 -16.85 -48.72 51.23
CA VAL E 103 -16.55 -49.23 52.56
C VAL E 103 -17.85 -49.64 53.22
N GLY E 104 -17.96 -50.91 53.60
CA GLY E 104 -19.17 -51.41 54.20
C GLY E 104 -20.23 -51.84 53.21
N PHE E 105 -19.96 -51.77 51.91
CA PHE E 105 -20.92 -52.23 50.91
C PHE E 105 -21.19 -53.72 51.07
N GLY E 106 -22.41 -54.08 51.43
CA GLY E 106 -22.75 -55.46 51.68
C GLY E 106 -22.36 -55.96 53.04
N ASP E 107 -21.75 -55.12 53.88
CA ASP E 107 -21.41 -55.51 55.24
C ASP E 107 -22.66 -55.92 56.01
N GLN E 108 -23.61 -55.00 56.13
CA GLN E 108 -24.81 -55.24 56.91
C GLN E 108 -25.72 -56.26 56.22
N ILE E 109 -26.82 -56.58 56.90
CA ILE E 109 -27.76 -57.55 56.36
C ILE E 109 -28.69 -56.90 55.34
N ASN E 110 -29.32 -55.79 55.73
CA ASN E 110 -30.31 -55.11 54.87
C ASN E 110 -29.63 -54.38 53.73
N LYS E 111 -29.30 -55.13 52.69
CA LYS E 111 -28.58 -54.61 51.54
C LYS E 111 -29.48 -54.02 50.47
N GLU E 112 -30.80 -53.93 50.71
CA GLU E 112 -31.68 -53.35 49.71
C GLU E 112 -31.32 -51.90 49.43
N ASP E 113 -30.95 -51.16 50.45
CA ASP E 113 -30.48 -49.78 50.31
C ASP E 113 -28.95 -49.73 50.31
N SER E 114 -28.37 -50.34 49.27
CA SER E 114 -26.92 -50.48 49.17
C SER E 114 -26.28 -49.44 48.27
N TYR E 115 -26.70 -49.40 47.01
CA TYR E 115 -25.94 -48.65 46.01
C TYR E 115 -26.15 -47.15 46.11
N LYS E 116 -27.18 -46.68 46.79
CA LYS E 116 -27.46 -45.24 46.81
C LYS E 116 -26.28 -44.42 47.31
N PRO E 117 -25.69 -44.70 48.47
CA PRO E 117 -24.54 -43.90 48.91
C PRO E 117 -23.38 -43.92 47.93
N ILE E 118 -23.31 -44.90 47.04
CA ILE E 118 -22.33 -44.85 45.97
C ILE E 118 -22.82 -43.96 44.84
N VAL E 119 -24.01 -44.23 44.32
CA VAL E 119 -24.43 -43.61 43.07
C VAL E 119 -24.54 -42.10 43.23
N GLU E 120 -25.16 -41.64 44.33
CA GLU E 120 -25.23 -40.21 44.58
C GLU E 120 -23.85 -39.58 44.49
N PHE E 121 -22.85 -40.24 45.08
CA PHE E 121 -21.50 -39.72 45.05
C PHE E 121 -21.08 -39.39 43.63
N ILE E 122 -21.25 -40.34 42.72
CA ILE E 122 -20.86 -40.11 41.34
C ILE E 122 -21.57 -38.88 40.79
N ASP E 123 -22.89 -38.83 40.99
CA ASP E 123 -23.64 -37.70 40.47
C ASP E 123 -23.12 -36.39 41.07
N ALA E 124 -22.81 -36.40 42.37
CA ALA E 124 -22.28 -35.21 43.01
C ALA E 124 -21.04 -34.72 42.27
N GLN E 125 -20.14 -35.65 41.92
CA GLN E 125 -18.92 -35.24 41.24
C GLN E 125 -19.23 -34.54 39.92
N PHE E 126 -20.23 -35.05 39.20
CA PHE E 126 -20.62 -34.39 37.95
C PHE E 126 -20.85 -32.91 38.20
N GLU E 127 -21.61 -32.58 39.25
CA GLU E 127 -21.99 -31.20 39.48
C GLU E 127 -20.76 -30.30 39.50
N ALA E 128 -19.67 -30.78 40.12
CA ALA E 128 -18.45 -29.98 40.19
C ALA E 128 -18.07 -29.47 38.81
N TYR E 129 -17.84 -30.40 37.88
CA TYR E 129 -17.52 -30.00 36.51
C TYR E 129 -18.60 -29.07 35.97
N LEU E 130 -19.87 -29.48 36.09
CA LEU E 130 -20.96 -28.67 35.56
C LEU E 130 -21.04 -27.33 36.28
N GLN E 131 -20.66 -27.29 37.56
CA GLN E 131 -20.74 -26.03 38.28
C GLN E 131 -19.75 -25.02 37.71
N GLU E 132 -18.71 -25.46 37.00
CA GLU E 132 -17.82 -24.53 36.35
C GLU E 132 -18.23 -24.21 34.92
N GLU E 133 -19.23 -24.89 34.37
CA GLU E 133 -19.62 -24.59 33.00
C GLU E 133 -20.56 -23.40 32.95
N LEU E 134 -21.73 -23.51 33.58
CA LEU E 134 -22.68 -22.40 33.57
C LEU E 134 -22.15 -21.18 34.28
N LYS E 135 -21.22 -21.35 35.23
CA LYS E 135 -20.57 -20.22 35.86
C LYS E 135 -19.78 -19.43 34.81
N ILE E 136 -19.88 -18.10 34.88
CA ILE E 136 -19.33 -17.26 33.82
C ILE E 136 -17.86 -16.97 34.03
N ARG E 137 -17.39 -16.94 35.28
CA ARG E 137 -15.97 -16.74 35.53
C ARG E 137 -15.26 -18.06 35.25
N ARG E 138 -15.46 -18.59 34.04
CA ARG E 138 -14.92 -19.89 33.70
C ARG E 138 -13.41 -19.87 33.74
N VAL E 139 -12.84 -20.87 34.41
CA VAL E 139 -11.43 -21.24 34.22
C VAL E 139 -11.40 -22.76 34.09
N LEU E 140 -11.47 -23.25 32.86
CA LEU E 140 -11.50 -24.67 32.58
C LEU E 140 -10.15 -25.22 32.16
N HIS E 141 -9.11 -24.40 32.23
CA HIS E 141 -7.77 -24.85 31.88
CA HIS E 141 -7.75 -24.82 31.87
C HIS E 141 -6.88 -25.11 33.09
N THR E 142 -7.21 -24.54 34.25
CA THR E 142 -6.50 -24.82 35.49
C THR E 142 -7.44 -25.54 36.46
N TYR E 143 -8.22 -26.48 35.94
CA TYR E 143 -9.28 -27.13 36.68
C TYR E 143 -9.00 -28.62 36.78
N HIS E 144 -9.39 -29.21 37.92
CA HIS E 144 -9.15 -30.61 38.23
C HIS E 144 -10.46 -31.22 38.69
N ASP E 145 -11.21 -31.79 37.75
CA ASP E 145 -12.48 -32.41 38.09
C ASP E 145 -12.26 -33.71 38.86
N SER E 146 -13.34 -34.20 39.46
CA SER E 146 -13.29 -35.42 40.25
C SER E 146 -14.36 -36.42 39.84
N ARG E 147 -14.83 -36.35 38.60
CA ARG E 147 -15.84 -37.29 38.14
C ARG E 147 -15.28 -38.71 38.11
N ILE E 148 -16.08 -39.66 38.58
CA ILE E 148 -15.69 -41.06 38.57
C ILE E 148 -15.53 -41.52 37.13
N HIS E 149 -14.33 -41.96 36.77
CA HIS E 149 -14.06 -42.28 35.38
C HIS E 149 -14.26 -43.74 35.05
N VAL E 150 -13.94 -44.66 35.97
CA VAL E 150 -14.14 -46.09 35.72
C VAL E 150 -14.82 -46.69 36.95
N CYS E 151 -15.55 -47.78 36.72
CA CYS E 151 -16.17 -48.55 37.81
C CYS E 151 -15.79 -50.02 37.67
N LEU E 152 -14.87 -50.49 38.50
CA LEU E 152 -14.54 -51.92 38.54
C LEU E 152 -15.48 -52.59 39.52
N TYR E 153 -16.27 -53.55 39.01
CA TYR E 153 -17.30 -54.21 39.80
C TYR E 153 -16.89 -55.64 40.09
N PHE E 154 -16.79 -55.98 41.38
CA PHE E 154 -16.34 -57.31 41.77
C PHE E 154 -17.53 -58.26 41.88
N ILE E 155 -17.33 -59.50 41.45
CA ILE E 155 -18.33 -60.55 41.53
C ILE E 155 -17.78 -61.70 42.35
N ALA E 156 -18.55 -62.14 43.35
CA ALA E 156 -18.12 -63.26 44.17
C ALA E 156 -18.22 -64.56 43.39
N PRO E 157 -17.24 -65.44 43.49
CA PRO E 157 -17.24 -66.69 42.69
C PRO E 157 -18.13 -67.78 43.29
N THR E 158 -19.43 -67.52 43.29
CA THR E 158 -20.38 -68.52 43.80
C THR E 158 -20.42 -69.74 42.91
N GLY E 159 -20.40 -69.56 41.59
CA GLY E 159 -20.39 -70.65 40.65
C GLY E 159 -21.74 -70.94 40.01
N HIS E 160 -22.84 -70.48 40.61
CA HIS E 160 -24.15 -70.71 40.04
C HIS E 160 -24.54 -69.60 39.07
N SER E 161 -24.64 -68.37 39.57
CA SER E 161 -25.02 -67.21 38.78
C SER E 161 -24.52 -65.97 39.50
N LEU E 162 -25.02 -64.81 39.10
CA LEU E 162 -24.72 -63.58 39.83
C LEU E 162 -25.52 -63.54 41.13
N LYS E 163 -24.91 -63.05 42.19
CA LYS E 163 -25.66 -62.81 43.41
C LYS E 163 -26.66 -61.67 43.18
N SER E 164 -27.72 -61.68 43.98
CA SER E 164 -28.85 -60.79 43.72
C SER E 164 -28.45 -59.33 43.81
N LEU E 165 -27.73 -58.96 44.88
CA LEU E 165 -27.28 -57.57 45.01
C LEU E 165 -26.35 -57.19 43.86
N ASP E 166 -25.51 -58.14 43.43
CA ASP E 166 -24.62 -57.86 42.30
C ASP E 166 -25.43 -57.56 41.04
N LEU E 167 -26.44 -58.37 40.76
CA LEU E 167 -27.28 -58.13 39.59
C LEU E 167 -27.97 -56.79 39.68
N VAL E 168 -28.52 -56.44 40.84
CA VAL E 168 -29.30 -55.21 40.92
C VAL E 168 -28.39 -53.99 40.77
N THR E 169 -27.19 -54.02 41.37
CA THR E 169 -26.29 -52.88 41.23
C THR E 169 -25.78 -52.77 39.80
N MET E 170 -25.40 -53.90 39.18
CA MET E 170 -25.03 -53.89 37.77
C MET E 170 -26.12 -53.27 36.90
N LYS E 171 -27.38 -53.66 37.13
CA LYS E 171 -28.43 -53.18 36.26
C LYS E 171 -28.75 -51.72 36.51
N LYS E 172 -28.61 -51.23 37.75
CA LYS E 172 -28.96 -49.86 38.08
C LYS E 172 -27.72 -48.98 38.30
N LEU E 173 -26.60 -49.33 37.69
CA LEU E 173 -25.46 -48.43 37.71
C LEU E 173 -24.76 -48.36 36.35
N ASP E 174 -25.26 -49.06 35.34
CA ASP E 174 -24.60 -49.07 34.03
C ASP E 174 -24.63 -47.70 33.36
N SER E 175 -25.75 -46.99 33.46
CA SER E 175 -25.98 -45.77 32.71
C SER E 175 -25.45 -44.53 33.42
N LYS E 176 -24.51 -44.68 34.34
CA LYS E 176 -23.84 -43.55 34.97
C LYS E 176 -22.35 -43.51 34.67
N VAL E 177 -21.64 -44.61 34.90
CA VAL E 177 -20.21 -44.68 34.63
C VAL E 177 -19.91 -45.98 33.90
N ASN E 178 -18.76 -46.00 33.24
CA ASN E 178 -18.35 -47.16 32.47
C ASN E 178 -17.95 -48.27 33.42
N ILE E 179 -18.69 -49.39 33.37
CA ILE E 179 -18.49 -50.51 34.26
C ILE E 179 -17.64 -51.57 33.57
N ILE E 180 -16.78 -52.22 34.34
CA ILE E 180 -16.13 -53.45 33.92
C ILE E 180 -16.40 -54.50 34.99
N PRO E 181 -17.09 -55.59 34.66
CA PRO E 181 -17.32 -56.65 35.66
C PRO E 181 -16.16 -57.61 35.69
N ILE E 182 -15.65 -57.89 36.88
CA ILE E 182 -14.52 -58.79 37.05
C ILE E 182 -14.87 -59.79 38.15
N ILE E 183 -14.45 -61.03 37.95
CA ILE E 183 -14.68 -62.10 38.92
C ILE E 183 -13.53 -62.05 39.92
N ALA E 184 -13.82 -61.62 41.14
CA ALA E 184 -12.81 -61.51 42.16
C ALA E 184 -12.61 -62.85 42.85
N LYS E 185 -11.38 -63.08 43.30
CA LYS E 185 -11.01 -64.31 44.02
C LYS E 185 -11.28 -65.54 43.14
N ALA E 186 -10.61 -65.59 42.01
CA ALA E 186 -10.74 -66.71 41.08
C ALA E 186 -9.94 -67.92 41.51
N ASP E 187 -9.45 -67.96 42.74
CA ASP E 187 -8.79 -69.13 43.29
C ASP E 187 -9.76 -70.20 43.75
N ALA E 188 -11.04 -70.08 43.42
CA ALA E 188 -12.07 -70.93 44.01
C ALA E 188 -12.78 -71.84 43.02
N ILE E 189 -12.93 -71.44 41.76
CA ILE E 189 -13.73 -72.19 40.81
C ILE E 189 -12.83 -72.85 39.78
N SER E 190 -13.37 -73.89 39.14
CA SER E 190 -12.62 -74.71 38.20
C SER E 190 -12.90 -74.30 36.76
N LYS E 191 -11.88 -74.44 35.91
CA LYS E 191 -12.02 -74.11 34.51
C LYS E 191 -12.95 -75.07 33.78
N SER E 192 -13.11 -76.29 34.29
CA SER E 192 -14.10 -77.19 33.73
C SER E 192 -15.51 -76.65 33.92
N GLU E 193 -15.72 -75.87 34.98
CA GLU E 193 -17.01 -75.26 35.29
C GLU E 193 -17.02 -73.76 35.06
N LEU E 194 -15.85 -73.12 34.98
CA LEU E 194 -15.80 -71.69 34.73
C LEU E 194 -16.46 -71.33 33.41
N THR E 195 -16.31 -72.18 32.40
CA THR E 195 -16.92 -71.87 31.10
C THR E 195 -18.43 -71.84 31.20
N LYS E 196 -19.03 -72.82 31.87
CA LYS E 196 -20.49 -72.81 32.04
C LYS E 196 -20.92 -71.63 32.89
N PHE E 197 -20.15 -71.30 33.93
CA PHE E 197 -20.47 -70.13 34.74
C PHE E 197 -20.47 -68.87 33.89
N LYS E 198 -19.45 -68.71 33.04
CA LYS E 198 -19.34 -67.52 32.21
C LYS E 198 -20.49 -67.45 31.20
N ILE E 199 -20.82 -68.57 30.57
CA ILE E 199 -21.92 -68.58 29.62
C ILE E 199 -23.22 -68.21 30.31
N LYS E 200 -23.48 -68.78 31.49
CA LYS E 200 -24.74 -68.48 32.18
C LYS E 200 -24.82 -67.03 32.60
N ILE E 201 -23.73 -66.48 33.14
CA ILE E 201 -23.78 -65.10 33.62
C ILE E 201 -23.87 -64.13 32.46
N THR E 202 -23.17 -64.39 31.36
CA THR E 202 -23.31 -63.53 30.19
C THR E 202 -24.70 -63.65 29.58
N SER E 203 -25.28 -64.86 29.60
CA SER E 203 -26.62 -65.03 29.07
C SER E 203 -27.66 -64.29 29.89
N GLU E 204 -27.54 -64.32 31.21
CA GLU E 204 -28.48 -63.55 32.03
C GLU E 204 -28.19 -62.06 32.00
N LEU E 205 -26.94 -61.66 31.74
CA LEU E 205 -26.66 -60.25 31.46
C LEU E 205 -27.41 -59.80 30.21
N VAL E 206 -27.36 -60.61 29.15
CA VAL E 206 -28.03 -60.24 27.91
C VAL E 206 -29.54 -60.28 28.08
N SER E 207 -30.05 -61.32 28.74
CA SER E 207 -31.49 -61.46 28.92
C SER E 207 -32.06 -60.33 29.78
N ASN E 208 -31.34 -59.94 30.84
CA ASN E 208 -31.78 -58.82 31.66
C ASN E 208 -31.37 -57.48 31.09
N GLY E 209 -31.00 -57.44 29.81
CA GLY E 209 -30.73 -56.18 29.14
C GLY E 209 -29.60 -55.37 29.72
N VAL E 210 -28.76 -55.98 30.55
CA VAL E 210 -27.63 -55.27 31.13
C VAL E 210 -26.57 -55.13 30.03
N GLN E 211 -26.32 -53.90 29.60
CA GLN E 211 -25.37 -53.64 28.53
C GLN E 211 -24.05 -53.22 29.18
N ILE E 212 -23.16 -54.20 29.33
CA ILE E 212 -21.83 -53.92 29.83
C ILE E 212 -21.11 -53.02 28.84
N TYR E 213 -20.08 -52.33 29.33
CA TYR E 213 -19.14 -51.65 28.45
C TYR E 213 -18.74 -52.59 27.32
N GLN E 214 -18.95 -52.14 26.09
CA GLN E 214 -18.43 -52.84 24.92
C GLN E 214 -17.21 -52.10 24.41
N PHE E 215 -16.10 -52.81 24.29
CA PHE E 215 -14.87 -52.18 23.83
C PHE E 215 -15.08 -51.65 22.41
N PRO E 216 -14.52 -50.49 22.08
CA PRO E 216 -14.83 -49.86 20.80
C PRO E 216 -14.36 -50.69 19.63
N THR E 217 -15.18 -50.73 18.58
CA THR E 217 -14.86 -51.43 17.34
C THR E 217 -14.89 -50.47 16.16
N ASP E 218 -14.73 -49.17 16.43
CA ASP E 218 -14.75 -48.17 15.36
C ASP E 218 -13.40 -48.09 14.65
N ASP E 219 -12.35 -47.75 15.39
CA ASP E 219 -11.03 -47.65 14.79
C ASP E 219 -10.57 -49.01 14.31
N GLU E 220 -9.78 -49.01 13.23
CA GLU E 220 -9.32 -50.24 12.62
C GLU E 220 -7.89 -50.61 13.01
N SER E 221 -7.23 -49.79 13.84
CA SER E 221 -5.92 -50.18 14.33
C SER E 221 -6.03 -51.27 15.39
N VAL E 222 -7.00 -51.14 16.30
CA VAL E 222 -7.17 -52.07 17.40
C VAL E 222 -8.58 -52.67 17.36
N ALA E 223 -9.13 -52.82 16.15
CA ALA E 223 -10.51 -53.27 16.02
C ALA E 223 -10.69 -54.68 16.57
N GLU E 224 -9.87 -55.63 16.12
CA GLU E 224 -10.12 -57.02 16.44
C GLU E 224 -9.58 -57.44 17.80
N ILE E 225 -8.62 -56.72 18.36
CA ILE E 225 -8.23 -56.99 19.75
C ILE E 225 -9.40 -56.69 20.69
N ASN E 226 -10.07 -55.56 20.48
CA ASN E 226 -11.30 -55.28 21.21
C ASN E 226 -12.37 -56.30 20.86
N GLY E 227 -12.46 -56.68 19.58
CA GLY E 227 -13.46 -57.67 19.19
C GLY E 227 -13.32 -58.98 19.93
N THR E 228 -12.09 -59.45 20.10
CA THR E 228 -11.89 -60.70 20.83
C THR E 228 -12.04 -60.51 22.34
N MET E 229 -11.57 -59.40 22.88
CA MET E 229 -11.75 -59.16 24.32
C MET E 229 -13.21 -58.94 24.68
N ASN E 230 -14.07 -58.64 23.70
CA ASN E 230 -15.48 -58.46 24.00
C ASN E 230 -16.16 -59.76 24.38
N ALA E 231 -15.67 -60.89 23.87
CA ALA E 231 -16.28 -62.19 24.13
C ALA E 231 -15.71 -62.88 25.37
N HIS E 232 -14.70 -62.29 26.00
CA HIS E 232 -14.13 -62.85 27.22
C HIS E 232 -14.76 -62.29 28.49
N LEU E 233 -15.64 -61.31 28.38
CA LEU E 233 -16.27 -60.73 29.55
C LEU E 233 -17.16 -61.77 30.23
N PRO E 234 -17.17 -61.83 31.57
CA PRO E 234 -16.33 -61.05 32.49
C PRO E 234 -15.00 -61.72 32.78
N PHE E 235 -14.00 -60.93 33.18
CA PHE E 235 -12.67 -61.44 33.44
C PHE E 235 -12.61 -62.11 34.81
N ALA E 236 -11.61 -62.97 34.97
CA ALA E 236 -11.28 -63.57 36.25
C ALA E 236 -9.90 -63.06 36.67
N VAL E 237 -9.83 -62.50 37.88
CA VAL E 237 -8.63 -61.80 38.31
C VAL E 237 -8.23 -62.24 39.71
N ILE E 238 -6.94 -62.08 40.01
CA ILE E 238 -6.38 -62.36 41.31
C ILE E 238 -5.43 -61.22 41.66
N GLY E 239 -5.52 -60.73 42.90
CA GLY E 239 -4.66 -59.64 43.31
C GLY E 239 -4.08 -59.84 44.70
N SER E 240 -2.77 -59.62 44.85
CA SER E 240 -2.13 -59.89 46.12
C SER E 240 -0.79 -59.17 46.14
N THR E 241 -0.19 -59.11 47.34
CA THR E 241 1.13 -58.53 47.53
C THR E 241 2.04 -59.43 48.33
N GLU E 242 1.66 -60.70 48.55
CA GLU E 242 2.52 -61.63 49.24
C GLU E 242 3.78 -61.87 48.40
N GLU E 243 4.91 -61.37 48.86
CA GLU E 243 6.13 -61.32 48.06
C GLU E 243 6.74 -62.71 47.91
N LEU E 244 6.29 -63.44 46.89
CA LEU E 244 6.85 -64.74 46.54
C LEU E 244 7.55 -64.63 45.19
N LYS E 245 8.81 -65.05 45.15
CA LYS E 245 9.61 -65.05 43.93
C LYS E 245 9.46 -66.40 43.24
N ILE E 246 8.84 -66.43 42.07
CA ILE E 246 8.78 -67.65 41.26
C ILE E 246 10.02 -67.63 40.39
N GLY E 247 11.15 -68.01 40.98
CA GLY E 247 12.36 -68.28 40.22
C GLY E 247 13.04 -67.06 39.64
N ASN E 248 12.28 -65.99 39.43
CA ASN E 248 12.78 -64.76 38.83
C ASN E 248 12.02 -63.59 39.43
N LYS E 249 12.43 -62.38 39.05
CA LYS E 249 11.96 -61.19 39.75
C LYS E 249 10.47 -60.96 39.56
N MET E 250 9.69 -61.29 40.59
CA MET E 250 8.27 -61.01 40.68
C MET E 250 7.79 -61.41 42.07
N MET E 251 6.80 -60.68 42.57
CA MET E 251 6.32 -60.91 43.93
C MET E 251 4.82 -61.23 43.94
N ARG E 252 4.08 -60.77 42.93
CA ARG E 252 2.63 -60.81 42.95
C ARG E 252 2.18 -62.26 42.76
N ALA E 253 2.12 -62.98 43.88
CA ALA E 253 1.73 -64.38 43.89
C ALA E 253 0.85 -64.60 45.12
N ARG E 254 0.64 -65.87 45.47
CA ARG E 254 -0.19 -66.20 46.62
C ARG E 254 0.02 -67.65 47.04
N GLN E 255 0.36 -67.89 48.30
CA GLN E 255 0.71 -69.23 48.73
C GLN E 255 -0.53 -70.07 49.00
N TYR E 256 -0.31 -71.39 49.01
CA TYR E 256 -1.31 -72.40 49.30
C TYR E 256 -0.57 -73.69 49.61
N PRO E 257 -1.11 -74.53 50.51
CA PRO E 257 -0.41 -75.77 50.86
C PRO E 257 -0.26 -76.74 49.69
N TRP E 258 -1.08 -76.64 48.65
CA TRP E 258 -0.98 -77.53 47.50
C TRP E 258 -0.32 -76.88 46.30
N GLY E 259 0.15 -75.63 46.42
CA GLY E 259 0.80 -75.00 45.28
C GLY E 259 0.51 -73.52 45.13
N THR E 260 1.55 -72.75 44.85
CA THR E 260 1.43 -71.30 44.73
C THR E 260 0.60 -70.91 43.52
N VAL E 261 -0.10 -69.79 43.65
CA VAL E 261 -0.85 -69.17 42.57
C VAL E 261 -0.10 -67.95 42.09
N GLN E 262 -0.12 -67.70 40.78
CA GLN E 262 0.50 -66.52 40.19
C GLN E 262 -0.56 -65.68 39.49
N VAL E 263 -0.26 -64.40 39.32
CA VAL E 263 -1.24 -63.44 38.84
C VAL E 263 -1.00 -63.00 37.40
N GLU E 264 0.26 -62.87 36.98
CA GLU E 264 0.58 -62.36 35.65
C GLU E 264 0.67 -63.46 34.59
N ASN E 265 -0.04 -64.56 34.79
CA ASN E 265 -0.13 -65.62 33.80
C ASN E 265 -1.56 -65.66 33.26
N GLU E 266 -1.68 -65.92 31.96
CA GLU E 266 -2.99 -65.97 31.32
C GLU E 266 -3.66 -67.33 31.47
N ALA E 267 -2.96 -68.34 31.95
CA ALA E 267 -3.58 -69.65 32.16
C ALA E 267 -4.56 -69.61 33.34
N HIS E 268 -4.14 -69.01 34.46
CA HIS E 268 -4.94 -69.05 35.68
C HIS E 268 -6.03 -67.98 35.66
N CYS E 269 -5.63 -66.72 35.62
CA CYS E 269 -6.56 -65.61 35.71
C CYS E 269 -6.24 -64.58 34.65
N ASP E 270 -7.29 -64.02 34.05
CA ASP E 270 -7.13 -63.01 33.00
C ASP E 270 -6.86 -61.64 33.62
N PHE E 271 -5.77 -61.57 34.39
CA PHE E 271 -5.38 -60.30 35.00
C PHE E 271 -4.92 -59.31 33.93
N VAL E 272 -4.08 -59.76 33.01
CA VAL E 272 -3.60 -58.87 31.96
C VAL E 272 -4.74 -58.44 31.06
N LYS E 273 -5.71 -59.32 30.82
CA LYS E 273 -6.89 -58.92 30.06
C LYS E 273 -7.65 -57.81 30.76
N LEU E 274 -7.59 -57.76 32.09
CA LEU E 274 -8.18 -56.62 32.79
C LEU E 274 -7.31 -55.39 32.65
N ARG E 275 -5.99 -55.54 32.78
CA ARG E 275 -5.12 -54.38 32.68
C ARG E 275 -5.06 -53.82 31.27
N GLU E 276 -5.60 -54.53 30.29
CA GLU E 276 -5.76 -53.98 28.94
C GLU E 276 -6.86 -52.94 28.84
N MET E 277 -7.40 -52.48 29.98
CA MET E 277 -8.21 -51.27 30.00
C MET E 277 -7.42 -50.05 30.43
N LEU E 278 -6.23 -50.25 31.01
CA LEU E 278 -5.38 -49.17 31.47
C LEU E 278 -4.08 -49.08 30.67
N ILE E 279 -3.36 -50.18 30.57
CA ILE E 279 -1.96 -50.14 30.14
C ILE E 279 -1.85 -49.59 28.73
N ARG E 280 -2.72 -49.98 27.84
CA ARG E 280 -2.43 -49.49 26.50
C ARG E 280 -3.61 -48.83 25.81
N VAL E 281 -4.81 -49.37 25.93
CA VAL E 281 -5.78 -49.16 24.86
C VAL E 281 -6.86 -48.15 25.19
N ASN E 282 -7.69 -48.43 26.20
CA ASN E 282 -9.02 -47.85 26.24
C ASN E 282 -9.24 -46.85 27.36
N MET E 283 -8.21 -46.32 28.00
CA MET E 283 -8.54 -45.55 29.20
C MET E 283 -8.73 -44.07 28.91
N GLU E 284 -7.98 -43.51 27.94
CA GLU E 284 -8.34 -42.21 27.41
C GLU E 284 -9.72 -42.26 26.78
N ASP E 285 -10.05 -43.38 26.12
CA ASP E 285 -11.38 -43.55 25.58
C ASP E 285 -12.42 -43.63 26.69
N LEU E 286 -12.06 -44.22 27.83
CA LEU E 286 -12.96 -44.22 28.98
C LEU E 286 -13.26 -42.81 29.45
N ARG E 287 -12.23 -41.98 29.55
CA ARG E 287 -12.44 -40.58 29.92
C ARG E 287 -13.38 -39.91 28.93
N GLU E 288 -13.09 -40.06 27.62
CA GLU E 288 -13.93 -39.43 26.61
C GLU E 288 -15.34 -39.96 26.67
N GLN E 289 -15.52 -41.24 26.93
CA GLN E 289 -16.83 -41.88 26.94
C GLN E 289 -17.67 -41.40 28.12
N THR E 290 -17.04 -41.22 29.28
CA THR E 290 -17.74 -40.55 30.37
C THR E 290 -18.13 -39.14 29.97
N HIS E 291 -17.26 -38.47 29.22
CA HIS E 291 -17.54 -37.09 28.82
C HIS E 291 -18.59 -36.97 27.73
N THR E 292 -18.88 -38.05 26.99
CA THR E 292 -19.66 -37.91 25.77
C THR E 292 -20.97 -38.70 25.75
N ARG E 293 -21.09 -39.80 26.49
CA ARG E 293 -22.35 -40.53 26.52
C ARG E 293 -22.95 -40.67 27.91
N HIS E 294 -22.17 -40.47 28.97
CA HIS E 294 -22.69 -40.45 30.32
C HIS E 294 -22.98 -39.02 30.77
N TYR E 295 -21.98 -38.14 30.66
CA TYR E 295 -22.18 -36.75 31.03
C TYR E 295 -23.27 -36.10 30.18
N GLU E 296 -23.27 -36.39 28.88
CA GLU E 296 -24.30 -35.82 28.01
C GLU E 296 -25.67 -36.38 28.36
N LEU E 297 -25.74 -37.66 28.74
CA LEU E 297 -27.03 -38.22 29.14
C LEU E 297 -27.53 -37.57 30.42
N TYR E 298 -26.63 -37.30 31.36
CA TYR E 298 -27.02 -36.60 32.57
C TYR E 298 -27.46 -35.17 32.26
N ARG E 299 -26.84 -34.55 31.26
CA ARG E 299 -27.26 -33.21 30.86
C ARG E 299 -28.65 -33.23 30.23
N ARG E 300 -28.91 -34.22 29.37
CA ARG E 300 -30.26 -34.40 28.80
C ARG E 300 -31.30 -34.63 29.88
N CYS E 301 -31.02 -35.50 30.85
CA CYS E 301 -31.99 -35.80 31.88
C CYS E 301 -32.15 -34.68 32.91
N LYS E 302 -31.13 -33.83 33.06
CA LYS E 302 -31.20 -32.74 34.03
C LYS E 302 -31.63 -31.43 33.41
N LEU E 303 -31.21 -31.13 32.18
CA LEU E 303 -31.62 -29.86 31.58
C LEU E 303 -33.02 -29.99 31.01
N GLU E 304 -33.92 -30.52 31.84
CA GLU E 304 -35.36 -30.44 31.66
C GLU E 304 -36.06 -30.01 32.95
N GLU E 305 -35.39 -30.11 34.10
CA GLU E 305 -35.78 -29.42 35.32
C GLU E 305 -35.00 -28.13 35.52
N MET E 306 -33.88 -27.97 34.83
CA MET E 306 -33.03 -26.79 34.97
C MET E 306 -33.69 -25.56 34.36
N GLY E 307 -34.86 -25.75 33.74
CA GLY E 307 -35.56 -24.63 33.14
C GLY E 307 -34.81 -23.95 32.03
N PHE E 308 -33.82 -24.61 31.44
CA PHE E 308 -33.02 -24.05 30.36
C PHE E 308 -33.41 -24.75 29.06
N LYS E 309 -34.38 -24.15 28.37
CA LYS E 309 -34.92 -24.68 27.12
C LYS E 309 -35.50 -26.08 27.32
N GLU F 4 -32.64 -93.03 62.38
CA GLU F 4 -32.17 -92.86 63.74
C GLU F 4 -31.57 -91.48 63.95
N PHE F 5 -30.63 -91.12 63.08
CA PHE F 5 -29.90 -89.87 63.18
C PHE F 5 -30.39 -88.88 62.13
N THR F 6 -30.21 -87.60 62.42
CA THR F 6 -30.56 -86.54 61.48
C THR F 6 -29.61 -85.37 61.70
N LEU F 7 -29.07 -84.84 60.60
CA LEU F 7 -28.03 -83.83 60.63
C LEU F 7 -28.47 -82.63 59.78
N MET F 8 -28.18 -81.43 60.26
CA MET F 8 -28.51 -80.20 59.54
C MET F 8 -27.25 -79.56 59.00
N VAL F 9 -27.33 -79.04 57.78
CA VAL F 9 -26.29 -78.19 57.22
C VAL F 9 -26.93 -76.89 56.76
N VAL F 10 -26.37 -75.77 57.20
CA VAL F 10 -26.87 -74.47 56.80
C VAL F 10 -25.71 -73.61 56.33
N GLY F 11 -26.00 -72.66 55.46
CA GLY F 11 -24.98 -71.78 54.95
C GLY F 11 -25.49 -71.03 53.74
N GLU F 12 -24.72 -70.03 53.35
CA GLU F 12 -25.04 -69.25 52.17
C GLU F 12 -25.01 -70.12 50.93
N SER F 13 -26.01 -69.98 50.06
CA SER F 13 -26.05 -70.77 48.84
C SER F 13 -24.85 -70.43 47.95
N GLY F 14 -24.21 -71.47 47.42
CA GLY F 14 -23.05 -71.32 46.59
C GLY F 14 -21.73 -71.61 47.27
N LEU F 15 -21.73 -71.80 48.60
CA LEU F 15 -20.51 -72.13 49.31
C LEU F 15 -20.02 -73.54 49.02
N GLY F 16 -20.82 -74.37 48.38
CA GLY F 16 -20.42 -75.74 48.12
C GLY F 16 -20.72 -76.66 49.29
N LYS F 17 -21.99 -76.68 49.71
CA LYS F 17 -22.41 -77.54 50.80
C LYS F 17 -23.11 -78.81 50.35
N SER F 18 -23.82 -78.76 49.22
CA SER F 18 -24.37 -79.98 48.66
C SER F 18 -23.28 -80.96 48.27
N THR F 19 -22.21 -80.46 47.66
CA THR F 19 -21.12 -81.33 47.25
C THR F 19 -20.44 -81.97 48.45
N LEU F 20 -20.24 -81.22 49.52
CA LEU F 20 -19.61 -81.79 50.71
C LEU F 20 -20.49 -82.88 51.33
N ILE F 21 -21.79 -82.63 51.44
CA ILE F 21 -22.67 -83.62 52.04
C ILE F 21 -22.83 -84.83 51.13
N ASN F 22 -22.61 -84.67 49.83
CA ASN F 22 -22.50 -85.83 48.95
C ASN F 22 -21.22 -86.61 49.25
N SER F 23 -20.11 -85.89 49.44
CA SER F 23 -18.83 -86.53 49.69
C SER F 23 -18.79 -87.21 51.06
N LEU F 24 -19.67 -86.84 51.98
CA LEU F 24 -19.70 -87.53 53.27
C LEU F 24 -20.23 -88.95 53.11
N PHE F 25 -21.27 -89.13 52.30
CA PHE F 25 -21.96 -90.41 52.19
C PHE F 25 -21.77 -91.09 50.84
N LEU F 26 -20.90 -90.54 49.98
CA LEU F 26 -20.55 -91.16 48.71
C LEU F 26 -21.74 -91.37 47.80
N THR F 27 -22.76 -90.52 47.91
CA THR F 27 -23.99 -90.70 47.15
C THR F 27 -24.49 -89.36 46.63
N ASP F 28 -25.26 -89.42 45.56
CA ASP F 28 -26.02 -88.27 45.06
C ASP F 28 -27.48 -88.46 45.44
N LEU F 29 -28.07 -87.42 46.02
CA LEU F 29 -29.42 -87.57 46.54
C LEU F 29 -30.30 -86.35 46.29
N TYR F 30 -29.96 -85.53 45.31
CA TYR F 30 -30.84 -84.47 44.78
C TYR F 30 -30.91 -84.65 43.27
N PRO F 31 -31.79 -85.55 42.81
CA PRO F 31 -31.78 -85.93 41.38
C PRO F 31 -32.01 -84.77 40.42
N GLU F 32 -33.17 -84.11 40.52
CA GLU F 32 -33.49 -82.94 39.69
C GLU F 32 -33.59 -81.71 40.58
N ARG F 33 -32.53 -80.91 40.57
CA ARG F 33 -32.55 -79.56 41.14
C ARG F 33 -31.98 -78.61 40.12
N VAL F 34 -32.69 -77.52 39.86
CA VAL F 34 -32.27 -76.51 38.91
C VAL F 34 -31.82 -75.29 39.70
N ILE F 35 -30.52 -74.99 39.65
CA ILE F 35 -30.01 -73.80 40.31
C ILE F 35 -30.61 -72.59 39.60
N PRO F 36 -31.30 -71.71 40.31
CA PRO F 36 -32.04 -70.64 39.65
C PRO F 36 -31.11 -69.60 39.05
N GLY F 37 -31.68 -68.80 38.15
CA GLY F 37 -30.95 -67.69 37.58
C GLY F 37 -30.95 -66.48 38.50
N ALA F 38 -29.99 -65.60 38.26
CA ALA F 38 -29.88 -64.39 39.07
C ALA F 38 -31.12 -63.52 38.95
N ALA F 39 -31.84 -63.62 37.83
CA ALA F 39 -32.94 -62.71 37.56
C ALA F 39 -34.11 -62.90 38.52
N GLU F 40 -34.32 -64.10 39.04
CA GLU F 40 -35.48 -64.34 39.90
C GLU F 40 -35.13 -64.79 41.31
N LYS F 41 -33.86 -65.07 41.61
CA LYS F 41 -33.44 -65.31 42.98
C LYS F 41 -33.18 -64.01 43.74
N ILE F 42 -33.68 -62.89 43.23
CA ILE F 42 -33.49 -61.60 43.88
C ILE F 42 -34.07 -61.62 45.29
N GLU F 43 -35.29 -62.13 45.43
CA GLU F 43 -35.96 -62.24 46.72
C GLU F 43 -36.52 -63.65 46.90
N ARG F 44 -35.67 -64.64 46.64
CA ARG F 44 -36.10 -66.03 46.78
C ARG F 44 -36.27 -66.38 48.25
N THR F 45 -37.03 -67.45 48.50
CA THR F 45 -37.35 -67.88 49.84
C THR F 45 -36.46 -69.06 50.24
N VAL F 46 -36.76 -69.65 51.40
CA VAL F 46 -36.03 -70.80 51.92
C VAL F 46 -37.02 -71.90 52.24
N GLN F 47 -36.67 -73.13 51.86
CA GLN F 47 -37.53 -74.29 52.05
C GLN F 47 -36.79 -75.31 52.92
N ILE F 48 -37.41 -76.48 53.09
CA ILE F 48 -36.81 -77.59 53.82
C ILE F 48 -36.59 -78.72 52.82
N GLU F 49 -35.34 -79.13 52.66
CA GLU F 49 -34.99 -80.26 51.79
C GLU F 49 -34.45 -81.37 52.68
N ALA F 50 -35.29 -82.34 52.99
CA ALA F 50 -34.93 -83.47 53.82
C ALA F 50 -34.89 -84.72 52.94
N SER F 51 -33.74 -85.40 52.93
CA SER F 51 -33.55 -86.56 52.09
C SER F 51 -33.04 -87.73 52.93
N THR F 52 -33.68 -88.88 52.78
CA THR F 52 -33.33 -90.07 53.54
C THR F 52 -32.39 -90.96 52.72
N VAL F 53 -31.38 -91.52 53.38
CA VAL F 53 -30.41 -92.38 52.73
C VAL F 53 -29.91 -93.38 53.75
N GLU F 54 -29.58 -94.59 53.28
CA GLU F 54 -29.20 -95.70 54.15
C GLU F 54 -27.68 -95.82 54.17
N ILE F 55 -27.10 -95.69 55.37
CA ILE F 55 -25.69 -95.93 55.59
C ILE F 55 -25.54 -96.72 56.89
N GLU F 56 -24.71 -97.76 56.86
CA GLU F 56 -24.32 -98.51 58.06
C GLU F 56 -22.82 -98.71 58.10
N GLU F 57 -22.06 -97.65 57.79
CA GLU F 57 -20.61 -97.77 57.66
C GLU F 57 -19.94 -98.13 58.98
N ARG F 58 -20.38 -97.51 60.08
CA ARG F 58 -19.77 -97.74 61.39
C ARG F 58 -20.71 -98.43 62.36
N GLY F 59 -21.98 -98.05 62.39
CA GLY F 59 -22.94 -98.66 63.27
C GLY F 59 -23.47 -99.97 62.74
N VAL F 60 -24.79 -100.17 62.85
CA VAL F 60 -25.45 -101.38 62.37
C VAL F 60 -26.51 -101.07 61.31
N LYS F 61 -27.36 -100.08 61.59
CA LYS F 61 -28.37 -99.65 60.62
C LYS F 61 -28.77 -98.23 60.96
N LEU F 62 -28.32 -97.26 60.16
CA LEU F 62 -28.64 -95.85 60.37
C LEU F 62 -29.16 -95.30 59.04
N ARG F 63 -30.45 -95.47 58.81
CA ARG F 63 -31.10 -94.89 57.63
C ARG F 63 -31.38 -93.41 57.88
N LEU F 64 -30.29 -92.67 58.10
CA LEU F 64 -30.39 -91.27 58.51
C LEU F 64 -30.90 -90.41 57.36
N THR F 65 -31.41 -89.24 57.72
CA THR F 65 -31.86 -88.25 56.76
C THR F 65 -31.09 -86.96 56.98
N VAL F 66 -30.63 -86.37 55.87
CA VAL F 66 -29.93 -85.10 55.91
C VAL F 66 -30.90 -84.00 55.51
N VAL F 67 -30.94 -82.93 56.28
CA VAL F 67 -31.81 -81.80 56.02
C VAL F 67 -30.94 -80.58 55.70
N ASP F 68 -31.20 -79.96 54.56
CA ASP F 68 -30.55 -78.72 54.20
C ASP F 68 -31.60 -77.73 53.73
N THR F 69 -31.28 -76.45 53.91
CA THR F 69 -32.21 -75.37 53.60
C THR F 69 -31.74 -74.64 52.35
N PRO F 70 -32.35 -74.89 51.19
CA PRO F 70 -31.98 -74.13 50.00
C PRO F 70 -32.45 -72.69 50.10
N GLY F 71 -31.71 -71.80 49.45
CA GLY F 71 -32.07 -70.40 49.41
C GLY F 71 -32.06 -69.72 50.77
N TYR F 72 -30.99 -69.94 51.53
CA TYR F 72 -30.81 -69.30 52.83
C TYR F 72 -29.85 -68.13 52.70
N GLY F 73 -30.32 -66.94 53.06
CA GLY F 73 -29.49 -65.75 53.03
C GLY F 73 -29.15 -65.29 51.63
N ASP F 74 -29.70 -65.96 50.63
CA ASP F 74 -29.38 -65.62 49.24
C ASP F 74 -29.98 -64.29 48.83
N ALA F 75 -31.17 -63.97 49.33
CA ALA F 75 -31.83 -62.74 48.96
C ALA F 75 -31.07 -61.53 49.50
N ILE F 76 -31.24 -60.40 48.81
CA ILE F 76 -30.58 -59.16 49.18
C ILE F 76 -30.88 -58.74 50.61
N ASN F 77 -32.13 -58.88 51.06
CA ASN F 77 -32.49 -58.53 52.43
C ASN F 77 -33.13 -59.76 53.05
N CYS F 78 -32.51 -60.29 54.11
N CYS F 78 -32.51 -60.26 54.12
CA CYS F 78 -33.06 -61.43 54.82
CA CYS F 78 -33.01 -61.45 54.81
C CYS F 78 -34.35 -61.02 55.51
C CYS F 78 -34.30 -61.10 55.54
N ARG F 79 -35.48 -61.47 54.97
N ARG F 79 -35.43 -61.47 54.95
CA ARG F 79 -36.79 -61.16 55.53
CA ARG F 79 -36.74 -61.18 55.52
C ARG F 79 -37.08 -62.14 56.68
C ARG F 79 -37.04 -62.16 56.65
N ASP F 80 -36.29 -62.00 57.74
CA ASP F 80 -36.33 -62.89 58.90
C ASP F 80 -36.15 -64.34 58.46
N CYS F 81 -34.99 -64.61 57.87
N CYS F 81 -34.98 -64.61 57.89
CA CYS F 81 -34.70 -65.94 57.34
CA CYS F 81 -34.69 -65.93 57.35
C CYS F 81 -34.39 -66.96 58.42
C CYS F 81 -34.55 -67.00 58.43
N PHE F 82 -34.50 -66.62 59.70
CA PHE F 82 -34.33 -67.59 60.77
C PHE F 82 -35.61 -68.38 61.05
N LYS F 83 -36.73 -68.00 60.44
CA LYS F 83 -38.02 -68.54 60.86
C LYS F 83 -38.12 -70.04 60.59
N THR F 84 -37.84 -70.47 59.36
CA THR F 84 -38.09 -71.85 58.98
C THR F 84 -37.20 -72.82 59.77
N ILE F 85 -35.94 -72.47 59.98
CA ILE F 85 -35.01 -73.38 60.63
C ILE F 85 -35.37 -73.58 62.10
N ILE F 86 -35.60 -72.48 62.82
CA ILE F 86 -35.95 -72.58 64.24
C ILE F 86 -37.31 -73.25 64.40
N SER F 87 -38.26 -72.92 63.51
CA SER F 87 -39.55 -73.60 63.53
C SER F 87 -39.37 -75.10 63.30
N TYR F 88 -38.48 -75.47 62.38
CA TYR F 88 -38.23 -76.86 62.07
C TYR F 88 -37.69 -77.61 63.29
N ILE F 89 -36.71 -77.00 63.98
CA ILE F 89 -36.13 -77.64 65.15
C ILE F 89 -37.17 -77.78 66.27
N ASP F 90 -37.95 -76.72 66.52
CA ASP F 90 -38.97 -76.80 67.55
C ASP F 90 -40.02 -77.85 67.21
N GLU F 91 -40.45 -77.90 65.95
CA GLU F 91 -41.41 -78.90 65.52
C GLU F 91 -40.85 -80.31 65.69
N GLN F 92 -39.57 -80.50 65.38
CA GLN F 92 -38.98 -81.82 65.55
C GLN F 92 -38.92 -82.24 67.02
N PHE F 93 -38.51 -81.31 67.90
CA PHE F 93 -38.51 -81.67 69.32
C PHE F 93 -39.90 -81.99 69.82
N GLU F 94 -40.91 -81.22 69.43
CA GLU F 94 -42.26 -81.51 69.90
C GLU F 94 -42.80 -82.81 69.32
N ARG F 95 -42.42 -83.13 68.08
CA ARG F 95 -42.88 -84.37 67.46
C ARG F 95 -42.25 -85.59 68.12
N TYR F 96 -40.93 -85.53 68.37
CA TYR F 96 -40.28 -86.67 69.01
C TYR F 96 -40.73 -86.82 70.46
N LEU F 97 -40.79 -85.70 71.19
CA LEU F 97 -41.22 -85.74 72.58
C LEU F 97 -42.71 -86.00 72.73
N HIS F 98 -43.45 -86.05 71.62
CA HIS F 98 -44.83 -86.54 71.67
C HIS F 98 -44.91 -87.95 72.22
N ASP F 99 -43.83 -88.72 72.09
CA ASP F 99 -43.78 -90.09 72.59
C ASP F 99 -43.89 -90.12 74.11
N ILE F 108 -37.67 -95.21 67.58
CA ILE F 108 -38.84 -94.39 67.85
C ILE F 108 -38.60 -92.96 67.39
N ILE F 109 -37.32 -92.58 67.35
CA ILE F 109 -36.96 -91.23 66.96
C ILE F 109 -37.28 -91.02 65.49
N ASP F 110 -37.96 -89.91 65.18
CA ASP F 110 -38.28 -89.62 63.78
C ASP F 110 -37.08 -88.95 63.10
N ASN F 111 -36.80 -87.70 63.48
CA ASN F 111 -35.53 -87.10 63.08
C ASN F 111 -34.76 -86.55 64.27
N ARG F 112 -35.38 -85.63 65.01
CA ARG F 112 -34.79 -84.99 66.20
C ARG F 112 -33.35 -84.56 65.93
N VAL F 113 -33.22 -83.57 65.05
CA VAL F 113 -31.93 -83.08 64.56
C VAL F 113 -30.92 -82.96 65.69
N HIS F 114 -29.76 -83.57 65.53
CA HIS F 114 -28.77 -83.68 66.59
C HIS F 114 -27.61 -82.70 66.43
N CYS F 115 -27.08 -82.54 65.23
CA CYS F 115 -25.96 -81.64 64.98
C CYS F 115 -26.31 -80.69 63.85
N CYS F 116 -25.72 -79.49 63.90
CA CYS F 116 -26.00 -78.44 62.92
C CYS F 116 -24.68 -77.82 62.47
N PHE F 117 -24.25 -78.18 61.28
CA PHE F 117 -23.10 -77.56 60.65
C PHE F 117 -23.48 -76.18 60.14
N TYR F 118 -22.70 -75.17 60.48
CA TYR F 118 -22.86 -73.83 59.92
C TYR F 118 -21.65 -73.52 59.06
N PHE F 119 -21.88 -73.35 57.77
CA PHE F 119 -20.79 -73.02 56.85
C PHE F 119 -20.55 -71.52 56.84
N ILE F 120 -19.29 -71.13 56.89
CA ILE F 120 -18.88 -69.74 56.96
C ILE F 120 -18.07 -69.40 55.72
N SER F 121 -18.45 -68.33 55.03
CA SER F 121 -17.71 -67.91 53.85
C SER F 121 -16.31 -67.46 54.25
N PRO F 122 -15.28 -67.87 53.51
CA PRO F 122 -13.91 -67.48 53.84
C PRO F 122 -13.41 -66.23 53.15
N PHE F 123 -14.24 -65.60 52.30
CA PHE F 123 -13.78 -64.44 51.55
C PHE F 123 -13.63 -63.22 52.46
N GLY F 124 -14.52 -63.05 53.42
CA GLY F 124 -14.51 -61.86 54.26
C GLY F 124 -13.40 -61.82 55.29
N HIS F 125 -13.60 -61.01 56.33
CA HIS F 125 -12.63 -60.85 57.41
C HIS F 125 -13.06 -61.55 58.69
N GLY F 126 -14.20 -62.22 58.68
CA GLY F 126 -14.68 -62.88 59.89
C GLY F 126 -16.18 -63.11 59.82
N LEU F 127 -16.80 -63.22 60.99
CA LEU F 127 -18.22 -63.46 61.09
C LEU F 127 -18.98 -62.24 60.57
N LYS F 128 -19.54 -62.36 59.38
CA LYS F 128 -20.43 -61.32 58.90
C LYS F 128 -21.65 -61.25 59.82
N PRO F 129 -22.13 -60.04 60.15
CA PRO F 129 -23.09 -59.90 61.26
C PRO F 129 -24.30 -60.83 61.21
N LEU F 130 -24.64 -61.35 60.04
CA LEU F 130 -25.71 -62.34 59.98
C LEU F 130 -25.28 -63.65 60.63
N ASP F 131 -24.01 -64.02 60.51
CA ASP F 131 -23.51 -65.22 61.18
C ASP F 131 -23.61 -65.06 62.69
N VAL F 132 -23.20 -63.90 63.21
CA VAL F 132 -23.32 -63.63 64.63
C VAL F 132 -24.78 -63.64 65.04
N ALA F 133 -25.67 -63.10 64.21
CA ALA F 133 -27.09 -63.13 64.51
C ALA F 133 -27.59 -64.56 64.67
N PHE F 134 -27.22 -65.43 63.72
CA PHE F 134 -27.69 -66.80 63.77
C PHE F 134 -27.13 -67.55 64.98
N MET F 135 -25.82 -67.43 65.22
CA MET F 135 -25.23 -68.13 66.36
C MET F 135 -25.57 -67.48 67.70
N LYS F 136 -26.16 -66.30 67.71
CA LYS F 136 -26.72 -65.75 68.93
C LYS F 136 -28.19 -66.11 69.10
N ALA F 137 -28.87 -66.48 68.01
CA ALA F 137 -30.26 -66.89 68.10
C ALA F 137 -30.43 -68.37 68.40
N ILE F 138 -29.56 -69.24 67.88
CA ILE F 138 -29.82 -70.67 67.91
C ILE F 138 -28.97 -71.41 68.95
N HIS F 139 -27.84 -70.85 69.38
CA HIS F 139 -26.83 -71.62 70.09
C HIS F 139 -27.34 -72.31 71.36
N ASN F 140 -28.55 -71.98 71.82
CA ASN F 140 -29.12 -72.63 72.99
C ASN F 140 -30.15 -73.69 72.61
N LYS F 141 -30.13 -74.17 71.36
CA LYS F 141 -31.10 -75.16 70.92
C LYS F 141 -30.47 -76.44 70.37
N VAL F 142 -29.42 -76.33 69.55
CA VAL F 142 -28.81 -77.49 68.91
C VAL F 142 -27.30 -77.40 69.05
N ASN F 143 -26.63 -78.49 68.69
CA ASN F 143 -25.17 -78.57 68.73
C ASN F 143 -24.64 -77.86 67.49
N ILE F 144 -24.19 -76.62 67.68
CA ILE F 144 -23.65 -75.81 66.58
C ILE F 144 -22.21 -76.23 66.33
N VAL F 145 -21.88 -76.48 65.07
CA VAL F 145 -20.50 -76.75 64.68
C VAL F 145 -20.11 -75.77 63.58
N PRO F 146 -19.20 -74.84 63.84
CA PRO F 146 -18.77 -73.91 62.78
C PRO F 146 -17.79 -74.59 61.85
N VAL F 147 -18.02 -74.45 60.54
CA VAL F 147 -17.19 -75.07 59.53
C VAL F 147 -16.93 -74.03 58.45
N ILE F 148 -15.66 -73.77 58.15
CA ILE F 148 -15.30 -72.77 57.16
C ILE F 148 -15.42 -73.41 55.77
N ALA F 149 -16.46 -73.02 55.04
CA ALA F 149 -16.69 -73.60 53.72
C ALA F 149 -15.68 -73.08 52.71
N LYS F 150 -15.52 -73.84 51.63
CA LYS F 150 -14.60 -73.47 50.55
C LYS F 150 -13.22 -73.12 51.10
N ALA F 151 -12.72 -73.97 51.97
CA ALA F 151 -11.45 -73.70 52.65
C ALA F 151 -10.27 -73.79 51.74
N ASP F 152 -10.45 -73.98 50.44
CA ASP F 152 -9.34 -74.02 49.51
C ASP F 152 -9.01 -72.66 48.92
N THR F 153 -9.42 -71.57 49.59
CA THR F 153 -9.08 -70.21 49.17
C THR F 153 -8.51 -69.39 50.32
N LEU F 154 -7.98 -70.04 51.35
CA LEU F 154 -7.41 -69.37 52.50
C LEU F 154 -5.95 -69.77 52.63
N THR F 155 -5.05 -68.79 52.63
CA THR F 155 -3.67 -69.08 52.96
C THR F 155 -3.57 -69.41 54.46
N LEU F 156 -2.47 -70.05 54.83
CA LEU F 156 -2.37 -70.58 56.19
C LEU F 156 -2.36 -69.47 57.23
N LYS F 157 -1.66 -68.36 56.95
CA LYS F 157 -1.61 -67.27 57.92
C LYS F 157 -2.96 -66.57 58.05
N GLU F 158 -3.58 -66.25 56.92
CA GLU F 158 -4.95 -65.75 56.97
C GLU F 158 -5.89 -66.80 57.58
N ARG F 159 -5.60 -68.08 57.38
CA ARG F 159 -6.41 -69.13 57.99
C ARG F 159 -6.36 -69.02 59.51
N GLU F 160 -5.17 -68.87 60.08
CA GLU F 160 -5.08 -68.82 61.53
C GLU F 160 -5.59 -67.50 62.08
N ARG F 161 -5.38 -66.40 61.36
CA ARG F 161 -5.93 -65.11 61.81
C ARG F 161 -7.45 -65.17 61.81
N LEU F 162 -8.04 -65.75 60.77
CA LEU F 162 -9.49 -65.91 60.73
C LEU F 162 -9.95 -66.81 61.86
N LYS F 163 -9.20 -67.88 62.15
CA LYS F 163 -9.57 -68.74 63.27
C LYS F 163 -9.58 -67.97 64.58
N LYS F 164 -8.55 -67.16 64.81
CA LYS F 164 -8.46 -66.40 66.05
C LYS F 164 -9.55 -65.34 66.14
N ARG F 165 -9.87 -64.68 65.02
CA ARG F 165 -10.94 -63.69 65.06
C ARG F 165 -12.31 -64.34 65.24
N ILE F 166 -12.54 -65.51 64.66
CA ILE F 166 -13.77 -66.23 64.94
C ILE F 166 -13.85 -66.53 66.44
N LEU F 167 -12.75 -67.00 67.02
CA LEU F 167 -12.75 -67.29 68.45
C LEU F 167 -13.04 -66.04 69.27
N ASP F 168 -12.43 -64.91 68.89
CA ASP F 168 -12.63 -63.67 69.65
C ASP F 168 -14.07 -63.17 69.54
N GLU F 169 -14.66 -63.25 68.34
CA GLU F 169 -16.04 -62.84 68.17
C GLU F 169 -17.01 -63.81 68.83
N ILE F 170 -16.57 -65.05 69.08
CA ILE F 170 -17.31 -65.94 69.97
C ILE F 170 -17.22 -65.42 71.41
N GLU F 171 -16.02 -65.05 71.84
CA GLU F 171 -15.82 -64.67 73.24
C GLU F 171 -16.59 -63.39 73.59
N GLU F 172 -16.50 -62.38 72.73
CA GLU F 172 -17.13 -61.10 73.05
C GLU F 172 -18.65 -61.20 73.05
N HIS F 173 -19.21 -61.96 72.12
CA HIS F 173 -20.65 -62.19 72.09
C HIS F 173 -21.09 -63.37 72.93
N ASN F 174 -20.15 -64.10 73.53
CA ASN F 174 -20.45 -65.24 74.39
C ASN F 174 -21.27 -66.30 73.64
N ILE F 175 -20.72 -66.74 72.51
CA ILE F 175 -21.35 -67.76 71.69
C ILE F 175 -21.07 -69.13 72.29
N LYS F 176 -22.12 -69.91 72.50
CA LYS F 176 -22.00 -71.21 73.18
C LYS F 176 -21.66 -72.31 72.17
N ILE F 177 -20.44 -72.22 71.63
CA ILE F 177 -19.96 -73.26 70.73
C ILE F 177 -19.85 -74.58 71.50
N TYR F 178 -20.18 -75.67 70.81
CA TYR F 178 -20.21 -76.99 71.44
C TYR F 178 -18.78 -77.45 71.67
N HIS F 179 -18.30 -77.31 72.90
CA HIS F 179 -17.00 -77.85 73.26
C HIS F 179 -17.06 -79.37 73.38
N LEU F 180 -16.00 -80.02 72.93
CA LEU F 180 -15.98 -81.48 72.95
C LEU F 180 -15.74 -81.99 74.36
N PRO F 181 -16.55 -82.93 74.85
CA PRO F 181 -16.32 -83.50 76.17
C PRO F 181 -14.96 -84.18 76.26
N ASP F 182 -14.32 -84.06 77.42
CA ASP F 182 -13.00 -84.64 77.64
C ASP F 182 -13.07 -86.16 77.74
N GLU F 189 -3.98 -94.13 75.44
CA GLU F 189 -3.61 -92.73 75.68
C GLU F 189 -3.81 -91.89 74.43
N ASP F 190 -3.95 -92.57 73.29
CA ASP F 190 -4.17 -91.86 72.03
C ASP F 190 -5.48 -91.09 72.02
N PHE F 191 -6.46 -91.53 72.82
CA PHE F 191 -7.74 -90.82 72.87
C PHE F 191 -7.56 -89.40 73.39
N LYS F 192 -6.74 -89.23 74.43
CA LYS F 192 -6.52 -87.89 74.97
C LYS F 192 -5.86 -86.98 73.95
N GLU F 193 -4.83 -87.48 73.25
CA GLU F 193 -4.17 -86.67 72.24
C GLU F 193 -5.11 -86.33 71.09
N GLN F 194 -5.93 -87.30 70.67
CA GLN F 194 -6.89 -87.05 69.60
C GLN F 194 -7.89 -85.97 70.01
N THR F 195 -8.41 -86.06 71.23
CA THR F 195 -9.35 -85.06 71.71
C THR F 195 -8.69 -83.70 71.82
N ARG F 196 -7.43 -83.65 72.27
CA ARG F 196 -6.72 -82.39 72.39
C ARG F 196 -6.54 -81.73 71.02
N LEU F 197 -6.07 -82.49 70.03
CA LEU F 197 -5.89 -81.91 68.70
C LEU F 197 -7.23 -81.52 68.09
N LEU F 198 -8.27 -82.32 68.32
CA LEU F 198 -9.58 -82.02 67.78
C LEU F 198 -10.15 -80.72 68.36
N LYS F 199 -10.00 -80.52 69.68
CA LYS F 199 -10.50 -79.31 70.30
C LYS F 199 -9.60 -78.12 70.03
N ALA F 200 -8.33 -78.34 69.67
CA ALA F 200 -7.48 -77.23 69.26
C ALA F 200 -7.76 -76.78 67.84
N SER F 201 -8.16 -77.70 66.96
CA SER F 201 -8.32 -77.38 65.54
C SER F 201 -9.66 -76.76 65.21
N ILE F 202 -10.62 -76.75 66.13
CA ILE F 202 -11.91 -76.12 65.86
C ILE F 202 -11.72 -74.61 65.76
N PRO F 203 -12.34 -73.92 64.79
CA PRO F 203 -13.21 -74.44 63.73
C PRO F 203 -12.45 -75.16 62.61
N PHE F 204 -13.08 -76.15 62.01
CA PHE F 204 -12.43 -76.96 61.00
C PHE F 204 -12.44 -76.27 59.65
N SER F 205 -11.73 -76.87 58.70
CA SER F 205 -11.71 -76.42 57.32
C SER F 205 -11.99 -77.61 56.43
N VAL F 206 -12.84 -77.43 55.43
CA VAL F 206 -13.31 -78.53 54.60
C VAL F 206 -13.25 -78.16 53.13
N VAL F 207 -13.19 -79.21 52.30
CA VAL F 207 -13.32 -79.10 50.85
C VAL F 207 -14.07 -80.32 50.38
N GLY F 208 -15.19 -80.11 49.67
CA GLY F 208 -16.03 -81.20 49.20
C GLY F 208 -15.98 -81.32 47.69
N SER F 209 -15.80 -82.56 47.22
CA SER F 209 -15.69 -82.80 45.79
C SER F 209 -15.96 -84.28 45.53
N ASN F 210 -16.99 -84.57 44.74
CA ASN F 210 -17.32 -85.93 44.36
C ASN F 210 -16.98 -86.23 42.91
N GLN F 211 -16.11 -85.42 42.30
CA GLN F 211 -15.53 -85.75 41.01
C GLN F 211 -14.21 -86.47 41.28
N LEU F 212 -14.22 -87.80 41.11
CA LEU F 212 -13.05 -88.62 41.36
C LEU F 212 -11.93 -88.25 40.40
N ILE F 213 -10.89 -87.60 40.92
CA ILE F 213 -9.83 -87.01 40.08
C ILE F 213 -8.47 -87.52 40.55
N GLU F 214 -7.57 -87.69 39.58
CA GLU F 214 -6.26 -88.27 39.85
C GLU F 214 -5.46 -87.40 40.80
N ALA F 215 -4.65 -88.06 41.62
CA ALA F 215 -3.71 -87.42 42.54
C ALA F 215 -2.45 -88.28 42.58
N LYS F 216 -1.63 -88.07 43.60
CA LYS F 216 -0.38 -88.82 43.70
C LYS F 216 -0.63 -90.31 43.83
N GLY F 217 -1.54 -90.73 44.71
CA GLY F 217 -1.79 -92.14 44.84
C GLY F 217 -2.51 -92.71 43.63
N LYS F 218 -3.82 -92.47 43.54
CA LYS F 218 -4.64 -92.65 42.34
C LYS F 218 -6.08 -92.33 42.71
N LYS F 219 -6.88 -92.00 41.70
CA LYS F 219 -8.34 -92.10 41.70
C LYS F 219 -8.96 -91.68 43.04
N VAL F 220 -8.75 -90.42 43.39
CA VAL F 220 -9.24 -89.90 44.66
C VAL F 220 -10.30 -88.83 44.38
N ARG F 221 -11.11 -88.56 45.39
CA ARG F 221 -11.96 -87.37 45.35
C ARG F 221 -11.07 -86.13 45.38
N GLY F 222 -11.52 -85.08 44.70
CA GLY F 222 -10.73 -83.86 44.64
C GLY F 222 -11.12 -82.92 43.52
N ARG F 223 -10.96 -81.62 43.75
CA ARG F 223 -11.17 -80.61 42.72
C ARG F 223 -9.87 -80.31 41.98
N LEU F 224 -10.02 -79.78 40.77
CA LEU F 224 -8.89 -79.46 39.92
C LEU F 224 -8.91 -77.98 39.59
N TYR F 225 -7.73 -77.36 39.65
CA TYR F 225 -7.49 -75.99 39.23
C TYR F 225 -6.21 -75.96 38.41
N PRO F 226 -6.05 -75.00 37.50
CA PRO F 226 -4.85 -74.96 36.66
C PRO F 226 -3.55 -74.95 37.45
N TRP F 227 -3.58 -74.64 38.74
CA TRP F 227 -2.38 -74.61 39.55
C TRP F 227 -2.22 -75.84 40.45
N GLY F 228 -3.29 -76.57 40.72
CA GLY F 228 -3.18 -77.69 41.64
C GLY F 228 -4.35 -78.64 41.51
N VAL F 229 -4.26 -79.73 42.27
CA VAL F 229 -5.33 -80.72 42.35
C VAL F 229 -5.61 -80.89 43.84
N VAL F 230 -6.58 -80.14 44.36
CA VAL F 230 -6.88 -80.23 45.78
C VAL F 230 -7.62 -81.54 46.05
N GLU F 231 -7.13 -82.29 47.02
CA GLU F 231 -7.78 -83.52 47.44
C GLU F 231 -8.66 -83.24 48.65
N VAL F 232 -9.16 -84.30 49.29
CA VAL F 232 -10.13 -84.13 50.35
C VAL F 232 -9.63 -84.79 51.63
N GLU F 233 -9.31 -86.08 51.56
CA GLU F 233 -8.93 -86.82 52.76
C GLU F 233 -7.54 -86.47 53.29
N ASN F 234 -6.83 -85.48 52.77
CA ASN F 234 -5.55 -85.10 53.34
C ASN F 234 -5.80 -84.18 54.51
N PRO F 235 -5.36 -84.52 55.72
CA PRO F 235 -5.62 -83.64 56.87
C PRO F 235 -4.70 -82.44 56.92
N GLU F 236 -3.86 -82.25 55.89
CA GLU F 236 -3.00 -81.09 55.77
C GLU F 236 -3.57 -80.02 54.85
N HIS F 237 -4.21 -80.43 53.74
CA HIS F 237 -4.92 -79.47 52.91
C HIS F 237 -6.04 -78.79 53.67
N ASN F 238 -6.77 -79.57 54.47
CA ASN F 238 -7.88 -79.07 55.26
C ASN F 238 -8.09 -80.04 56.41
N ASP F 239 -9.23 -79.96 57.07
CA ASP F 239 -9.55 -80.84 58.18
C ASP F 239 -10.85 -81.59 57.92
N PHE F 240 -11.01 -82.09 56.69
CA PHE F 240 -12.21 -82.84 56.34
C PHE F 240 -12.29 -84.14 57.14
N LEU F 241 -11.23 -84.92 57.12
CA LEU F 241 -11.25 -86.20 57.82
C LEU F 241 -11.48 -86.01 59.31
N LYS F 242 -10.94 -84.93 59.88
CA LYS F 242 -11.21 -84.62 61.28
C LYS F 242 -12.70 -84.43 61.52
N LEU F 243 -13.36 -83.68 60.63
CA LEU F 243 -14.80 -83.46 60.78
C LEU F 243 -15.56 -84.78 60.70
N ARG F 244 -15.22 -85.62 59.72
CA ARG F 244 -15.93 -86.88 59.57
C ARG F 244 -15.74 -87.78 60.79
N THR F 245 -14.49 -87.91 61.26
CA THR F 245 -14.24 -88.81 62.38
C THR F 245 -14.86 -88.27 63.66
N MET F 246 -14.85 -86.94 63.85
CA MET F 246 -15.51 -86.37 65.02
C MET F 246 -17.00 -86.67 64.99
N LEU F 247 -17.64 -86.46 63.84
CA LEU F 247 -19.06 -86.74 63.73
C LEU F 247 -19.35 -88.22 64.02
N ILE F 248 -18.58 -89.11 63.42
CA ILE F 248 -18.83 -90.54 63.58
C ILE F 248 -18.61 -90.97 65.02
N THR F 249 -17.52 -90.53 65.64
CA THR F 249 -17.24 -90.95 67.01
C THR F 249 -18.24 -90.37 68.00
N HIS F 250 -18.68 -89.13 67.79
CA HIS F 250 -19.52 -88.44 68.76
C HIS F 250 -20.98 -88.39 68.35
N MET F 251 -21.40 -89.25 67.42
CA MET F 251 -22.83 -89.48 67.21
C MET F 251 -23.55 -89.65 68.54
N GLN F 252 -23.07 -90.60 69.35
CA GLN F 252 -23.73 -90.91 70.62
C GLN F 252 -23.65 -89.74 71.59
N ASP F 253 -22.49 -89.08 71.66
CA ASP F 253 -22.35 -87.96 72.58
C ASP F 253 -23.28 -86.81 72.20
N LEU F 254 -23.42 -86.54 70.90
CA LEU F 254 -24.35 -85.52 70.46
C LEU F 254 -25.78 -85.89 70.83
N GLN F 255 -26.14 -87.17 70.65
CA GLN F 255 -27.47 -87.60 71.08
C GLN F 255 -27.67 -87.39 72.57
N GLU F 256 -26.65 -87.74 73.37
CA GLU F 256 -26.76 -87.61 74.82
C GLU F 256 -26.88 -86.15 75.23
N VAL F 257 -26.09 -85.27 74.61
CA VAL F 257 -26.14 -83.85 74.98
C VAL F 257 -27.48 -83.25 74.57
N THR F 258 -27.99 -83.62 73.39
CA THR F 258 -29.32 -83.15 72.99
C THR F 258 -30.37 -83.63 73.98
N GLN F 259 -30.25 -84.87 74.44
CA GLN F 259 -31.24 -85.41 75.37
C GLN F 259 -31.16 -84.72 76.73
N ASP F 260 -29.96 -84.42 77.21
CA ASP F 260 -29.76 -84.06 78.61
C ASP F 260 -29.52 -82.57 78.85
N LEU F 261 -29.36 -81.77 77.82
CA LEU F 261 -29.17 -80.35 78.08
C LEU F 261 -30.12 -79.47 77.28
N HIS F 262 -30.44 -79.86 76.05
CA HIS F 262 -31.31 -79.06 75.20
C HIS F 262 -32.77 -79.48 75.33
N TYR F 263 -33.05 -80.77 75.11
CA TYR F 263 -34.43 -81.25 75.25
C TYR F 263 -34.94 -81.07 76.67
N GLU F 264 -34.06 -81.29 77.66
CA GLU F 264 -34.45 -81.03 79.04
C GLU F 264 -34.76 -79.55 79.25
N ASN F 265 -33.96 -78.66 78.65
CA ASN F 265 -34.22 -77.23 78.76
C ASN F 265 -35.56 -76.86 78.12
N PHE F 266 -35.85 -77.42 76.95
CA PHE F 266 -37.13 -77.15 76.30
C PHE F 266 -38.29 -77.69 77.13
N ARG F 267 -38.11 -78.84 77.76
CA ARG F 267 -39.15 -79.36 78.67
C ARG F 267 -39.26 -78.49 79.91
N SER F 268 -38.13 -78.01 80.44
CA SER F 268 -38.17 -77.10 81.58
C SER F 268 -38.84 -75.78 81.19
N GLU F 269 -38.57 -75.30 79.98
CA GLU F 269 -39.23 -74.12 79.46
C GLU F 269 -40.64 -74.47 78.98
N ARG F 270 -41.27 -73.57 78.24
CA ARG F 270 -42.65 -73.79 77.80
C ARG F 270 -42.77 -75.12 77.07
N LEU F 271 -43.80 -75.89 77.45
CA LEU F 271 -44.00 -77.22 76.91
C LEU F 271 -45.15 -77.26 75.90
PB GDP G . 23.50 78.95 -49.30
O1B GDP G . 23.88 80.39 -49.08
O2B GDP G . 22.82 78.82 -50.64
O3B GDP G . 22.55 78.50 -48.23
O3A GDP G . 24.81 78.03 -49.28
PA GDP G . 25.70 77.90 -47.94
O1A GDP G . 26.73 79.00 -47.87
O2A GDP G . 24.82 77.93 -46.71
O5' GDP G . 26.39 76.46 -48.12
C5' GDP G . 26.43 75.56 -47.02
C4' GDP G . 27.35 74.40 -47.33
O4' GDP G . 27.19 73.99 -48.68
C3' GDP G . 28.81 74.77 -47.16
O3' GDP G . 29.32 74.25 -45.94
C2' GDP G . 29.52 74.15 -48.33
O2' GDP G . 30.45 73.16 -47.88
C1' GDP G . 28.44 73.49 -49.17
N9 GDP G . 28.62 73.86 -50.60
C8 GDP G . 29.01 75.06 -51.05
N7 GDP G . 29.07 75.07 -52.41
C5 GDP G . 28.70 73.85 -52.84
C6 GDP G . 28.53 73.18 -54.14
O6 GDP G . 28.76 73.79 -55.20
N1 GDP G . 28.13 71.91 -54.15
C2 GDP G . 27.86 71.23 -53.02
N2 GDP G . 27.45 69.94 -53.12
N3 GDP G . 27.99 71.77 -51.79
C4 GDP G . 28.40 73.06 -51.64
PG GTP H . 9.78 57.40 -53.89
O1G GTP H . 10.29 56.11 -53.29
O2G GTP H . 8.92 58.15 -52.92
O3G GTP H . 8.97 57.10 -55.13
O3B GTP H . 11.05 58.30 -54.29
PB GTP H . 12.45 58.05 -53.57
O1B GTP H . 12.22 57.99 -52.09
O2B GTP H . 13.43 59.15 -53.89
O3A GTP H . 12.98 56.62 -54.08
PA GTP H . 13.47 56.38 -55.59
O1A GTP H . 12.33 56.58 -56.55
O2A GTP H . 14.06 55.00 -55.73
O5' GTP H . 14.59 57.50 -55.84
C5' GTP H . 14.38 58.52 -56.80
C4' GTP H . 15.51 58.53 -57.81
O4' GTP H . 16.67 59.07 -57.21
C3' GTP H . 15.87 57.14 -58.28
O3' GTP H . 15.29 56.87 -59.53
C2' GTP H . 17.37 57.16 -58.39
O2' GTP H . 17.73 57.29 -59.75
C1' GTP H . 17.82 58.37 -57.60
N9 GTP H . 18.54 57.92 -56.40
C8 GTP H . 18.12 56.92 -55.56
N7 GTP H . 19.02 56.81 -54.56
C5 GTP H . 20.00 57.72 -54.75
C6 GTP H . 21.14 58.01 -54.03
O6 GTP H . 21.39 57.37 -53.00
N1 GTP H . 21.98 59.01 -54.45
C2 GTP H . 21.67 59.71 -55.60
N2 GTP H . 22.49 60.67 -56.01
N3 GTP H . 20.54 59.42 -56.32
C4 GTP H . 19.71 58.43 -55.89
PB GDP I . 9.21 9.72 0.30
O1B GDP I . 10.16 10.32 -0.69
O2B GDP I . 8.41 8.61 -0.35
O3B GDP I . 8.27 10.79 0.81
O3A GDP I . 10.05 9.12 1.53
PA GDP I . 11.14 10.03 2.28
O1A GDP I . 12.32 10.30 1.37
O2A GDP I . 10.53 11.31 2.77
O5' GDP I . 11.60 9.10 3.51
C5' GDP I . 12.84 9.28 4.18
C4' GDP I . 13.21 7.93 4.77
O4' GDP I . 12.87 6.94 3.81
C3' GDP I . 14.70 7.81 5.03
O3' GDP I . 14.94 7.68 6.44
C2' GDP I . 15.14 6.54 4.33
O2' GDP I . 15.61 5.60 5.30
C1' GDP I . 13.91 5.99 3.62
N9 GDP I . 14.18 5.89 2.16
C8 GDP I . 15.32 6.22 1.53
N7 GDP I . 15.22 6.01 0.19
C5 GDP I . 13.98 5.55 -0.05
C6 GDP I . 13.20 5.15 -1.24
O6 GDP I . 13.72 5.18 -2.39
N1 GDP I . 11.94 4.74 -1.05
C2 GDP I . 11.37 4.69 0.15
N2 GDP I . 10.09 4.25 0.25
N3 GDP I . 12.01 5.05 1.29
C4 GDP I . 13.30 5.48 1.25
PB GDP J . -4.43 -9.17 -3.74
O1B GDP J . -4.98 -7.81 -3.38
O2B GDP J . -5.43 -9.92 -4.59
O3B GDP J . -4.14 -9.95 -2.49
O3A GDP J . -3.08 -8.97 -4.57
PA GDP J . -2.40 -10.25 -5.28
O1A GDP J . -3.37 -10.91 -6.22
O2A GDP J . -1.88 -11.21 -4.26
O5' GDP J . -1.19 -9.58 -6.11
C5' GDP J . -0.46 -10.34 -7.05
C4' GDP J . 0.71 -9.51 -7.56
O4' GDP J . 1.46 -9.05 -6.44
C3' GDP J . 1.63 -10.35 -8.43
O3' GDP J . 1.63 -9.84 -9.76
C2' GDP J . 3.01 -10.21 -7.81
O2' GDP J . 3.94 -9.72 -8.77
C1' GDP J . 2.86 -9.22 -6.68
N9 GDP J . 3.48 -9.78 -5.46
C8 GDP J . 2.92 -10.71 -4.66
N7 GDP J . 3.75 -11.02 -3.64
C5 GDP J . 4.86 -10.28 -3.78
C6 GDP J . 6.13 -10.12 -3.03
O6 GDP J . 6.35 -10.78 -2.00
N1 GDP J . 7.02 -9.25 -3.51
C2 GDP J . 6.81 -8.53 -4.62
N2 GDP J . 7.77 -7.67 -5.02
N3 GDP J . 5.67 -8.62 -5.35
C4 GDP J . 4.68 -9.47 -4.98
MG MG K . -10.19 -52.00 51.78
PG GTP L . -12.16 -53.31 52.47
O1G GTP L . -12.10 -52.39 51.27
O2G GTP L . -13.53 -53.19 53.10
O3G GTP L . -11.09 -52.91 53.46
O3B GTP L . -11.91 -54.82 51.98
PB GTP L . -10.56 -55.13 51.17
O1B GTP L . -9.75 -53.86 51.03
O2B GTP L . -10.88 -55.74 49.83
O3A GTP L . -9.70 -56.16 52.04
PA GTP L . -8.21 -56.42 51.50
O1A GTP L . -7.30 -55.35 52.06
O2A GTP L . -8.18 -56.40 50.00
O5' GTP L . -7.79 -57.85 52.09
C5' GTP L . -8.69 -58.93 52.04
C4' GTP L . -7.94 -60.19 52.47
O4' GTP L . -8.03 -61.12 51.41
C3' GTP L . -6.48 -59.86 52.68
O3' GTP L . -6.13 -60.09 54.02
C2' GTP L . -5.72 -60.82 51.79
O2' GTP L . -4.97 -61.69 52.60
C1' GTP L . -6.77 -61.59 51.03
N9 GTP L . -6.63 -61.38 49.58
C8 GTP L . -5.95 -60.37 48.96
N7 GTP L . -6.08 -60.52 47.62
C5 GTP L . -6.83 -61.62 47.38
C6 GTP L . -7.26 -62.22 46.22
O6 GTP L . -6.96 -61.76 45.13
N1 GTP L . -8.04 -63.36 46.29
C2 GTP L . -8.38 -63.87 47.52
N2 GTP L . -9.12 -64.97 47.59
N3 GTP L . -7.95 -63.27 48.66
C4 GTP L . -7.18 -62.16 48.60
PB GDP M . -24.83 -74.85 47.12
O1B GDP M . -25.34 -74.22 45.86
O2B GDP M . -24.86 -73.84 48.25
O3B GDP M . -25.67 -76.04 47.49
O3A GDP M . -23.32 -75.32 46.88
PA GDP M . -23.05 -76.44 45.77
O1A GDP M . -24.27 -76.66 44.92
O2A GDP M . -22.61 -77.73 46.42
O5' GDP M . -21.84 -75.81 44.93
C5' GDP M . -21.57 -76.25 43.62
C4' GDP M . -20.43 -75.41 43.08
O4' GDP M . -19.60 -75.08 44.19
C3' GDP M . -19.59 -76.19 42.09
O3' GDP M . -19.65 -75.57 40.81
C2' GDP M . -18.17 -76.13 42.62
O2' GDP M . -17.36 -75.43 41.68
C1' GDP M . -18.23 -75.35 43.91
N9 GDP M . -17.68 -76.16 45.01
C8 GDP M . -18.30 -77.18 45.63
N7 GDP M . -17.52 -77.71 46.60
C5 GDP M . -16.37 -77.00 46.62
C6 GDP M . -15.12 -77.03 47.39
O6 GDP M . -14.95 -77.87 48.30
N1 GDP M . -14.17 -76.13 47.10
C2 GDP M . -14.33 -75.23 46.13
N2 GDP M . -13.33 -74.35 45.88
N3 GDP M . -15.45 -75.15 45.37
C4 GDP M . -16.48 -75.99 45.57
#